data_8SQJ
#
_entry.id   8SQJ
#
_cell.length_a   1.00
_cell.length_b   1.00
_cell.length_c   1.00
_cell.angle_alpha   90.00
_cell.angle_beta   90.00
_cell.angle_gamma   90.00
#
_symmetry.space_group_name_H-M   'P 1'
#
loop_
_entity.id
_entity.type
_entity.pdbx_description
1 polymer 'RNA-directed RNA polymerase'
2 polymer 'Non-structural protein 8'
3 polymer 'Non-structural protein 7'
4 polymer 'Non-structural protein 9'
5 polymer 'Primer RNA'
6 polymer 'Template RNA'
7 polymer "SARS-CoV-2 5' UTR"
8 non-polymer "5'-O-[(R)-hydroxy(thiophosphonooxy)phosphoryl]guanosine"
9 non-polymer 'MAGNESIUM ION'
10 non-polymer 'ZINC ION'
11 water water
#
loop_
_entity_poly.entity_id
_entity_poly.type
_entity_poly.pdbx_seq_one_letter_code
_entity_poly.pdbx_strand_id
1 'polypeptide(L)'
;SADAQSFLNRVCGVSAARLTPCGTGTSTDVVYRAFDIYNDKVAGFAKFLKTNCCRFQEKDEDDNLIDSYFVVKRHTFSNY
QHEETIYNLLKDCPAVAKHDFFKFRIDGDMVPHISRQRLTKYTMADLVYALRHFDEGNCDTLKEILVTYNCCDDDYFNKK
DWYDFVENPDILRVYANLGERVRQALLKTVQFCDAMRNAGIVGVLTLDNQDLNGNWYDFGDFIQTTPGSGVPVVDSYYSL
LMPILTLTRALTAESHVDTDLTKPYIKWDLLKYDFTEERLKLFDRYFKYWDQTYHPNCVNCLDDRCILHCANFNVLFSTV
FPPTSFGPLVRKIFVDGVPFVVSTGYHFRELGVVHNQDVNLHSSRLSFKELLVYAADPAMHAASGNLLLDKRTTCFSVAA
LTNNVAFQTVKPGNFNKDFYDFAVSKGFFKEGSSVELKHFFFAQDGNAAISDYDYYRYNLPTMCDIRQLLFVVEVVDKYF
DCYDGGCINANQVIVNNLDKSAGFPFNKWGKARLYYDSMSYEDQDALFAYTKRNVIPTITQMNLKYAISAKNRARTVAGV
SICSTMTNRQFHQKLLKSIAATRGATVVIGTSKFYGGWHNMLKTVYSDVENPHLMGWDYPKCDRAMPNMLRIMASLVLAR
KHTTCCSLSHRFYRLANECAQVLSEMVMCGGSLYVKPGGTSSGDATTAYANSVFNICQAVTANVNALLSTDGNKIADKYV
RNLQHRLYECLYRNRDVDTDFVNEFYAYLRKHFSMMILSDDAVVCFNSTYASQGLVASIKNFKSVLYYQNNVFMSEAKCW
TETDLTKGPHEFCSQHTMLVKQGDDYVYLPYPDPSRILGAGCFVDDIVKTDGTLMIERFVSLAIDAYPLTKHPNQEYADV
FHLYLQYIRKLHDELTGHMLDMYSVMLTNDNTSRYWEPEFYEAMYTPHTVLQ
;
A
2 'polypeptide(L)'
;AIASEFSSLPSYAAFATAQEAYEQAVANGDSEVVLKKLKKSLNVAKSEFDRDAAMQRKLEKMADQAMTQMYKQARSEDKR
AKVTSAMQTMLFTMLRKLDNDALNNIINNARDGCVPLNIIPLTTAAKLMVVIPDYNTYKNTCDGTTFTYASALWEIQQVV
DADSKIVQLSEISMDNSPNLAWPLIVTALRANSAVKLQ
;
B,D
3 'polypeptide(L)'
;SKMSDVKCTSVVLLSVLQQLRVESSSKLWAQCVQLHNDILLAKDTTEAFEKMVSLLSVLLSMQGAVDINKLCEEMLDNRA
TLQ
;
C
4 'polypeptide(L)'
;NNELSPVALRQMSCAAGTTQTACTDDNALAYYNTTKGGRFVLALLSDLQDLKWARFPKSDGTGTIYTELEPPCRFVTDTP
KGPKVKYLYFIKGLNNLNRGMVLGSLAATVRLQ
;
G
5 'polyribonucleotide' CGCGUAGCAUGCUACGUCAUUCUCCACGCGAAGCAUG P
6 'polyribonucleotide' CUAUCCCCAUUUUGUUGUCAUGCUUCGCGUGGAGAAUGACGUAGCAUGCUACGCG T
7 'polyribonucleotide' AUUAAAGGUUUAUACCUUCC O
#
loop_
_chem_comp.id
_chem_comp.type
_chem_comp.name
_chem_comp.formula
A RNA linking ADENOSINE-5'-MONOPHOSPHATE 'C10 H14 N5 O7 P'
C RNA linking CYTIDINE-5'-MONOPHOSPHATE 'C9 H14 N3 O8 P'
G RNA linking GUANOSINE-5'-MONOPHOSPHATE 'C10 H14 N5 O8 P'
MG non-polymer 'MAGNESIUM ION' 'Mg 2'
U RNA linking URIDINE-5'-MONOPHOSPHATE 'C9 H13 N2 O9 P'
VSN RNA linking 5'-O-[(R)-hydroxy(thiophosphonooxy)phosphoryl]guanosine 'C10 H15 N5 O10 P2 S'
ZN non-polymer 'ZINC ION' 'Zn 2'
#
# COMPACT_ATOMS: atom_id res chain seq x y z
N SER A 1 1.08 -66.48 2.77
CA SER A 1 0.45 -66.01 1.50
C SER A 1 -0.77 -66.86 1.16
N ALA A 2 -1.38 -67.48 2.17
CA ALA A 2 -2.57 -68.29 1.98
C ALA A 2 -3.84 -67.45 2.22
N ASP A 3 -3.97 -66.90 3.42
CA ASP A 3 -5.11 -66.04 3.71
C ASP A 3 -4.99 -64.70 2.98
N ALA A 4 -3.76 -64.22 2.77
CA ALA A 4 -3.59 -62.94 2.07
C ALA A 4 -4.13 -63.02 0.65
N GLN A 5 -3.86 -64.13 -0.05
CA GLN A 5 -4.35 -64.26 -1.42
C GLN A 5 -5.87 -64.29 -1.47
N SER A 6 -6.50 -65.03 -0.54
CA SER A 6 -7.96 -65.07 -0.51
C SER A 6 -8.53 -63.69 -0.21
N PHE A 7 -7.92 -62.97 0.73
CA PHE A 7 -8.39 -61.62 1.04
C PHE A 7 -8.27 -60.71 -0.16
N LEU A 8 -7.15 -60.79 -0.88
CA LEU A 8 -6.97 -59.97 -2.08
C LEU A 8 -8.01 -60.33 -3.13
N ASN A 9 -8.28 -61.62 -3.31
CA ASN A 9 -9.28 -62.04 -4.29
C ASN A 9 -10.65 -61.49 -3.95
N ARG A 10 -11.03 -61.56 -2.67
CA ARG A 10 -12.33 -61.03 -2.28
C ARG A 10 -12.38 -59.51 -2.45
N VAL A 11 -11.30 -58.81 -2.11
CA VAL A 11 -11.26 -57.37 -2.29
C VAL A 11 -11.45 -57.02 -3.76
N CYS A 12 -10.84 -57.80 -4.66
CA CYS A 12 -11.03 -57.56 -6.08
C CYS A 12 -12.49 -57.70 -6.48
N GLY A 13 -13.16 -58.72 -5.94
CA GLY A 13 -14.57 -58.91 -6.24
C GLY A 13 -14.79 -59.25 -7.70
N VAL A 14 -15.96 -58.85 -8.21
CA VAL A 14 -16.32 -59.14 -9.59
C VAL A 14 -15.85 -58.07 -10.56
N SER A 15 -15.29 -56.96 -10.06
CA SER A 15 -14.81 -55.90 -10.95
C SER A 15 -13.70 -56.39 -11.87
N ALA A 16 -13.02 -57.48 -11.51
CA ALA A 16 -11.99 -58.13 -12.31
C ALA A 16 -10.75 -57.27 -12.50
N ALA A 17 -10.57 -56.24 -11.69
CA ALA A 17 -9.37 -55.41 -11.80
C ALA A 17 -8.16 -56.17 -11.26
N ARG A 18 -6.97 -55.68 -11.61
CA ARG A 18 -5.71 -56.26 -11.17
C ARG A 18 -5.19 -55.44 -10.00
N LEU A 19 -5.21 -56.02 -8.80
CA LEU A 19 -4.85 -55.33 -7.56
C LEU A 19 -3.47 -55.78 -7.10
N THR A 20 -2.57 -54.82 -6.90
CA THR A 20 -1.25 -55.14 -6.41
C THR A 20 -1.31 -55.50 -4.94
N PRO A 21 -0.62 -56.57 -4.50
CA PRO A 21 -0.68 -56.93 -3.07
C PRO A 21 0.04 -55.92 -2.18
N CYS A 22 -0.42 -54.68 -2.19
CA CYS A 22 0.16 -53.63 -1.36
C CYS A 22 -0.45 -53.57 0.03
N GLY A 23 -1.42 -54.44 0.33
CA GLY A 23 -2.16 -54.37 1.56
C GLY A 23 -2.03 -55.63 2.40
N THR A 24 -2.21 -55.46 3.70
CA THR A 24 -2.17 -56.55 4.67
C THR A 24 -3.13 -56.16 5.80
N GLY A 25 -2.99 -56.79 6.96
CA GLY A 25 -3.66 -56.25 8.14
C GLY A 25 -3.39 -54.77 8.29
N THR A 26 -2.19 -54.34 7.92
CA THR A 26 -1.86 -52.94 7.71
C THR A 26 -1.61 -52.70 6.22
N SER A 27 -1.43 -51.44 5.87
CA SER A 27 -1.17 -51.04 4.48
C SER A 27 -0.31 -49.79 4.52
N THR A 28 -0.26 -49.06 3.42
CA THR A 28 0.34 -47.73 3.48
C THR A 28 -0.26 -47.05 4.69
N ASP A 29 0.53 -46.84 5.73
CA ASP A 29 -0.02 -46.38 6.99
C ASP A 29 -0.46 -44.93 6.88
N VAL A 30 0.51 -44.04 6.65
CA VAL A 30 0.21 -42.65 6.36
C VAL A 30 1.45 -42.01 5.77
N VAL A 31 1.23 -41.00 4.93
CA VAL A 31 2.25 -40.03 4.63
C VAL A 31 1.93 -38.82 5.50
N TYR A 32 0.76 -38.22 5.26
CA TYR A 32 0.16 -37.22 6.12
C TYR A 32 -1.27 -36.99 5.64
N ARG A 33 -2.25 -37.03 6.55
CA ARG A 33 -3.65 -36.94 6.15
C ARG A 33 -4.33 -35.80 6.89
N ALA A 34 -4.92 -34.88 6.13
CA ALA A 34 -5.59 -33.72 6.72
C ALA A 34 -7.05 -34.04 6.96
N PHE A 35 -7.52 -33.74 8.17
CA PHE A 35 -8.88 -34.03 8.59
C PHE A 35 -9.52 -32.81 9.22
N ASP A 36 -10.83 -32.70 9.02
CA ASP A 36 -11.67 -31.67 9.62
C ASP A 36 -12.56 -32.35 10.64
N ILE A 37 -12.22 -32.21 11.92
CA ILE A 37 -12.83 -32.98 12.99
C ILE A 37 -13.63 -32.04 13.90
N TYR A 38 -14.76 -32.53 14.39
CA TYR A 38 -15.56 -31.81 15.39
C TYR A 38 -16.31 -32.83 16.23
N ASN A 39 -15.94 -32.93 17.50
CA ASN A 39 -16.62 -33.80 18.46
C ASN A 39 -17.07 -32.99 19.66
N ASP A 40 -17.56 -33.65 20.69
CA ASP A 40 -17.78 -32.99 21.97
C ASP A 40 -16.51 -32.87 22.79
N LYS A 41 -15.40 -33.43 22.31
CA LYS A 41 -14.11 -33.36 22.98
C LYS A 41 -13.08 -32.50 22.26
N VAL A 42 -12.97 -32.64 20.94
CA VAL A 42 -11.93 -31.96 20.16
C VAL A 42 -12.57 -31.34 18.92
N ALA A 43 -11.83 -30.43 18.29
CA ALA A 43 -12.31 -29.78 17.07
C ALA A 43 -11.14 -29.06 16.41
N GLY A 44 -11.06 -29.17 15.09
CA GLY A 44 -10.02 -28.48 14.35
C GLY A 44 -9.93 -28.97 12.92
N PHE A 45 -8.90 -28.48 12.23
CA PHE A 45 -8.59 -28.84 10.84
C PHE A 45 -7.09 -29.09 10.79
N ALA A 46 -6.68 -30.34 11.00
CA ALA A 46 -5.29 -30.64 11.29
C ALA A 46 -4.81 -31.86 10.51
N LYS A 47 -3.48 -32.02 10.47
CA LYS A 47 -2.83 -33.07 9.70
C LYS A 47 -2.29 -34.13 10.64
N PHE A 48 -2.79 -35.35 10.51
CA PHE A 48 -2.47 -36.45 11.40
C PHE A 48 -1.80 -37.59 10.62
N LEU A 49 -1.50 -38.65 11.37
CA LEU A 49 -1.01 -39.93 10.85
C LEU A 49 -2.04 -41.00 11.19
N LYS A 50 -3.07 -41.11 10.36
CA LYS A 50 -4.03 -42.20 10.47
C LYS A 50 -3.36 -43.51 10.09
N THR A 51 -3.45 -44.52 10.96
CA THR A 51 -2.59 -45.69 10.82
C THR A 51 -3.13 -46.69 9.79
N ASN A 52 -4.32 -47.25 10.02
CA ASN A 52 -4.75 -48.47 9.37
C ASN A 52 -5.83 -48.20 8.33
N CYS A 53 -5.50 -48.49 7.06
CA CYS A 53 -6.49 -48.48 5.97
C CYS A 53 -5.90 -49.34 4.86
N CYS A 54 -6.50 -50.50 4.60
CA CYS A 54 -5.90 -51.45 3.66
C CYS A 54 -6.06 -50.94 2.23
N ARG A 55 -4.99 -50.43 1.64
CA ARG A 55 -5.05 -49.79 0.33
C ARG A 55 -4.34 -50.66 -0.70
N PHE A 56 -5.07 -51.08 -1.72
CA PHE A 56 -4.53 -51.86 -2.83
C PHE A 56 -4.60 -51.04 -4.10
N GLN A 57 -3.46 -50.78 -4.72
CA GLN A 57 -3.45 -50.03 -5.96
C GLN A 57 -3.78 -50.94 -7.14
N GLU A 58 -4.39 -50.35 -8.17
CA GLU A 58 -4.83 -51.07 -9.36
C GLU A 58 -3.88 -50.77 -10.50
N LYS A 59 -3.44 -51.81 -11.19
CA LYS A 59 -2.55 -51.66 -12.34
C LYS A 59 -3.33 -51.86 -13.62
N ASP A 60 -3.15 -50.93 -14.56
CA ASP A 60 -3.80 -50.98 -15.86
C ASP A 60 -3.15 -52.06 -16.73
N GLU A 61 -3.86 -52.42 -17.79
CA GLU A 61 -3.29 -53.32 -18.79
C GLU A 61 -1.91 -52.82 -19.20
N ASP A 62 -1.03 -53.76 -19.56
CA ASP A 62 0.39 -53.54 -19.79
C ASP A 62 1.14 -53.48 -18.46
N ASP A 63 0.49 -53.82 -17.35
CA ASP A 63 1.15 -53.86 -16.04
C ASP A 63 1.72 -52.49 -15.67
N ASN A 64 0.88 -51.47 -15.80
CA ASN A 64 1.25 -50.10 -15.45
C ASN A 64 0.31 -49.58 -14.38
N LEU A 65 0.86 -48.96 -13.35
CA LEU A 65 0.08 -48.48 -12.22
C LEU A 65 -0.64 -47.19 -12.55
N ILE A 66 -1.87 -47.06 -12.05
CA ILE A 66 -2.69 -45.88 -12.26
C ILE A 66 -3.16 -45.37 -10.90
N ASP A 67 -3.80 -44.20 -10.92
CA ASP A 67 -4.28 -43.55 -9.70
C ASP A 67 -5.67 -44.06 -9.36
N SER A 68 -5.71 -45.30 -8.88
CA SER A 68 -6.97 -45.95 -8.50
C SER A 68 -6.66 -46.96 -7.40
N TYR A 69 -7.32 -46.79 -6.25
CA TYR A 69 -7.05 -47.60 -5.07
C TYR A 69 -8.34 -48.20 -4.55
N PHE A 70 -8.23 -49.41 -4.01
CA PHE A 70 -9.29 -50.04 -3.24
C PHE A 70 -8.95 -49.89 -1.76
N VAL A 71 -9.83 -49.27 -1.00
CA VAL A 71 -9.63 -49.02 0.42
C VAL A 71 -10.56 -49.94 1.18
N VAL A 72 -9.99 -50.91 1.88
CA VAL A 72 -10.72 -51.88 2.69
C VAL A 72 -10.46 -51.58 4.15
N LYS A 73 -11.51 -51.62 4.96
CA LYS A 73 -11.40 -51.35 6.39
C LYS A 73 -12.30 -52.32 7.15
N ARG A 74 -11.95 -52.53 8.41
CA ARG A 74 -12.72 -53.40 9.30
C ARG A 74 -13.67 -52.54 10.12
N HIS A 75 -14.94 -52.95 10.16
CA HIS A 75 -15.98 -52.19 10.85
C HIS A 75 -16.67 -53.08 11.87
N THR A 76 -17.08 -52.45 12.97
CA THR A 76 -17.92 -53.14 13.94
C THR A 76 -19.32 -53.35 13.37
N PHE A 77 -20.03 -54.33 13.93
CA PHE A 77 -21.31 -54.72 13.34
C PHE A 77 -22.32 -53.57 13.36
N SER A 78 -22.29 -52.77 14.42
CA SER A 78 -23.28 -51.68 14.54
C SER A 78 -23.09 -50.65 13.44
N ASN A 79 -21.84 -50.26 13.15
CA ASN A 79 -21.59 -49.26 12.13
C ASN A 79 -21.72 -49.83 10.72
N TYR A 80 -21.37 -51.11 10.55
CA TYR A 80 -21.50 -51.75 9.25
C TYR A 80 -22.94 -51.68 8.76
N GLN A 81 -23.90 -52.04 9.63
CA GLN A 81 -25.29 -52.02 9.22
C GLN A 81 -25.76 -50.59 8.93
N HIS A 82 -25.32 -49.62 9.73
CA HIS A 82 -25.75 -48.25 9.52
C HIS A 82 -25.26 -47.72 8.17
N GLU A 83 -23.99 -47.97 7.85
CA GLU A 83 -23.48 -47.51 6.56
C GLU A 83 -24.11 -48.27 5.40
N GLU A 84 -24.42 -49.56 5.59
CA GLU A 84 -25.13 -50.28 4.53
C GLU A 84 -26.52 -49.71 4.31
N THR A 85 -27.21 -49.34 5.39
CA THR A 85 -28.55 -48.79 5.26
C THR A 85 -28.53 -47.43 4.58
N ILE A 86 -27.62 -46.54 4.99
CA ILE A 86 -27.58 -45.22 4.36
C ILE A 86 -26.99 -45.24 2.96
N TYR A 87 -26.18 -46.25 2.63
CA TYR A 87 -25.63 -46.35 1.28
C TYR A 87 -26.68 -46.80 0.27
N ASN A 88 -27.58 -47.70 0.67
CA ASN A 88 -28.59 -48.20 -0.24
C ASN A 88 -29.58 -47.15 -0.68
N LEU A 89 -29.62 -46.00 -0.01
CA LEU A 89 -30.48 -44.90 -0.46
C LEU A 89 -29.79 -43.98 -1.45
N LEU A 90 -28.48 -43.78 -1.30
CA LEU A 90 -27.72 -42.87 -2.15
C LEU A 90 -26.97 -43.59 -3.26
N LYS A 91 -27.16 -44.90 -3.42
CA LYS A 91 -26.36 -45.64 -4.39
C LYS A 91 -26.63 -45.20 -5.82
N ASP A 92 -27.85 -44.72 -6.10
CA ASP A 92 -28.21 -44.30 -7.45
C ASP A 92 -27.84 -42.84 -7.71
N CYS A 93 -26.57 -42.50 -7.46
CA CYS A 93 -26.08 -41.15 -7.65
C CYS A 93 -24.71 -41.23 -8.31
N PRO A 94 -24.45 -40.48 -9.38
CA PRO A 94 -23.12 -40.55 -10.00
C PRO A 94 -21.99 -40.05 -9.11
N ALA A 95 -22.30 -39.28 -8.07
CA ALA A 95 -21.28 -38.66 -7.22
C ALA A 95 -21.03 -39.43 -5.93
N VAL A 96 -21.27 -40.74 -5.93
CA VAL A 96 -21.01 -41.58 -4.78
C VAL A 96 -20.14 -42.75 -5.22
N ALA A 97 -19.03 -42.96 -4.52
CA ALA A 97 -18.12 -44.04 -4.87
C ALA A 97 -18.76 -45.39 -4.54
N LYS A 98 -18.48 -46.39 -5.37
CA LYS A 98 -19.02 -47.71 -5.16
C LYS A 98 -18.45 -48.34 -3.90
N HIS A 99 -19.32 -48.98 -3.11
CA HIS A 99 -18.93 -49.68 -1.91
C HIS A 99 -19.23 -51.16 -2.06
N ASP A 100 -18.41 -51.99 -1.41
CA ASP A 100 -18.61 -53.43 -1.39
C ASP A 100 -18.56 -53.91 0.05
N PHE A 101 -19.61 -54.60 0.49
CA PHE A 101 -19.73 -55.07 1.86
C PHE A 101 -19.56 -56.58 1.89
N PHE A 102 -18.64 -57.07 2.71
CA PHE A 102 -18.39 -58.50 2.76
C PHE A 102 -17.80 -58.89 4.11
N LYS A 103 -18.15 -60.10 4.57
CA LYS A 103 -17.68 -60.61 5.84
C LYS A 103 -16.59 -61.65 5.60
N PHE A 104 -15.48 -61.53 6.31
CA PHE A 104 -14.34 -62.42 6.15
C PHE A 104 -13.90 -62.95 7.50
N ARG A 105 -13.29 -64.13 7.50
CA ARG A 105 -12.89 -64.81 8.73
C ARG A 105 -11.45 -64.47 9.07
N ILE A 106 -11.23 -64.05 10.31
CA ILE A 106 -9.90 -63.80 10.84
C ILE A 106 -9.84 -64.39 12.25
N ASP A 107 -9.03 -65.42 12.43
CA ASP A 107 -8.88 -66.07 13.74
C ASP A 107 -10.20 -66.59 14.27
N GLY A 108 -10.99 -67.20 13.38
CA GLY A 108 -12.21 -67.88 13.78
C GLY A 108 -13.42 -67.00 13.98
N ASP A 109 -13.33 -65.71 13.65
CA ASP A 109 -14.45 -64.79 13.80
C ASP A 109 -14.78 -64.14 12.46
N MET A 110 -16.07 -63.95 12.21
CA MET A 110 -16.55 -63.28 11.01
C MET A 110 -16.53 -61.78 11.25
N VAL A 111 -15.49 -61.11 10.77
CA VAL A 111 -15.37 -59.66 10.88
C VAL A 111 -15.92 -59.04 9.60
N PRO A 112 -16.75 -58.01 9.68
CA PRO A 112 -17.20 -57.32 8.46
C PRO A 112 -16.11 -56.46 7.85
N HIS A 113 -16.30 -56.13 6.58
CA HIS A 113 -15.36 -55.30 5.83
C HIS A 113 -16.15 -54.47 4.83
N ILE A 114 -15.77 -53.20 4.72
CA ILE A 114 -16.32 -52.28 3.73
C ILE A 114 -15.18 -51.85 2.83
N SER A 115 -15.39 -51.94 1.52
CA SER A 115 -14.36 -51.68 0.52
C SER A 115 -14.85 -50.60 -0.43
N ARG A 116 -14.28 -49.41 -0.32
CA ARG A 116 -14.51 -48.37 -1.32
C ARG A 116 -13.59 -48.59 -2.50
N GLN A 117 -14.09 -48.32 -3.70
CA GLN A 117 -13.43 -48.76 -4.93
C GLN A 117 -13.04 -47.55 -5.78
N ARG A 118 -11.81 -47.59 -6.29
CA ARG A 118 -11.29 -46.59 -7.22
C ARG A 118 -11.33 -45.18 -6.61
N LEU A 119 -10.54 -45.02 -5.55
CA LEU A 119 -10.33 -43.73 -4.90
C LEU A 119 -8.92 -43.25 -5.21
N THR A 120 -8.79 -41.96 -5.49
CA THR A 120 -7.47 -41.40 -5.72
C THR A 120 -6.65 -41.49 -4.44
N LYS A 121 -5.33 -41.30 -4.57
CA LYS A 121 -4.46 -41.42 -3.41
C LYS A 121 -4.78 -40.36 -2.37
N TYR A 122 -5.00 -39.12 -2.80
CA TYR A 122 -5.26 -38.01 -1.90
C TYR A 122 -6.72 -37.62 -1.97
N THR A 123 -7.10 -36.71 -1.07
CA THR A 123 -8.46 -36.21 -0.97
C THR A 123 -8.44 -34.69 -1.04
N MET A 124 -9.62 -34.09 -1.20
CA MET A 124 -9.67 -32.64 -1.39
C MET A 124 -9.23 -31.89 -0.15
N ALA A 125 -9.22 -32.52 1.02
CA ALA A 125 -8.70 -31.87 2.22
C ALA A 125 -7.19 -31.77 2.20
N ASP A 126 -6.51 -32.67 1.48
CA ASP A 126 -5.05 -32.60 1.38
C ASP A 126 -4.61 -31.45 0.50
N LEU A 127 -5.34 -31.18 -0.58
CA LEU A 127 -5.01 -30.04 -1.44
C LEU A 127 -5.20 -28.73 -0.69
N VAL A 128 -6.32 -28.58 0.00
CA VAL A 128 -6.61 -27.34 0.71
C VAL A 128 -5.61 -27.13 1.83
N TYR A 129 -5.31 -28.18 2.61
CA TYR A 129 -4.32 -28.04 3.67
C TYR A 129 -2.95 -27.73 3.10
N ALA A 130 -2.59 -28.38 1.99
CA ALA A 130 -1.27 -28.15 1.40
C ALA A 130 -1.11 -26.71 0.96
N LEU A 131 -2.15 -26.14 0.35
CA LEU A 131 -2.08 -24.76 -0.14
C LEU A 131 -2.36 -23.72 0.93
N ARG A 132 -2.94 -24.08 2.08
CA ARG A 132 -3.25 -23.12 3.13
C ARG A 132 -2.26 -23.12 4.27
N HIS A 133 -1.55 -24.22 4.50
CA HIS A 133 -0.43 -24.26 5.44
C HIS A 133 0.82 -24.64 4.64
N PHE A 134 1.47 -23.65 4.04
CA PHE A 134 2.54 -23.89 3.09
C PHE A 134 3.89 -23.70 3.76
N ASP A 135 4.70 -24.76 3.76
CA ASP A 135 6.08 -24.71 4.23
C ASP A 135 6.98 -25.03 3.06
N GLU A 136 7.93 -24.14 2.78
CA GLU A 136 8.76 -24.29 1.59
C GLU A 136 9.57 -25.59 1.63
N GLY A 137 10.05 -25.97 2.80
CA GLY A 137 10.86 -27.16 2.94
C GLY A 137 10.10 -28.45 3.10
N ASN A 138 8.77 -28.41 3.15
CA ASN A 138 7.93 -29.61 3.30
C ASN A 138 6.79 -29.48 2.30
N CYS A 139 7.01 -29.97 1.07
CA CYS A 139 6.03 -29.85 -0.01
C CYS A 139 5.81 -31.18 -0.70
N ASP A 140 6.02 -32.29 -0.01
CA ASP A 140 5.91 -33.60 -0.65
C ASP A 140 4.50 -33.83 -1.18
N THR A 141 3.49 -33.53 -0.37
CA THR A 141 2.11 -33.75 -0.80
C THR A 141 1.76 -32.88 -1.99
N LEU A 142 2.07 -31.58 -1.91
CA LEU A 142 1.75 -30.67 -3.00
C LEU A 142 2.53 -31.05 -4.26
N LYS A 143 3.80 -31.40 -4.12
CA LYS A 143 4.60 -31.80 -5.28
C LYS A 143 3.99 -33.02 -5.95
N GLU A 144 3.61 -34.03 -5.16
CA GLU A 144 3.06 -35.24 -5.74
C GLU A 144 1.69 -35.00 -6.36
N ILE A 145 0.88 -34.11 -5.78
CA ILE A 145 -0.39 -33.76 -6.39
C ILE A 145 -0.17 -33.08 -7.73
N LEU A 146 0.77 -32.13 -7.78
CA LEU A 146 1.04 -31.42 -9.04
C LEU A 146 1.55 -32.37 -10.11
N VAL A 147 2.44 -33.28 -9.74
CA VAL A 147 3.02 -34.19 -10.73
C VAL A 147 1.98 -35.20 -11.20
N THR A 148 1.19 -35.76 -10.28
CA THR A 148 0.32 -36.87 -10.62
C THR A 148 -0.72 -36.49 -11.66
N TYR A 149 -1.15 -35.22 -11.68
CA TYR A 149 -2.22 -34.78 -12.56
C TYR A 149 -1.69 -33.96 -13.73
N ASN A 150 -0.42 -34.14 -14.08
CA ASN A 150 0.17 -33.55 -15.29
C ASN A 150 0.12 -32.03 -15.27
N CYS A 151 0.11 -31.43 -14.07
CA CYS A 151 0.25 -29.98 -14.00
C CYS A 151 1.63 -29.54 -14.44
N CYS A 152 2.66 -30.29 -14.09
CA CYS A 152 4.03 -30.00 -14.49
C CYS A 152 4.84 -31.29 -14.41
N ASP A 153 6.09 -31.22 -14.86
CA ASP A 153 7.01 -32.34 -14.77
C ASP A 153 7.80 -32.28 -13.46
N ASP A 154 8.40 -33.41 -13.10
CA ASP A 154 9.17 -33.48 -11.87
C ASP A 154 10.49 -32.74 -11.95
N ASP A 155 10.93 -32.36 -13.15
CA ASP A 155 12.10 -31.51 -13.31
C ASP A 155 11.79 -30.04 -13.06
N TYR A 156 10.51 -29.69 -12.93
CA TYR A 156 10.13 -28.31 -12.69
C TYR A 156 10.51 -27.85 -11.29
N PHE A 157 10.66 -28.78 -10.35
CA PHE A 157 10.94 -28.44 -8.96
C PHE A 157 12.42 -28.32 -8.65
N ASN A 158 13.29 -28.55 -9.64
CA ASN A 158 14.71 -28.26 -9.49
C ASN A 158 15.03 -26.80 -9.74
N LYS A 159 14.05 -26.01 -10.14
CA LYS A 159 14.24 -24.58 -10.35
C LYS A 159 14.59 -23.90 -9.02
N LYS A 160 14.96 -22.62 -9.11
CA LYS A 160 15.41 -21.91 -7.93
C LYS A 160 14.26 -21.60 -6.98
N ASP A 161 13.30 -20.79 -7.43
CA ASP A 161 12.11 -20.45 -6.65
C ASP A 161 10.91 -20.82 -7.51
N TRP A 162 10.52 -22.10 -7.45
CA TRP A 162 9.35 -22.55 -8.21
C TRP A 162 8.04 -22.18 -7.51
N TYR A 163 8.11 -21.73 -6.27
CA TYR A 163 6.93 -21.45 -5.46
C TYR A 163 6.68 -19.97 -5.24
N ASP A 164 7.57 -19.11 -5.72
CA ASP A 164 7.50 -17.69 -5.42
C ASP A 164 6.68 -16.98 -6.49
N PHE A 165 5.72 -16.17 -6.06
CA PHE A 165 4.86 -15.44 -6.98
C PHE A 165 5.55 -14.24 -7.60
N VAL A 166 6.67 -13.81 -7.05
CA VAL A 166 7.34 -12.59 -7.52
C VAL A 166 8.54 -12.96 -8.38
N GLU A 167 9.27 -14.00 -7.98
CA GLU A 167 10.45 -14.42 -8.71
C GLU A 167 10.11 -15.31 -9.89
N ASN A 168 9.11 -16.17 -9.74
CA ASN A 168 8.69 -17.10 -10.80
C ASN A 168 7.19 -16.95 -10.99
N PRO A 169 6.75 -15.94 -11.75
CA PRO A 169 5.30 -15.77 -11.98
C PRO A 169 4.67 -16.84 -12.84
N ASP A 170 5.43 -17.81 -13.33
CA ASP A 170 4.86 -18.89 -14.13
C ASP A 170 4.14 -19.92 -13.27
N ILE A 171 4.36 -19.93 -11.96
CA ILE A 171 3.69 -20.89 -11.09
C ILE A 171 2.19 -20.67 -11.13
N LEU A 172 1.75 -19.41 -11.30
CA LEU A 172 0.33 -19.14 -11.43
C LEU A 172 -0.29 -19.91 -12.59
N ARG A 173 0.50 -20.25 -13.61
CA ARG A 173 0.00 -21.10 -14.67
C ARG A 173 -0.14 -22.55 -14.21
N VAL A 174 0.87 -23.06 -13.49
CA VAL A 174 0.84 -24.46 -13.05
C VAL A 174 -0.40 -24.71 -12.21
N TYR A 175 -0.62 -23.87 -11.19
CA TYR A 175 -1.82 -24.03 -10.37
C TYR A 175 -3.08 -23.97 -11.20
N ALA A 176 -3.08 -23.18 -12.27
CA ALA A 176 -4.28 -23.04 -13.09
C ALA A 176 -4.65 -24.33 -13.82
N ASN A 177 -3.74 -25.32 -13.84
CA ASN A 177 -4.07 -26.61 -14.45
C ASN A 177 -4.91 -27.49 -13.54
N LEU A 178 -5.16 -27.07 -12.31
CA LEU A 178 -6.06 -27.76 -11.40
C LEU A 178 -7.48 -27.20 -11.42
N GLY A 179 -7.75 -26.21 -12.28
CA GLY A 179 -9.04 -25.54 -12.22
C GLY A 179 -10.21 -26.44 -12.56
N GLU A 180 -10.10 -27.19 -13.66
CA GLU A 180 -11.21 -28.03 -14.08
C GLU A 180 -11.45 -29.17 -13.11
N ARG A 181 -10.37 -29.76 -12.58
CA ARG A 181 -10.51 -30.83 -11.60
C ARG A 181 -11.16 -30.35 -10.32
N VAL A 182 -11.21 -29.04 -10.09
CA VAL A 182 -11.91 -28.49 -8.94
C VAL A 182 -13.34 -28.09 -9.29
N ARG A 183 -13.56 -27.56 -10.50
CA ARG A 183 -14.91 -27.21 -10.92
C ARG A 183 -15.79 -28.46 -11.03
N GLN A 184 -15.23 -29.57 -11.51
CA GLN A 184 -16.00 -30.81 -11.56
C GLN A 184 -16.39 -31.28 -10.16
N ALA A 185 -15.49 -31.11 -9.19
CA ALA A 185 -15.84 -31.42 -7.81
C ALA A 185 -16.96 -30.53 -7.31
N LEU A 186 -16.91 -29.23 -7.65
CA LEU A 186 -17.98 -28.32 -7.25
C LEU A 186 -19.32 -28.73 -7.84
N LEU A 187 -19.31 -29.31 -9.04
CA LEU A 187 -20.58 -29.79 -9.61
C LEU A 187 -21.05 -31.08 -8.94
N LYS A 188 -20.12 -32.01 -8.68
CA LYS A 188 -20.52 -33.27 -8.08
C LYS A 188 -21.04 -33.07 -6.65
N THR A 189 -20.52 -32.06 -5.93
CA THR A 189 -21.03 -31.83 -4.58
C THR A 189 -22.47 -31.36 -4.61
N VAL A 190 -22.85 -30.57 -5.62
CA VAL A 190 -24.25 -30.16 -5.76
C VAL A 190 -25.11 -31.36 -6.10
N GLN A 191 -24.62 -32.24 -6.99
CA GLN A 191 -25.35 -33.49 -7.24
C GLN A 191 -25.59 -34.25 -5.94
N PHE A 192 -24.55 -34.37 -5.12
CA PHE A 192 -24.67 -35.13 -3.88
C PHE A 192 -25.66 -34.49 -2.92
N CYS A 193 -25.66 -33.15 -2.84
CA CYS A 193 -26.62 -32.47 -1.98
C CYS A 193 -28.05 -32.69 -2.47
N ASP A 194 -28.26 -32.66 -3.78
CA ASP A 194 -29.59 -32.96 -4.30
C ASP A 194 -30.02 -34.37 -3.92
N ALA A 195 -29.11 -35.34 -4.05
CA ALA A 195 -29.44 -36.70 -3.67
C ALA A 195 -29.79 -36.79 -2.19
N MET A 196 -29.02 -36.11 -1.34
CA MET A 196 -29.30 -36.14 0.09
C MET A 196 -30.66 -35.56 0.39
N ARG A 197 -31.00 -34.42 -0.21
CA ARG A 197 -32.31 -33.83 0.04
C ARG A 197 -33.43 -34.74 -0.41
N ASN A 198 -33.30 -35.32 -1.61
CA ASN A 198 -34.37 -36.18 -2.12
C ASN A 198 -34.55 -37.42 -1.25
N ALA A 199 -33.46 -38.04 -0.82
CA ALA A 199 -33.56 -39.29 -0.08
C ALA A 199 -33.93 -39.09 1.39
N GLY A 200 -33.78 -37.88 1.93
CA GLY A 200 -34.16 -37.62 3.30
C GLY A 200 -33.07 -37.97 4.29
N ILE A 201 -31.90 -37.36 4.14
CA ILE A 201 -30.75 -37.66 4.98
C ILE A 201 -30.16 -36.34 5.48
N VAL A 202 -29.71 -36.33 6.73
CA VAL A 202 -29.14 -35.15 7.36
C VAL A 202 -27.71 -35.45 7.75
N GLY A 203 -26.79 -34.57 7.36
CA GLY A 203 -25.39 -34.78 7.68
C GLY A 203 -24.56 -33.58 7.29
N VAL A 204 -23.31 -33.61 7.77
CA VAL A 204 -22.36 -32.52 7.55
C VAL A 204 -21.35 -32.96 6.51
N LEU A 205 -21.21 -32.16 5.44
CA LEU A 205 -20.22 -32.42 4.41
C LEU A 205 -18.88 -31.86 4.86
N THR A 206 -17.82 -32.64 4.66
CA THR A 206 -16.46 -32.23 5.00
C THR A 206 -15.56 -32.47 3.80
N LEU A 207 -14.41 -31.79 3.80
CA LEU A 207 -13.49 -31.90 2.67
C LEU A 207 -12.82 -33.27 2.61
N ASP A 208 -12.58 -33.91 3.76
CA ASP A 208 -11.83 -35.15 3.78
C ASP A 208 -12.64 -36.35 3.33
N ASN A 209 -13.93 -36.18 3.05
CA ASN A 209 -14.78 -37.27 2.59
C ASN A 209 -15.06 -37.19 1.09
N GLN A 210 -14.24 -36.45 0.35
CA GLN A 210 -14.35 -36.37 -1.10
C GLN A 210 -12.96 -36.49 -1.70
N ASP A 211 -12.79 -37.43 -2.63
CA ASP A 211 -11.50 -37.58 -3.29
C ASP A 211 -11.35 -36.54 -4.40
N LEU A 212 -10.24 -36.60 -5.12
CA LEU A 212 -9.95 -35.60 -6.13
C LEU A 212 -10.69 -35.83 -7.44
N ASN A 213 -11.42 -36.92 -7.57
CA ASN A 213 -12.35 -37.10 -8.68
C ASN A 213 -13.76 -36.64 -8.34
N GLY A 214 -14.04 -36.37 -7.07
CA GLY A 214 -15.32 -35.80 -6.67
C GLY A 214 -16.33 -36.76 -6.09
N ASN A 215 -15.90 -37.92 -5.59
CA ASN A 215 -16.81 -38.92 -5.05
C ASN A 215 -16.81 -38.89 -3.54
N TRP A 216 -17.98 -39.13 -2.95
CA TRP A 216 -18.20 -39.06 -1.51
C TRP A 216 -18.37 -40.45 -0.93
N TYR A 217 -17.72 -40.73 0.22
CA TYR A 217 -17.62 -42.10 0.68
C TYR A 217 -17.71 -42.33 2.18
N ASP A 218 -18.07 -41.36 3.00
CA ASP A 218 -18.12 -41.56 4.45
C ASP A 218 -19.50 -41.14 4.97
N PHE A 219 -20.33 -42.13 5.33
CA PHE A 219 -21.68 -41.90 5.81
C PHE A 219 -21.86 -42.36 7.24
N GLY A 220 -20.80 -42.25 8.06
CA GLY A 220 -20.87 -42.74 9.42
C GLY A 220 -21.56 -41.80 10.38
N ASP A 221 -21.58 -40.50 10.07
CA ASP A 221 -22.17 -39.49 10.94
C ASP A 221 -23.46 -38.92 10.37
N PHE A 222 -24.06 -39.60 9.40
CA PHE A 222 -25.33 -39.19 8.83
C PHE A 222 -26.48 -39.85 9.60
N ILE A 223 -27.66 -39.24 9.52
CA ILE A 223 -28.87 -39.79 10.09
C ILE A 223 -29.96 -39.76 9.02
N GLN A 224 -31.09 -40.36 9.35
CA GLN A 224 -32.16 -40.59 8.38
C GLN A 224 -33.45 -39.93 8.85
N THR A 225 -34.17 -39.32 7.91
CA THR A 225 -35.41 -38.63 8.21
C THR A 225 -36.42 -38.94 7.11
N THR A 226 -37.54 -38.24 7.12
CA THR A 226 -38.60 -38.49 6.14
C THR A 226 -38.11 -38.13 4.74
N PRO A 227 -38.37 -38.97 3.73
CA PRO A 227 -37.94 -38.62 2.37
C PRO A 227 -38.55 -37.31 1.92
N GLY A 228 -37.75 -36.53 1.18
CA GLY A 228 -38.18 -35.26 0.67
C GLY A 228 -37.72 -34.06 1.48
N SER A 229 -37.24 -34.27 2.71
CA SER A 229 -36.77 -33.20 3.57
C SER A 229 -35.42 -33.59 4.16
N GLY A 230 -34.34 -33.29 3.43
CA GLY A 230 -33.00 -33.49 3.91
C GLY A 230 -32.33 -32.15 4.14
N VAL A 231 -31.17 -32.19 4.79
CA VAL A 231 -30.45 -30.97 5.12
C VAL A 231 -28.95 -31.21 5.05
N PRO A 232 -28.29 -30.93 3.92
CA PRO A 232 -26.82 -30.93 3.91
C PRO A 232 -26.27 -29.64 4.51
N VAL A 233 -25.32 -29.78 5.42
CA VAL A 233 -24.75 -28.64 6.14
C VAL A 233 -23.41 -28.33 5.49
N VAL A 234 -23.41 -27.37 4.58
CA VAL A 234 -22.21 -26.98 3.83
C VAL A 234 -21.81 -25.60 4.35
N ASP A 235 -20.99 -25.57 5.40
CA ASP A 235 -20.48 -24.31 5.92
C ASP A 235 -18.97 -24.34 6.09
N SER A 236 -18.44 -25.48 6.53
CA SER A 236 -17.01 -25.70 6.61
C SER A 236 -16.45 -26.35 5.35
N TYR A 237 -17.31 -26.76 4.43
CA TYR A 237 -16.83 -27.26 3.15
C TYR A 237 -16.49 -26.11 2.21
N TYR A 238 -17.44 -25.21 1.98
CA TYR A 238 -17.19 -24.11 1.05
C TYR A 238 -16.22 -23.09 1.64
N SER A 239 -16.34 -22.78 2.92
CA SER A 239 -15.51 -21.74 3.51
C SER A 239 -14.03 -22.12 3.48
N LEU A 240 -13.70 -23.34 3.88
CA LEU A 240 -12.31 -23.76 3.85
C LEU A 240 -11.78 -23.84 2.42
N LEU A 241 -12.65 -24.02 1.45
CA LEU A 241 -12.26 -24.19 0.06
C LEU A 241 -12.20 -22.88 -0.71
N MET A 242 -12.79 -21.81 -0.17
CA MET A 242 -12.91 -20.56 -0.93
C MET A 242 -11.58 -20.01 -1.42
N PRO A 243 -10.54 -19.91 -0.60
CA PRO A 243 -9.28 -19.34 -1.12
C PRO A 243 -8.68 -20.14 -2.26
N ILE A 244 -9.05 -21.41 -2.42
CA ILE A 244 -8.49 -22.25 -3.47
C ILE A 244 -9.22 -22.07 -4.80
N LEU A 245 -10.45 -21.53 -4.77
CA LEU A 245 -11.21 -21.40 -6.00
C LEU A 245 -10.65 -20.29 -6.89
N THR A 246 -10.04 -19.28 -6.30
CA THR A 246 -9.46 -18.18 -7.06
C THR A 246 -8.01 -18.43 -7.43
N LEU A 247 -7.29 -19.23 -6.64
CA LEU A 247 -5.88 -19.48 -6.92
C LEU A 247 -5.71 -20.40 -8.11
N THR A 248 -6.61 -21.37 -8.27
CA THR A 248 -6.58 -22.31 -9.38
C THR A 248 -7.46 -21.88 -10.53
N ARG A 249 -8.07 -20.70 -10.46
CA ARG A 249 -8.92 -20.16 -11.51
C ARG A 249 -9.91 -21.21 -12.00
N ALA A 250 -10.78 -21.64 -11.09
CA ALA A 250 -11.68 -22.75 -11.38
C ALA A 250 -12.75 -22.38 -12.40
N LEU A 251 -13.26 -21.15 -12.33
CA LEU A 251 -14.41 -20.74 -13.13
C LEU A 251 -14.03 -20.18 -14.50
N THR A 252 -12.87 -20.56 -15.03
CA THR A 252 -12.47 -20.05 -16.34
C THR A 252 -13.24 -20.70 -17.48
N ALA A 253 -13.76 -21.91 -17.29
CA ALA A 253 -14.56 -22.55 -18.33
C ALA A 253 -15.86 -21.81 -18.60
N GLU A 254 -16.27 -20.91 -17.71
CA GLU A 254 -17.49 -20.12 -17.91
C GLU A 254 -17.32 -19.01 -18.94
N SER A 255 -16.10 -18.76 -19.39
CA SER A 255 -15.84 -17.75 -20.41
C SER A 255 -15.94 -18.31 -21.83
N HIS A 256 -16.22 -19.59 -21.97
CA HIS A 256 -16.31 -20.24 -23.28
C HIS A 256 -17.75 -20.65 -23.54
N VAL A 257 -18.11 -20.72 -24.82
CA VAL A 257 -19.48 -21.07 -25.19
C VAL A 257 -19.76 -22.50 -24.75
N ASP A 258 -20.97 -22.74 -24.25
CA ASP A 258 -21.39 -24.05 -23.77
C ASP A 258 -20.50 -24.56 -22.63
N THR A 259 -19.83 -23.65 -21.93
CA THR A 259 -19.00 -24.01 -20.79
C THR A 259 -18.01 -25.13 -21.17
N ASP A 260 -17.43 -25.00 -22.36
CA ASP A 260 -16.49 -25.97 -22.90
C ASP A 260 -15.16 -25.28 -23.14
N LEU A 261 -14.09 -25.85 -22.57
CA LEU A 261 -12.77 -25.25 -22.72
C LEU A 261 -12.18 -25.43 -24.11
N THR A 262 -12.79 -26.24 -24.96
CA THR A 262 -12.31 -26.44 -26.32
C THR A 262 -12.96 -25.51 -27.33
N LYS A 263 -14.10 -24.90 -26.99
CA LYS A 263 -14.81 -23.99 -27.87
C LYS A 263 -14.33 -22.56 -27.69
N PRO A 264 -14.63 -21.68 -28.63
CA PRO A 264 -14.15 -20.29 -28.51
C PRO A 264 -14.86 -19.52 -27.42
N TYR A 265 -14.28 -18.39 -27.05
CA TYR A 265 -14.82 -17.55 -26.00
C TYR A 265 -16.23 -17.09 -26.35
N ILE A 266 -16.90 -16.51 -25.37
CA ILE A 266 -18.22 -15.91 -25.55
C ILE A 266 -18.03 -14.48 -26.02
N LYS A 267 -18.90 -14.03 -26.92
CA LYS A 267 -18.85 -12.68 -27.46
C LYS A 267 -19.94 -11.84 -26.79
N TRP A 268 -19.56 -11.02 -25.83
CA TRP A 268 -20.50 -10.20 -25.10
C TRP A 268 -20.75 -8.89 -25.84
N ASP A 269 -21.98 -8.40 -25.75
CA ASP A 269 -22.31 -7.10 -26.31
C ASP A 269 -21.44 -6.04 -25.66
N LEU A 270 -20.89 -5.14 -26.48
CA LEU A 270 -19.92 -4.18 -25.96
C LEU A 270 -20.57 -3.11 -25.08
N LEU A 271 -21.88 -2.92 -25.19
CA LEU A 271 -22.59 -1.90 -24.43
C LEU A 271 -23.26 -2.45 -23.18
N LYS A 272 -22.97 -3.70 -22.81
CA LYS A 272 -23.61 -4.34 -21.67
C LYS A 272 -22.80 -4.10 -20.40
N TYR A 273 -23.48 -3.72 -19.33
CA TYR A 273 -22.83 -3.48 -18.05
C TYR A 273 -23.57 -4.05 -16.86
N ASP A 274 -24.75 -4.65 -17.05
CA ASP A 274 -25.59 -5.11 -15.94
C ASP A 274 -25.68 -6.63 -16.01
N PHE A 275 -24.90 -7.30 -15.18
CA PHE A 275 -24.79 -8.75 -15.16
C PHE A 275 -25.40 -9.36 -13.90
N THR A 276 -26.52 -8.81 -13.44
CA THR A 276 -27.18 -9.37 -12.27
C THR A 276 -27.67 -10.79 -12.52
N GLU A 277 -28.28 -11.01 -13.69
CA GLU A 277 -28.81 -12.33 -14.01
C GLU A 277 -27.71 -13.38 -14.07
N GLU A 278 -26.58 -13.04 -14.69
CA GLU A 278 -25.48 -14.00 -14.78
C GLU A 278 -24.92 -14.34 -13.41
N ARG A 279 -24.77 -13.34 -12.54
CA ARG A 279 -24.30 -13.61 -11.19
C ARG A 279 -25.26 -14.53 -10.45
N LEU A 280 -26.57 -14.28 -10.58
CA LEU A 280 -27.54 -15.15 -9.91
C LEU A 280 -27.45 -16.58 -10.45
N LYS A 281 -27.31 -16.74 -11.77
CA LYS A 281 -27.18 -18.08 -12.33
C LYS A 281 -25.93 -18.78 -11.83
N LEU A 282 -24.80 -18.07 -11.78
CA LEU A 282 -23.57 -18.68 -11.29
C LEU A 282 -23.73 -19.13 -9.84
N PHE A 283 -24.31 -18.26 -9.00
CA PHE A 283 -24.50 -18.64 -7.60
C PHE A 283 -25.41 -19.85 -7.48
N ASP A 284 -26.52 -19.87 -8.22
CA ASP A 284 -27.44 -20.99 -8.14
C ASP A 284 -26.87 -22.25 -8.77
N ARG A 285 -25.81 -22.14 -9.55
CA ARG A 285 -25.20 -23.29 -10.21
C ARG A 285 -24.08 -23.93 -9.41
N TYR A 286 -23.27 -23.13 -8.71
CA TYR A 286 -22.13 -23.67 -7.98
C TYR A 286 -22.29 -23.67 -6.46
N PHE A 287 -23.09 -22.77 -5.91
CA PHE A 287 -23.29 -22.65 -4.47
C PHE A 287 -24.77 -22.75 -4.14
N LYS A 288 -25.42 -23.78 -4.67
CA LYS A 288 -26.87 -23.88 -4.56
C LYS A 288 -27.34 -23.96 -3.11
N TYR A 289 -26.65 -24.74 -2.29
CA TYR A 289 -27.10 -25.01 -0.92
C TYR A 289 -26.38 -24.16 0.12
N TRP A 290 -25.70 -23.10 -0.29
CA TRP A 290 -25.24 -22.10 0.65
C TRP A 290 -26.45 -21.32 1.16
N ASP A 291 -26.56 -21.19 2.49
CA ASP A 291 -27.79 -20.69 3.09
C ASP A 291 -27.94 -19.19 2.94
N GLN A 292 -26.96 -18.43 3.39
CA GLN A 292 -27.13 -16.98 3.53
C GLN A 292 -27.47 -16.35 2.19
N THR A 293 -28.35 -15.36 2.23
CA THR A 293 -28.82 -14.71 1.01
C THR A 293 -27.71 -13.89 0.36
N TYR A 294 -27.72 -13.86 -0.96
CA TYR A 294 -26.69 -13.20 -1.75
C TYR A 294 -27.31 -12.07 -2.57
N HIS A 295 -26.77 -10.87 -2.42
CA HIS A 295 -27.23 -9.69 -3.15
C HIS A 295 -26.21 -9.34 -4.23
N PRO A 296 -26.51 -9.52 -5.52
CA PRO A 296 -25.50 -9.18 -6.54
C PRO A 296 -25.02 -7.75 -6.45
N ASN A 297 -25.91 -6.81 -6.15
CA ASN A 297 -25.57 -5.41 -5.97
C ASN A 297 -25.59 -5.10 -4.48
N CYS A 298 -24.47 -4.64 -3.95
CA CYS A 298 -24.34 -4.40 -2.52
C CYS A 298 -25.08 -3.15 -2.06
N VAL A 299 -25.80 -2.48 -2.96
CA VAL A 299 -26.62 -1.34 -2.55
C VAL A 299 -27.74 -1.82 -1.65
N ASN A 300 -28.17 -3.06 -1.80
CA ASN A 300 -29.34 -3.60 -1.12
C ASN A 300 -28.97 -4.39 0.13
N CYS A 301 -27.71 -4.40 0.53
CA CYS A 301 -27.29 -5.14 1.70
C CYS A 301 -27.79 -4.46 2.97
N LEU A 302 -27.65 -5.16 4.10
CA LEU A 302 -28.31 -4.78 5.34
C LEU A 302 -27.38 -4.19 6.38
N ASP A 303 -26.08 -4.42 6.31
CA ASP A 303 -25.11 -3.86 7.25
C ASP A 303 -23.72 -4.12 6.68
N ASP A 304 -22.68 -3.81 7.45
CA ASP A 304 -21.32 -4.00 6.98
C ASP A 304 -20.89 -5.47 7.01
N ARG A 305 -21.50 -6.29 7.85
CA ARG A 305 -21.23 -7.73 7.82
C ARG A 305 -21.91 -8.42 6.65
N CYS A 306 -22.92 -7.79 6.04
CA CYS A 306 -23.54 -8.33 4.85
C CYS A 306 -22.93 -7.78 3.57
N ILE A 307 -22.11 -6.73 3.67
CA ILE A 307 -21.42 -6.22 2.49
C ILE A 307 -20.22 -7.10 2.15
N LEU A 308 -19.46 -7.52 3.16
CA LEU A 308 -18.32 -8.39 2.91
C LEU A 308 -18.76 -9.73 2.34
N HIS A 309 -19.84 -10.29 2.88
CA HIS A 309 -20.30 -11.59 2.43
C HIS A 309 -20.58 -11.59 0.94
N CYS A 310 -21.33 -10.60 0.46
CA CYS A 310 -21.69 -10.54 -0.96
C CYS A 310 -20.53 -10.04 -1.81
N ALA A 311 -19.69 -9.15 -1.28
CA ALA A 311 -18.53 -8.69 -2.03
C ALA A 311 -17.56 -9.83 -2.32
N ASN A 312 -17.50 -10.83 -1.44
CA ASN A 312 -16.66 -11.99 -1.71
C ASN A 312 -17.13 -12.73 -2.97
N PHE A 313 -18.43 -13.01 -3.06
CA PHE A 313 -18.95 -13.69 -4.25
C PHE A 313 -18.81 -12.83 -5.48
N ASN A 314 -18.99 -11.51 -5.35
CA ASN A 314 -18.79 -10.63 -6.49
C ASN A 314 -17.35 -10.67 -6.96
N VAL A 315 -16.39 -10.74 -6.02
CA VAL A 315 -15.00 -10.89 -6.39
C VAL A 315 -14.79 -12.17 -7.18
N LEU A 316 -15.43 -13.27 -6.73
CA LEU A 316 -15.29 -14.52 -7.46
C LEU A 316 -15.87 -14.43 -8.86
N PHE A 317 -17.05 -13.84 -9.00
CA PHE A 317 -17.79 -13.89 -10.25
C PHE A 317 -17.36 -12.82 -11.26
N SER A 318 -16.69 -11.76 -10.82
CA SER A 318 -16.31 -10.70 -11.75
C SER A 318 -15.21 -11.11 -12.70
N THR A 319 -14.59 -12.27 -12.51
CA THR A 319 -13.54 -12.74 -13.39
C THR A 319 -14.08 -13.42 -14.64
N VAL A 320 -15.41 -13.55 -14.77
CA VAL A 320 -16.01 -14.18 -15.93
C VAL A 320 -16.43 -13.18 -16.99
N PHE A 321 -16.43 -11.89 -16.69
CA PHE A 321 -17.00 -10.86 -17.53
C PHE A 321 -15.93 -9.96 -18.14
N PRO A 322 -16.21 -9.32 -19.26
CA PRO A 322 -15.16 -8.58 -19.96
C PRO A 322 -14.65 -7.43 -19.12
N PRO A 323 -13.37 -7.07 -19.26
CA PRO A 323 -12.82 -5.96 -18.48
C PRO A 323 -13.32 -4.60 -18.88
N THR A 324 -13.94 -4.44 -20.05
CA THR A 324 -14.37 -3.14 -20.51
C THR A 324 -15.71 -2.71 -19.94
N SER A 325 -16.39 -3.57 -19.18
CA SER A 325 -17.70 -3.26 -18.62
C SER A 325 -17.63 -2.71 -17.21
N PHE A 326 -16.44 -2.58 -16.63
CA PHE A 326 -16.27 -2.08 -15.28
C PHE A 326 -15.69 -0.67 -15.34
N GLY A 327 -16.28 0.24 -14.58
CA GLY A 327 -15.85 1.61 -14.57
C GLY A 327 -17.02 2.57 -14.57
N PRO A 328 -16.75 3.86 -14.73
CA PRO A 328 -17.84 4.84 -14.72
C PRO A 328 -18.86 4.57 -15.81
N LEU A 329 -20.13 4.80 -15.50
CA LEU A 329 -21.21 4.67 -16.46
C LEU A 329 -21.58 6.06 -16.96
N VAL A 330 -21.53 6.24 -18.27
CA VAL A 330 -21.57 7.56 -18.90
C VAL A 330 -22.96 7.82 -19.45
N ARG A 331 -23.37 9.09 -19.42
CA ARG A 331 -24.68 9.49 -19.89
C ARG A 331 -24.55 10.89 -20.48
N LYS A 332 -25.51 11.26 -21.33
CA LYS A 332 -25.48 12.54 -22.03
C LYS A 332 -26.49 13.48 -21.41
N ILE A 333 -26.01 14.63 -20.92
CA ILE A 333 -26.86 15.65 -20.33
C ILE A 333 -26.78 16.89 -21.21
N PHE A 334 -27.66 17.85 -20.93
CA PHE A 334 -27.71 19.11 -21.67
C PHE A 334 -27.60 20.27 -20.70
N VAL A 335 -26.65 21.15 -20.95
CA VAL A 335 -26.48 22.39 -20.20
C VAL A 335 -26.43 23.54 -21.19
N ASP A 336 -27.31 24.52 -21.01
CA ASP A 336 -27.46 25.62 -21.97
C ASP A 336 -27.86 25.11 -23.35
N GLY A 337 -28.53 23.96 -23.40
CA GLY A 337 -28.85 23.34 -24.67
C GLY A 337 -27.66 22.71 -25.37
N VAL A 338 -26.54 22.56 -24.67
CA VAL A 338 -25.30 22.03 -25.26
C VAL A 338 -25.03 20.68 -24.60
N PRO A 339 -24.65 19.64 -25.34
CA PRO A 339 -24.53 18.30 -24.72
C PRO A 339 -23.18 18.09 -24.04
N PHE A 340 -23.24 17.65 -22.78
CA PHE A 340 -22.10 17.15 -22.04
C PHE A 340 -22.22 15.65 -21.86
N VAL A 341 -21.09 15.01 -21.60
CA VAL A 341 -21.02 13.60 -21.22
C VAL A 341 -20.54 13.55 -19.77
N VAL A 342 -21.33 12.94 -18.90
CA VAL A 342 -21.04 12.93 -17.47
C VAL A 342 -21.24 11.52 -16.91
N SER A 343 -20.59 11.26 -15.78
CA SER A 343 -20.73 10.00 -15.09
C SER A 343 -21.97 10.01 -14.21
N THR A 344 -22.78 8.96 -14.30
CA THR A 344 -23.99 8.83 -13.50
C THR A 344 -24.12 7.41 -12.97
N GLY A 345 -23.02 6.87 -12.46
CA GLY A 345 -23.03 5.53 -11.93
C GLY A 345 -21.61 4.98 -11.86
N TYR A 346 -21.53 3.69 -11.53
CA TYR A 346 -20.25 3.00 -11.46
C TYR A 346 -20.53 1.50 -11.33
N HIS A 347 -19.77 0.70 -12.05
CA HIS A 347 -19.88 -0.76 -12.03
C HIS A 347 -18.65 -1.32 -11.35
N PHE A 348 -18.71 -1.44 -10.02
CA PHE A 348 -17.60 -1.99 -9.26
C PHE A 348 -17.52 -3.50 -9.46
N ARG A 349 -16.30 -3.99 -9.69
CA ARG A 349 -16.09 -5.43 -9.79
C ARG A 349 -16.47 -6.15 -8.52
N GLU A 350 -16.58 -5.42 -7.41
CA GLU A 350 -16.78 -6.00 -6.10
C GLU A 350 -18.03 -5.52 -5.39
N LEU A 351 -18.69 -4.47 -5.90
CA LEU A 351 -19.91 -3.96 -5.31
C LEU A 351 -21.08 -3.88 -6.29
N GLY A 352 -20.87 -4.23 -7.56
CA GLY A 352 -21.97 -4.23 -8.50
C GLY A 352 -22.25 -2.84 -9.06
N VAL A 353 -23.49 -2.64 -9.49
CA VAL A 353 -23.89 -1.41 -10.17
C VAL A 353 -24.44 -0.42 -9.16
N VAL A 354 -23.97 0.83 -9.23
CA VAL A 354 -24.42 1.89 -8.35
C VAL A 354 -24.81 3.08 -9.22
N HIS A 355 -25.98 3.65 -8.97
CA HIS A 355 -26.51 4.75 -9.76
C HIS A 355 -26.66 5.99 -8.91
N ASN A 356 -26.14 7.11 -9.39
CA ASN A 356 -26.27 8.38 -8.68
C ASN A 356 -27.74 8.74 -8.52
N GLN A 357 -28.08 9.26 -7.34
CA GLN A 357 -29.47 9.59 -7.04
C GLN A 357 -29.88 10.98 -7.51
N ASP A 358 -28.92 11.86 -7.79
CA ASP A 358 -29.21 13.22 -8.21
C ASP A 358 -28.61 13.43 -9.61
N VAL A 359 -29.36 13.04 -10.63
CA VAL A 359 -28.99 13.23 -12.02
C VAL A 359 -29.92 14.28 -12.60
N ASN A 360 -29.36 15.42 -12.98
CA ASN A 360 -30.15 16.60 -13.38
C ASN A 360 -29.88 16.88 -14.85
N LEU A 361 -30.86 16.55 -15.70
CA LEU A 361 -30.79 16.86 -17.12
C LEU A 361 -31.34 18.26 -17.38
N HIS A 362 -30.87 18.87 -18.46
CA HIS A 362 -31.31 20.20 -18.85
C HIS A 362 -31.05 21.22 -17.75
N SER A 363 -29.77 21.40 -17.43
CA SER A 363 -29.36 22.46 -16.53
C SER A 363 -29.25 23.78 -17.29
N SER A 364 -29.29 24.87 -16.53
CA SER A 364 -29.21 26.21 -17.10
C SER A 364 -27.81 26.81 -16.98
N ARG A 365 -27.26 26.85 -15.77
CA ARG A 365 -25.94 27.40 -15.53
C ARG A 365 -25.25 26.58 -14.46
N LEU A 366 -23.92 26.55 -14.52
CA LEU A 366 -23.11 25.76 -13.59
C LEU A 366 -22.43 26.67 -12.59
N SER A 367 -22.53 26.31 -11.31
CA SER A 367 -21.89 27.06 -10.24
C SER A 367 -20.47 26.55 -10.04
N PHE A 368 -19.80 27.03 -8.99
CA PHE A 368 -18.44 26.57 -8.72
C PHE A 368 -18.42 25.09 -8.37
N LYS A 369 -19.35 24.64 -7.54
CA LYS A 369 -19.36 23.23 -7.14
C LYS A 369 -19.61 22.31 -8.33
N GLU A 370 -20.58 22.65 -9.18
CA GLU A 370 -20.86 21.82 -10.34
C GLU A 370 -19.70 21.81 -11.31
N LEU A 371 -19.06 22.95 -11.54
CA LEU A 371 -17.90 22.99 -12.41
C LEU A 371 -16.77 22.13 -11.85
N LEU A 372 -16.56 22.20 -10.53
CA LEU A 372 -15.54 21.37 -9.91
C LEU A 372 -15.83 19.89 -10.13
N VAL A 373 -17.08 19.48 -9.89
CA VAL A 373 -17.44 18.07 -10.01
C VAL A 373 -17.32 17.61 -11.46
N TYR A 374 -17.70 18.44 -12.43
CA TYR A 374 -17.64 18.03 -13.82
C TYR A 374 -16.21 18.00 -14.34
N ALA A 375 -15.36 18.92 -13.87
CA ALA A 375 -13.97 18.93 -14.30
C ALA A 375 -13.14 17.87 -13.59
N ALA A 376 -13.59 17.36 -12.44
CA ALA A 376 -12.82 16.35 -11.73
C ALA A 376 -12.90 14.99 -12.40
N ASP A 377 -14.10 14.59 -12.85
CA ASP A 377 -14.30 13.22 -13.29
C ASP A 377 -13.64 12.98 -14.64
N PRO A 378 -13.35 11.72 -14.98
CA PRO A 378 -12.61 11.42 -16.21
C PRO A 378 -13.47 11.23 -17.45
N ALA A 379 -14.77 11.54 -17.40
CA ALA A 379 -15.65 11.27 -18.52
C ALA A 379 -15.23 12.06 -19.76
N MET A 380 -15.27 13.39 -19.67
CA MET A 380 -14.97 14.21 -20.84
C MET A 380 -13.49 14.25 -21.17
N HIS A 381 -12.62 13.89 -20.22
CA HIS A 381 -11.21 13.78 -20.53
C HIS A 381 -10.94 12.57 -21.40
N ALA A 382 -11.53 11.42 -21.06
CA ALA A 382 -11.32 10.20 -21.83
C ALA A 382 -12.09 10.22 -23.13
N ALA A 383 -13.31 10.77 -23.14
CA ALA A 383 -14.10 10.80 -24.36
C ALA A 383 -13.39 11.59 -25.45
N SER A 384 -12.82 12.73 -25.11
CA SER A 384 -12.12 13.59 -26.06
C SER A 384 -10.62 13.33 -26.04
N GLY A 385 -10.26 12.08 -26.31
CA GLY A 385 -8.86 11.68 -26.30
C GLY A 385 -8.63 10.54 -27.27
N ASN A 386 -7.38 10.45 -27.73
CA ASN A 386 -7.00 9.42 -28.69
C ASN A 386 -6.99 8.05 -28.03
N LEU A 387 -7.40 7.04 -28.78
CA LEU A 387 -7.29 5.67 -28.31
C LEU A 387 -5.82 5.33 -28.10
N LEU A 388 -5.54 4.55 -27.06
CA LEU A 388 -4.17 4.20 -26.69
C LEU A 388 -4.03 2.68 -26.63
N LEU A 389 -2.91 2.19 -27.18
CA LEU A 389 -2.54 0.77 -27.10
C LEU A 389 -1.08 0.73 -26.66
N ASP A 390 -0.86 0.63 -25.35
CA ASP A 390 0.49 0.63 -24.78
C ASP A 390 0.96 -0.82 -24.64
N LYS A 391 1.99 -1.18 -25.40
CA LYS A 391 2.54 -2.52 -25.37
C LYS A 391 3.63 -2.69 -24.32
N ARG A 392 4.00 -1.62 -23.61
CA ARG A 392 5.02 -1.71 -22.58
C ARG A 392 4.51 -2.30 -21.28
N THR A 393 3.19 -2.36 -21.10
CA THR A 393 2.61 -2.80 -19.84
C THR A 393 1.41 -3.69 -20.13
N THR A 394 1.07 -4.54 -19.17
CA THR A 394 -0.08 -5.44 -19.27
C THR A 394 -1.34 -4.85 -18.66
N CYS A 395 -1.30 -3.62 -18.16
CA CYS A 395 -2.47 -2.98 -17.60
C CYS A 395 -3.42 -2.56 -18.72
N PHE A 396 -4.62 -2.15 -18.31
CA PHE A 396 -5.67 -1.73 -19.23
C PHE A 396 -5.49 -0.24 -19.51
N SER A 397 -5.10 0.10 -20.73
CA SER A 397 -4.84 1.48 -21.10
C SER A 397 -6.12 2.09 -21.66
N VAL A 398 -6.62 3.12 -20.98
CA VAL A 398 -7.89 3.73 -21.39
C VAL A 398 -7.68 4.66 -22.59
N ALA A 399 -6.87 5.71 -22.41
CA ALA A 399 -6.82 6.74 -23.44
C ALA A 399 -5.51 7.50 -23.35
N ALA A 400 -5.28 8.35 -24.36
CA ALA A 400 -4.11 9.22 -24.43
C ALA A 400 -4.59 10.65 -24.60
N LEU A 401 -4.28 11.51 -23.63
CA LEU A 401 -4.79 12.86 -23.62
C LEU A 401 -3.93 13.84 -24.40
N THR A 402 -2.84 13.38 -25.02
CA THR A 402 -1.97 14.24 -25.80
C THR A 402 -1.50 13.47 -27.03
N ASN A 403 -0.83 14.19 -27.93
CA ASN A 403 -0.26 13.58 -29.13
C ASN A 403 1.19 13.17 -28.95
N ASN A 404 1.77 13.40 -27.77
CA ASN A 404 3.14 13.01 -27.49
C ASN A 404 3.19 12.30 -26.14
N VAL A 405 4.11 11.36 -26.04
CA VAL A 405 4.35 10.64 -24.79
C VAL A 405 5.45 11.35 -24.03
N ALA A 406 5.32 11.42 -22.71
CA ALA A 406 6.27 12.11 -21.85
C ALA A 406 7.14 11.09 -21.12
N PHE A 407 8.45 11.28 -21.20
CA PHE A 407 9.43 10.41 -20.56
C PHE A 407 10.13 11.21 -19.47
N GLN A 408 9.79 10.95 -18.22
CA GLN A 408 10.37 11.65 -17.08
C GLN A 408 11.62 10.94 -16.60
N THR A 409 12.64 11.72 -16.24
CA THR A 409 13.91 11.19 -15.77
C THR A 409 14.26 11.80 -14.43
N VAL A 410 14.98 11.03 -13.61
CA VAL A 410 15.47 11.48 -12.33
C VAL A 410 16.96 11.79 -12.46
N LYS A 411 17.43 12.76 -11.70
CA LYS A 411 18.75 13.33 -11.84
C LYS A 411 19.72 12.76 -10.82
N PRO A 412 21.03 12.95 -11.01
CA PRO A 412 22.02 12.24 -10.19
C PRO A 412 22.04 12.63 -8.73
N GLY A 413 22.13 13.92 -8.41
CA GLY A 413 22.27 14.37 -7.04
C GLY A 413 23.58 15.09 -6.80
N ASN A 414 23.55 16.16 -6.01
CA ASN A 414 24.70 17.04 -5.86
C ASN A 414 25.66 16.55 -4.79
N PHE A 415 26.92 16.94 -4.92
CA PHE A 415 28.00 16.48 -4.06
C PHE A 415 28.50 17.63 -3.22
N ASN A 416 28.49 17.45 -1.89
CA ASN A 416 28.98 18.45 -0.95
C ASN A 416 30.43 18.09 -0.62
N LYS A 417 31.36 18.74 -1.31
CA LYS A 417 32.77 18.33 -1.25
C LYS A 417 33.45 18.79 0.03
N ASP A 418 33.05 19.91 0.60
CA ASP A 418 33.71 20.42 1.80
C ASP A 418 33.54 19.45 2.97
N PHE A 419 32.31 18.95 3.17
CA PHE A 419 32.07 18.01 4.25
C PHE A 419 32.85 16.71 4.02
N TYR A 420 32.91 16.25 2.77
CA TYR A 420 33.65 15.02 2.48
C TYR A 420 35.14 15.20 2.78
N ASP A 421 35.71 16.34 2.37
CA ASP A 421 37.12 16.60 2.67
C ASP A 421 37.36 16.68 4.17
N PHE A 422 36.48 17.35 4.91
CA PHE A 422 36.62 17.43 6.35
C PHE A 422 36.58 16.06 6.99
N ALA A 423 35.60 15.23 6.60
CA ALA A 423 35.49 13.89 7.16
C ALA A 423 36.72 13.06 6.85
N VAL A 424 37.24 13.17 5.62
CA VAL A 424 38.44 12.41 5.26
C VAL A 424 39.62 12.86 6.09
N SER A 425 39.77 14.17 6.28
CA SER A 425 40.86 14.68 7.13
C SER A 425 40.69 14.24 8.58
N LYS A 426 39.47 13.90 8.99
CA LYS A 426 39.22 13.39 10.33
C LYS A 426 39.40 11.87 10.43
N GLY A 427 39.76 11.19 9.34
CA GLY A 427 40.03 9.78 9.39
C GLY A 427 38.89 8.87 9.03
N PHE A 428 37.98 9.31 8.18
CA PHE A 428 36.83 8.52 7.76
C PHE A 428 37.07 7.91 6.38
N PHE A 429 36.24 6.92 6.06
CA PHE A 429 36.20 6.34 4.72
C PHE A 429 37.51 5.65 4.34
N LYS A 430 38.22 5.12 5.32
CA LYS A 430 39.44 4.37 5.07
C LYS A 430 39.09 2.91 4.75
N GLU A 431 40.11 2.12 4.48
CA GLU A 431 39.91 0.72 4.11
C GLU A 431 39.68 -0.11 5.37
N GLY A 432 38.64 -0.94 5.33
CA GLY A 432 38.28 -1.76 6.46
C GLY A 432 37.43 -1.07 7.51
N SER A 433 37.16 0.22 7.34
CA SER A 433 36.33 0.94 8.30
C SER A 433 34.94 0.34 8.33
N SER A 434 34.39 0.21 9.54
CA SER A 434 33.07 -0.39 9.68
C SER A 434 32.00 0.48 9.03
N VAL A 435 32.11 1.80 9.16
CA VAL A 435 31.12 2.73 8.65
C VAL A 435 31.57 3.23 7.28
N GLU A 436 30.75 2.97 6.27
CA GLU A 436 31.06 3.38 4.89
C GLU A 436 29.87 4.10 4.28
N LEU A 437 29.92 4.38 2.99
CA LEU A 437 28.84 5.08 2.28
C LEU A 437 27.99 4.04 1.56
N LYS A 438 26.69 4.03 1.87
CA LYS A 438 25.77 3.08 1.28
C LYS A 438 24.46 3.71 0.81
N HIS A 439 24.24 5.00 1.04
CA HIS A 439 23.04 5.69 0.60
C HIS A 439 23.43 6.76 -0.40
N PHE A 440 22.83 6.72 -1.59
CA PHE A 440 23.14 7.64 -2.67
C PHE A 440 21.85 8.09 -3.36
N PHE A 441 21.98 9.11 -4.20
CA PHE A 441 20.91 9.52 -5.10
C PHE A 441 21.08 8.78 -6.42
N PHE A 442 20.19 7.84 -6.68
CA PHE A 442 20.26 7.04 -7.91
C PHE A 442 19.48 7.73 -9.02
N ALA A 443 20.05 7.71 -10.22
CA ALA A 443 19.44 8.33 -11.38
C ALA A 443 18.66 7.30 -12.18
N GLN A 444 17.67 7.78 -12.94
CA GLN A 444 16.77 6.94 -13.70
C GLN A 444 16.62 7.49 -15.11
N ASP A 445 16.27 6.60 -16.04
CA ASP A 445 16.07 6.95 -17.44
C ASP A 445 14.58 7.19 -17.71
N GLY A 446 14.23 7.35 -18.98
CA GLY A 446 12.88 7.73 -19.33
C GLY A 446 11.85 6.64 -19.16
N ASN A 447 12.27 5.38 -19.15
CA ASN A 447 11.36 4.24 -19.01
C ASN A 447 11.14 3.84 -17.56
N ALA A 448 11.38 4.75 -16.61
CA ALA A 448 11.22 4.44 -15.21
C ALA A 448 9.80 4.64 -14.71
N ALA A 449 9.10 5.65 -15.24
CA ALA A 449 7.76 5.96 -14.74
C ALA A 449 6.78 4.84 -15.05
N ILE A 450 6.93 4.18 -16.20
CA ILE A 450 6.00 3.14 -16.59
C ILE A 450 6.43 1.76 -16.11
N SER A 451 7.73 1.53 -15.97
CA SER A 451 8.19 0.24 -15.46
C SER A 451 7.87 0.09 -13.97
N ASP A 452 7.81 1.20 -13.23
CA ASP A 452 7.39 1.15 -11.84
C ASP A 452 5.89 0.96 -11.71
N TYR A 453 5.11 1.50 -12.65
CA TYR A 453 3.67 1.30 -12.62
C TYR A 453 3.29 -0.12 -12.99
N ASP A 454 4.13 -0.82 -13.75
CA ASP A 454 3.83 -2.18 -14.18
C ASP A 454 4.03 -3.21 -13.08
N TYR A 455 4.29 -2.79 -11.85
CA TYR A 455 4.35 -3.69 -10.71
C TYR A 455 2.97 -3.97 -10.11
N TYR A 456 1.91 -3.42 -10.71
CA TYR A 456 0.56 -3.76 -10.30
C TYR A 456 0.11 -5.11 -10.84
N ARG A 457 0.96 -5.80 -11.59
CA ARG A 457 0.67 -7.17 -11.99
C ARG A 457 0.73 -8.14 -10.83
N TYR A 458 1.20 -7.70 -9.67
CA TYR A 458 1.23 -8.52 -8.47
C TYR A 458 -0.08 -8.51 -7.70
N ASN A 459 -1.05 -7.70 -8.12
CA ASN A 459 -2.35 -7.63 -7.46
C ASN A 459 -3.30 -8.55 -8.23
N LEU A 460 -3.60 -9.70 -7.63
CA LEU A 460 -4.46 -10.70 -8.24
C LEU A 460 -5.79 -10.79 -7.47
N PRO A 461 -6.89 -11.16 -8.14
CA PRO A 461 -8.16 -11.32 -7.42
C PRO A 461 -8.10 -12.41 -6.37
N THR A 462 -8.20 -12.05 -5.10
CA THR A 462 -8.07 -12.97 -3.99
C THR A 462 -9.42 -13.10 -3.29
N MET A 463 -10.10 -14.21 -3.50
CA MET A 463 -11.26 -14.57 -2.71
C MET A 463 -10.82 -15.06 -1.34
N CYS A 464 -11.56 -14.67 -0.31
CA CYS A 464 -11.19 -14.94 1.07
C CYS A 464 -12.14 -15.95 1.70
N ASP A 465 -11.70 -16.51 2.81
CA ASP A 465 -12.53 -17.40 3.63
C ASP A 465 -13.48 -16.54 4.44
N ILE A 466 -14.76 -16.54 4.06
CA ILE A 466 -15.68 -15.55 4.62
C ILE A 466 -15.99 -15.83 6.08
N ARG A 467 -16.25 -17.09 6.43
CA ARG A 467 -16.63 -17.41 7.80
C ARG A 467 -15.50 -17.08 8.77
N GLN A 468 -14.25 -17.19 8.33
CA GLN A 468 -13.12 -16.79 9.17
C GLN A 468 -12.95 -15.28 9.20
N LEU A 469 -13.17 -14.61 8.07
CA LEU A 469 -12.97 -13.16 8.01
C LEU A 469 -13.99 -12.43 8.88
N LEU A 470 -15.23 -12.92 8.92
CA LEU A 470 -16.28 -12.27 9.69
C LEU A 470 -16.05 -12.36 11.19
N PHE A 471 -15.11 -13.19 11.65
CA PHE A 471 -14.72 -13.24 13.05
C PHE A 471 -13.50 -12.38 13.33
N VAL A 472 -12.50 -12.43 12.45
CA VAL A 472 -11.33 -11.57 12.59
C VAL A 472 -11.73 -10.11 12.55
N VAL A 473 -12.77 -9.77 11.78
CA VAL A 473 -13.24 -8.40 11.75
C VAL A 473 -13.74 -7.98 13.13
N GLU A 474 -14.47 -8.87 13.81
CA GLU A 474 -14.96 -8.55 15.14
C GLU A 474 -13.83 -8.43 16.15
N VAL A 475 -12.83 -9.31 16.05
CA VAL A 475 -11.70 -9.23 16.98
C VAL A 475 -10.79 -8.05 16.67
N VAL A 476 -10.85 -7.50 15.46
CA VAL A 476 -10.02 -6.37 15.09
C VAL A 476 -10.66 -5.03 15.42
N ASP A 477 -11.97 -4.98 15.64
CA ASP A 477 -12.63 -3.76 16.09
C ASP A 477 -12.50 -3.53 17.58
N LYS A 478 -12.01 -4.52 18.33
CA LYS A 478 -11.76 -4.32 19.74
C LYS A 478 -10.45 -3.59 20.01
N TYR A 479 -9.59 -3.47 19.00
CA TYR A 479 -8.40 -2.64 19.11
C TYR A 479 -8.68 -1.17 18.86
N PHE A 480 -9.85 -0.83 18.31
CA PHE A 480 -10.18 0.55 17.95
C PHE A 480 -11.41 1.06 18.68
N ASP A 481 -11.76 0.45 19.81
CA ASP A 481 -12.94 0.85 20.57
C ASP A 481 -12.63 1.90 21.62
N CYS A 482 -11.36 2.26 21.82
CA CYS A 482 -10.98 3.28 22.79
C CYS A 482 -10.82 4.65 22.16
N TYR A 483 -11.25 4.84 20.92
CA TYR A 483 -11.18 6.11 20.22
C TYR A 483 -12.59 6.65 20.01
N ASP A 484 -12.67 7.82 19.38
CA ASP A 484 -13.95 8.45 19.05
C ASP A 484 -13.89 8.99 17.64
N GLY A 485 -15.03 8.97 16.95
CA GLY A 485 -15.09 9.40 15.58
C GLY A 485 -16.46 9.90 15.21
N GLY A 486 -16.56 10.43 14.00
CA GLY A 486 -17.78 11.02 13.51
C GLY A 486 -17.46 12.07 12.46
N CYS A 487 -18.50 12.76 12.02
CA CYS A 487 -18.36 13.79 11.01
C CYS A 487 -18.14 15.14 11.66
N ILE A 488 -17.40 16.00 10.97
CA ILE A 488 -17.13 17.36 11.42
C ILE A 488 -17.46 18.32 10.29
N ASN A 489 -17.72 19.57 10.66
CA ASN A 489 -18.11 20.58 9.69
C ASN A 489 -16.86 21.12 8.98
N ALA A 490 -17.10 21.99 7.99
CA ALA A 490 -16.00 22.54 7.20
C ALA A 490 -15.17 23.53 7.99
N ASN A 491 -15.68 24.05 9.11
CA ASN A 491 -14.94 25.00 9.92
C ASN A 491 -14.15 24.33 11.04
N GLN A 492 -14.17 23.00 11.11
CA GLN A 492 -13.44 22.24 12.11
C GLN A 492 -12.34 21.39 11.50
N VAL A 493 -11.97 21.66 10.25
CA VAL A 493 -10.99 20.88 9.52
C VAL A 493 -9.65 21.61 9.58
N ILE A 494 -8.59 20.86 9.85
CA ILE A 494 -7.22 21.39 9.93
C ILE A 494 -6.44 20.86 8.74
N VAL A 495 -5.81 21.77 7.99
CA VAL A 495 -4.98 21.43 6.85
C VAL A 495 -3.59 21.95 7.14
N ASN A 496 -2.61 21.05 7.13
CA ASN A 496 -1.25 21.42 7.53
C ASN A 496 -0.59 22.28 6.46
N ASN A 497 -0.42 21.73 5.26
CA ASN A 497 0.25 22.40 4.16
C ASN A 497 -0.79 22.73 3.08
N LEU A 498 -0.93 24.01 2.77
CA LEU A 498 -1.82 24.47 1.71
C LEU A 498 -1.07 24.85 0.45
N ASP A 499 0.24 24.61 0.40
CA ASP A 499 1.04 24.84 -0.80
C ASP A 499 1.38 23.53 -1.51
N LYS A 500 0.49 22.55 -1.46
CA LYS A 500 0.69 21.27 -2.10
C LYS A 500 -0.18 21.16 -3.35
N SER A 501 0.22 20.26 -4.24
CA SER A 501 -0.49 20.10 -5.49
C SER A 501 -1.92 19.60 -5.24
N ALA A 502 -2.83 20.00 -6.12
CA ALA A 502 -4.24 19.64 -6.00
C ALA A 502 -4.65 18.54 -6.97
N GLY A 503 -3.70 17.85 -7.58
CA GLY A 503 -4.02 16.74 -8.46
C GLY A 503 -4.27 17.19 -9.89
N PHE A 504 -4.93 16.32 -10.65
CA PHE A 504 -5.26 16.56 -12.04
C PHE A 504 -6.78 16.68 -12.22
N PRO A 505 -7.27 17.65 -13.00
CA PRO A 505 -6.57 18.68 -13.77
C PRO A 505 -6.30 19.95 -12.98
N PHE A 506 -6.58 19.95 -11.68
CA PHE A 506 -6.57 21.18 -10.91
C PHE A 506 -5.16 21.76 -10.76
N ASN A 507 -4.12 20.97 -11.00
CA ASN A 507 -2.77 21.51 -10.88
C ASN A 507 -2.41 22.47 -12.00
N LYS A 508 -3.32 22.70 -12.94
CA LYS A 508 -3.08 23.63 -14.04
C LYS A 508 -3.48 25.06 -13.71
N TRP A 509 -4.07 25.31 -12.54
CA TRP A 509 -4.54 26.64 -12.20
C TRP A 509 -4.11 27.11 -10.81
N GLY A 510 -3.59 26.24 -9.96
CA GLY A 510 -3.11 26.69 -8.67
C GLY A 510 -2.88 25.54 -7.73
N LYS A 511 -2.44 25.88 -6.52
CA LYS A 511 -2.17 24.90 -5.48
C LYS A 511 -3.45 24.62 -4.70
N ALA A 512 -3.34 23.79 -3.66
CA ALA A 512 -4.50 23.47 -2.84
C ALA A 512 -5.03 24.70 -2.12
N ARG A 513 -4.23 25.77 -2.03
CA ARG A 513 -4.69 26.97 -1.34
C ARG A 513 -5.73 27.74 -2.16
N LEU A 514 -5.68 27.62 -3.48
CA LEU A 514 -6.61 28.36 -4.31
C LEU A 514 -8.05 27.86 -4.14
N TYR A 515 -8.23 26.57 -3.89
CA TYR A 515 -9.56 25.98 -3.82
C TYR A 515 -10.15 25.94 -2.42
N TYR A 516 -9.31 26.10 -1.38
CA TYR A 516 -9.84 26.12 -0.03
C TYR A 516 -10.34 27.50 0.38
N ASP A 517 -9.80 28.56 -0.22
CA ASP A 517 -10.25 29.91 0.07
C ASP A 517 -11.21 30.47 -0.97
N SER A 518 -11.37 29.78 -2.10
CA SER A 518 -12.35 30.16 -3.11
C SER A 518 -13.68 29.45 -2.93
N MET A 519 -13.80 28.58 -1.94
CA MET A 519 -15.05 27.89 -1.63
C MET A 519 -15.45 28.21 -0.20
N SER A 520 -16.68 28.67 -0.02
CA SER A 520 -17.18 29.00 1.30
C SER A 520 -17.35 27.73 2.13
N TYR A 521 -17.50 27.91 3.44
CA TYR A 521 -17.81 26.78 4.30
C TYR A 521 -19.16 26.17 3.94
N GLU A 522 -20.02 26.92 3.26
CA GLU A 522 -21.30 26.36 2.80
C GLU A 522 -21.14 25.60 1.49
N ASP A 523 -20.12 25.92 0.69
CA ASP A 523 -19.87 25.15 -0.52
C ASP A 523 -19.25 23.80 -0.20
N GLN A 524 -18.32 23.77 0.76
CA GLN A 524 -17.69 22.51 1.14
C GLN A 524 -18.68 21.57 1.80
N ASP A 525 -19.58 22.11 2.64
CA ASP A 525 -20.63 21.28 3.23
C ASP A 525 -21.57 20.74 2.15
N ALA A 526 -21.87 21.57 1.14
CA ALA A 526 -22.73 21.11 0.05
C ALA A 526 -22.08 19.97 -0.71
N LEU A 527 -20.78 20.08 -1.00
CA LEU A 527 -20.08 19.01 -1.69
C LEU A 527 -20.05 17.74 -0.85
N PHE A 528 -19.78 17.86 0.44
CA PHE A 528 -19.73 16.68 1.31
C PHE A 528 -21.09 16.00 1.39
N ALA A 529 -22.16 16.79 1.50
CA ALA A 529 -23.50 16.20 1.51
C ALA A 529 -23.85 15.59 0.17
N TYR A 530 -23.33 16.15 -0.91
CA TYR A 530 -23.55 15.57 -2.24
C TYR A 530 -22.90 14.20 -2.34
N THR A 531 -21.67 14.05 -1.84
CA THR A 531 -20.97 12.77 -1.96
C THR A 531 -21.65 11.66 -1.18
N LYS A 532 -22.55 11.98 -0.26
CA LYS A 532 -23.21 10.95 0.55
C LYS A 532 -24.35 10.27 -0.19
N ARG A 533 -24.74 10.76 -1.37
CA ARG A 533 -25.75 10.08 -2.18
C ARG A 533 -25.38 10.08 -3.65
N ASN A 534 -24.10 10.23 -3.99
CA ASN A 534 -23.64 10.20 -5.37
C ASN A 534 -22.19 9.74 -5.38
N VAL A 535 -21.75 9.24 -6.53
CA VAL A 535 -20.40 8.72 -6.72
C VAL A 535 -19.64 9.70 -7.63
N ILE A 536 -18.46 10.11 -7.20
CA ILE A 536 -17.61 11.03 -7.93
C ILE A 536 -16.28 10.35 -8.20
N PRO A 537 -16.04 9.86 -9.42
CA PRO A 537 -14.72 9.37 -9.77
C PRO A 537 -13.73 10.50 -10.00
N THR A 538 -12.44 10.20 -9.77
CA THR A 538 -11.39 11.19 -9.93
C THR A 538 -10.16 10.53 -10.55
N ILE A 539 -9.15 11.35 -10.83
CA ILE A 539 -7.91 10.92 -11.48
C ILE A 539 -6.76 11.19 -10.53
N THR A 540 -5.87 10.21 -10.38
CA THR A 540 -4.67 10.35 -9.56
C THR A 540 -3.44 10.38 -10.45
N GLN A 541 -2.48 11.23 -10.10
CA GLN A 541 -1.29 11.44 -10.90
C GLN A 541 -0.10 10.75 -10.26
N MET A 542 0.64 9.98 -11.07
CA MET A 542 1.81 9.27 -10.59
C MET A 542 3.06 10.11 -10.85
N ASN A 543 3.87 10.28 -9.81
CA ASN A 543 5.08 11.08 -9.89
C ASN A 543 6.25 10.30 -9.32
N LEU A 544 7.45 10.67 -9.76
CA LEU A 544 8.70 10.07 -9.29
C LEU A 544 9.30 10.89 -8.17
N LYS A 545 9.97 10.20 -7.24
CA LYS A 545 10.59 10.84 -6.10
C LYS A 545 12.05 11.17 -6.36
N TYR A 546 12.57 12.13 -5.60
CA TYR A 546 13.97 12.57 -5.67
C TYR A 546 14.48 12.55 -4.24
N ALA A 547 14.98 11.40 -3.79
CA ALA A 547 15.37 11.23 -2.40
C ALA A 547 16.48 10.21 -2.31
N ILE A 548 17.19 10.25 -1.18
CA ILE A 548 18.28 9.33 -0.91
C ILE A 548 17.71 7.95 -0.58
N SER A 549 18.45 6.91 -0.92
CA SER A 549 18.04 5.54 -0.60
C SER A 549 19.24 4.63 -0.83
N ALA A 550 19.01 3.32 -0.67
CA ALA A 550 20.05 2.31 -0.83
C ALA A 550 19.74 1.29 -1.90
N LYS A 551 18.73 1.54 -2.74
CA LYS A 551 18.34 0.60 -3.78
C LYS A 551 18.08 1.34 -5.08
N ASN A 552 18.33 0.66 -6.19
CA ASN A 552 18.17 1.28 -7.50
C ASN A 552 16.72 1.63 -7.78
N ARG A 553 15.79 0.76 -7.41
CA ARG A 553 14.41 0.85 -7.88
C ARG A 553 13.84 2.24 -7.65
N ALA A 554 13.20 2.79 -8.68
CA ALA A 554 12.55 4.08 -8.56
C ALA A 554 11.38 4.01 -7.61
N ARG A 555 11.12 5.11 -6.92
CA ARG A 555 10.00 5.22 -5.99
C ARG A 555 9.00 6.21 -6.54
N THR A 556 7.73 5.81 -6.60
CA THR A 556 6.68 6.64 -7.15
C THR A 556 5.63 6.93 -6.07
N VAL A 557 4.95 8.06 -6.23
CA VAL A 557 3.90 8.49 -5.33
C VAL A 557 2.67 8.84 -6.16
N ALA A 558 1.51 8.76 -5.53
CA ALA A 558 0.23 8.98 -6.21
C ALA A 558 -0.48 10.16 -5.56
N GLY A 559 -0.55 11.28 -6.28
CA GLY A 559 -1.27 12.44 -5.81
C GLY A 559 -2.72 12.40 -6.23
N VAL A 560 -3.64 12.42 -5.27
CA VAL A 560 -5.06 12.32 -5.54
C VAL A 560 -5.65 13.71 -5.71
N SER A 561 -6.83 13.77 -6.31
CA SER A 561 -7.46 15.04 -6.64
C SER A 561 -7.80 15.80 -5.36
N ILE A 562 -8.32 17.02 -5.55
CA ILE A 562 -8.66 17.87 -4.41
C ILE A 562 -10.04 17.54 -3.86
N CYS A 563 -10.97 17.10 -4.72
CA CYS A 563 -12.29 16.72 -4.22
C CYS A 563 -12.21 15.53 -3.27
N SER A 564 -11.41 14.53 -3.63
CA SER A 564 -11.29 13.34 -2.79
C SER A 564 -10.76 13.71 -1.40
N THR A 565 -9.68 14.48 -1.35
CA THR A 565 -9.11 14.87 -0.07
C THR A 565 -10.05 15.75 0.72
N MET A 566 -10.65 16.74 0.06
CA MET A 566 -11.58 17.64 0.73
C MET A 566 -12.68 16.85 1.43
N THR A 567 -13.29 15.91 0.71
CA THR A 567 -14.44 15.21 1.28
C THR A 567 -14.03 14.09 2.23
N ASN A 568 -12.84 13.52 2.09
CA ASN A 568 -12.39 12.48 3.01
C ASN A 568 -11.93 13.06 4.35
N ARG A 569 -11.39 14.27 4.34
CA ARG A 569 -10.99 14.89 5.61
C ARG A 569 -12.19 15.06 6.52
N GLN A 570 -13.28 15.64 6.01
CA GLN A 570 -14.46 15.84 6.84
C GLN A 570 -15.06 14.53 7.34
N PHE A 571 -14.74 13.42 6.69
CA PHE A 571 -15.29 12.13 7.09
C PHE A 571 -14.44 11.45 8.14
N HIS A 572 -13.11 11.53 8.03
CA HIS A 572 -12.22 10.72 8.85
C HIS A 572 -11.38 11.49 9.86
N GLN A 573 -11.20 12.80 9.70
CA GLN A 573 -10.18 13.49 10.47
C GLN A 573 -10.44 13.44 11.97
N LYS A 574 -11.71 13.41 12.38
CA LYS A 574 -12.00 13.38 13.81
C LYS A 574 -11.49 12.09 14.45
N LEU A 575 -11.66 10.96 13.76
CA LEU A 575 -11.11 9.71 14.27
C LEU A 575 -9.60 9.67 14.14
N LEU A 576 -9.07 10.10 12.99
CA LEU A 576 -7.64 10.07 12.80
C LEU A 576 -6.90 10.91 13.82
N LYS A 577 -7.46 12.06 14.20
CA LYS A 577 -6.83 12.91 15.19
C LYS A 577 -6.85 12.30 16.58
N SER A 578 -7.70 11.31 16.83
CA SER A 578 -7.77 10.65 18.14
C SER A 578 -6.89 9.42 18.21
N ILE A 579 -6.61 8.77 17.08
CA ILE A 579 -5.67 7.66 17.07
C ILE A 579 -4.26 8.16 17.33
N ALA A 580 -3.96 9.39 16.92
CA ALA A 580 -2.63 9.98 17.08
C ALA A 580 -2.49 10.77 18.36
N ALA A 581 -3.50 10.77 19.23
CA ALA A 581 -3.44 11.48 20.50
C ALA A 581 -3.59 10.54 21.70
N THR A 582 -3.50 9.23 21.49
CA THR A 582 -3.63 8.25 22.55
C THR A 582 -2.27 7.63 22.84
N ARG A 583 -1.97 7.44 24.12
CA ARG A 583 -0.70 6.90 24.57
C ARG A 583 -0.93 5.58 25.29
N GLY A 584 -0.11 4.59 24.97
CA GLY A 584 -0.22 3.28 25.60
C GLY A 584 -1.07 2.28 24.85
N ALA A 585 -1.40 2.54 23.59
CA ALA A 585 -2.24 1.67 22.79
C ALA A 585 -1.40 0.82 21.85
N THR A 586 -2.07 -0.10 21.16
CA THR A 586 -1.37 -0.97 20.22
C THR A 586 -0.79 -0.16 19.05
N VAL A 587 -1.58 0.75 18.51
CA VAL A 587 -1.12 1.60 17.41
C VAL A 587 -0.36 2.78 17.99
N VAL A 588 0.88 2.97 17.55
CA VAL A 588 1.77 3.95 18.14
C VAL A 588 2.03 5.09 17.17
N ILE A 589 1.05 5.38 16.30
CA ILE A 589 1.14 6.58 15.48
C ILE A 589 0.92 7.80 16.35
N GLY A 590 1.72 8.83 16.15
CA GLY A 590 1.63 10.05 16.92
C GLY A 590 2.49 10.10 18.16
N THR A 591 3.21 9.02 18.49
CA THR A 591 4.11 8.98 19.62
C THR A 591 5.53 9.25 19.14
N SER A 592 6.23 10.14 19.83
CA SER A 592 7.59 10.49 19.46
C SER A 592 8.60 9.63 20.21
N LYS A 593 9.82 9.62 19.70
CA LYS A 593 10.92 8.89 20.33
C LYS A 593 11.77 9.76 21.24
N PHE A 594 11.46 11.04 21.36
CA PHE A 594 12.23 11.97 22.17
C PHE A 594 11.66 12.06 23.57
N TYR A 595 12.50 12.56 24.48
CA TYR A 595 12.11 12.77 25.87
C TYR A 595 11.57 11.49 26.49
N GLY A 596 12.27 10.38 26.26
CA GLY A 596 11.87 9.11 26.82
C GLY A 596 10.60 8.51 26.25
N GLY A 597 10.40 8.61 24.94
CA GLY A 597 9.26 8.01 24.30
C GLY A 597 9.55 6.59 23.84
N TRP A 598 10.77 6.36 23.36
CA TRP A 598 11.17 5.02 22.96
C TRP A 598 11.11 4.06 24.15
N HIS A 599 11.62 4.49 25.30
CA HIS A 599 11.57 3.66 26.49
C HIS A 599 10.15 3.35 26.89
N ASN A 600 9.27 4.35 26.86
CA ASN A 600 7.88 4.13 27.23
C ASN A 600 7.21 3.14 26.28
N MET A 601 7.44 3.29 24.97
CA MET A 601 6.83 2.36 24.02
C MET A 601 7.32 0.94 24.23
N LEU A 602 8.62 0.75 24.42
CA LEU A 602 9.14 -0.61 24.61
C LEU A 602 8.60 -1.21 25.90
N LYS A 603 8.61 -0.44 27.00
CA LYS A 603 8.10 -0.97 28.26
C LYS A 603 6.62 -1.29 28.17
N THR A 604 5.86 -0.52 27.39
CA THR A 604 4.46 -0.85 27.18
C THR A 604 4.29 -2.14 26.40
N VAL A 605 5.13 -2.35 25.38
CA VAL A 605 5.03 -3.58 24.60
C VAL A 605 5.36 -4.79 25.45
N TYR A 606 6.42 -4.70 26.26
CA TYR A 606 6.83 -5.86 27.06
C TYR A 606 5.71 -6.31 27.98
N SER A 607 5.02 -5.37 28.62
CA SER A 607 3.81 -5.64 29.41
C SER A 607 4.13 -6.76 30.40
N ASP A 608 3.25 -7.75 30.55
CA ASP A 608 3.45 -8.84 31.51
C ASP A 608 3.51 -10.18 30.80
N VAL A 609 4.10 -10.22 29.61
CA VAL A 609 4.22 -11.48 28.89
C VAL A 609 5.17 -12.41 29.63
N GLU A 610 4.86 -13.70 29.62
CA GLU A 610 5.64 -14.70 30.34
C GLU A 610 6.52 -15.48 29.35
N ASN A 611 7.77 -15.68 29.73
CA ASN A 611 8.76 -16.32 28.86
C ASN A 611 8.86 -15.58 27.53
N PRO A 612 9.08 -14.26 27.56
CA PRO A 612 8.89 -13.45 26.35
C PRO A 612 10.02 -13.59 25.34
N HIS A 613 9.65 -13.55 24.07
CA HIS A 613 10.56 -13.38 22.95
C HIS A 613 10.03 -12.27 22.07
N LEU A 614 10.91 -11.67 21.27
CA LEU A 614 10.53 -10.60 20.37
C LEU A 614 10.65 -11.08 18.93
N MET A 615 9.73 -10.64 18.08
CA MET A 615 9.78 -10.98 16.67
C MET A 615 9.32 -9.80 15.82
N GLY A 616 9.76 -9.81 14.58
CA GLY A 616 9.34 -8.80 13.61
C GLY A 616 9.41 -9.37 12.21
N TRP A 617 8.59 -8.80 11.32
CA TRP A 617 8.44 -9.32 9.97
C TRP A 617 8.31 -8.13 9.01
N ASP A 618 8.14 -8.45 7.72
CA ASP A 618 7.93 -7.43 6.70
C ASP A 618 7.02 -7.97 5.62
N TYR A 619 6.36 -7.05 4.91
CA TYR A 619 5.41 -7.41 3.86
C TYR A 619 6.04 -7.14 2.50
N PRO A 620 6.32 -8.16 1.70
CA PRO A 620 6.80 -7.89 0.33
C PRO A 620 5.71 -7.25 -0.51
N LYS A 621 6.07 -6.20 -1.25
CA LYS A 621 5.15 -5.52 -2.14
C LYS A 621 3.86 -5.15 -1.42
N CYS A 622 4.00 -4.54 -0.25
CA CYS A 622 2.85 -4.32 0.62
C CYS A 622 1.75 -3.57 -0.10
N ASP A 623 2.08 -2.44 -0.73
CA ASP A 623 1.07 -1.63 -1.38
C ASP A 623 0.60 -2.22 -2.71
N ARG A 624 1.50 -2.88 -3.43
CA ARG A 624 1.14 -3.43 -4.74
C ARG A 624 0.23 -4.65 -4.60
N ALA A 625 0.54 -5.54 -3.67
CA ALA A 625 -0.08 -6.86 -3.62
C ALA A 625 -1.23 -6.97 -2.64
N MET A 626 -1.65 -5.88 -2.03
CA MET A 626 -2.74 -5.96 -1.06
C MET A 626 -4.04 -6.31 -1.78
N PRO A 627 -4.75 -7.36 -1.35
CA PRO A 627 -6.02 -7.70 -2.01
C PRO A 627 -7.11 -6.69 -1.71
N ASN A 628 -8.12 -6.68 -2.59
CA ASN A 628 -9.19 -5.69 -2.51
C ASN A 628 -10.24 -6.01 -1.45
N MET A 629 -10.21 -7.20 -0.86
CA MET A 629 -11.16 -7.52 0.19
C MET A 629 -10.69 -7.03 1.55
N LEU A 630 -9.38 -6.91 1.75
CA LEU A 630 -8.85 -6.39 3.00
C LEU A 630 -8.82 -4.88 3.04
N ARG A 631 -8.78 -4.21 1.88
CA ARG A 631 -8.87 -2.75 1.86
C ARG A 631 -10.30 -2.29 2.15
N ILE A 632 -11.29 -2.95 1.55
CA ILE A 632 -12.68 -2.65 1.88
C ILE A 632 -12.93 -2.92 3.36
N MET A 633 -12.38 -4.03 3.88
CA MET A 633 -12.54 -4.33 5.29
C MET A 633 -11.88 -3.27 6.16
N ALA A 634 -10.70 -2.79 5.76
CA ALA A 634 -10.04 -1.73 6.53
C ALA A 634 -10.87 -0.47 6.54
N SER A 635 -11.50 -0.14 5.41
CA SER A 635 -12.37 1.04 5.34
C SER A 635 -13.70 0.85 6.04
N LEU A 636 -14.10 -0.39 6.31
CA LEU A 636 -15.38 -0.63 6.98
C LEU A 636 -15.27 -0.54 8.50
N VAL A 637 -14.08 -0.78 9.06
CA VAL A 637 -13.94 -0.65 10.51
C VAL A 637 -13.67 0.80 10.90
N LEU A 638 -13.04 1.57 10.02
CA LEU A 638 -12.87 3.00 10.28
C LEU A 638 -14.20 3.74 10.26
N ALA A 639 -15.19 3.20 9.57
CA ALA A 639 -16.50 3.84 9.43
C ALA A 639 -17.49 3.39 10.48
N ARG A 640 -17.09 2.55 11.43
CA ARG A 640 -18.00 2.11 12.49
C ARG A 640 -18.21 3.17 13.55
N LYS A 641 -17.47 4.27 13.50
CA LYS A 641 -17.65 5.38 14.42
C LYS A 641 -18.84 6.27 14.04
N HIS A 642 -19.48 6.02 12.90
CA HIS A 642 -20.54 6.87 12.38
C HIS A 642 -21.92 6.28 12.61
N THR A 643 -22.13 5.64 13.76
CA THR A 643 -23.42 5.03 14.04
C THR A 643 -24.52 6.05 14.30
N THR A 644 -24.16 7.29 14.65
CA THR A 644 -25.14 8.28 15.05
C THR A 644 -25.35 9.38 14.02
N CYS A 645 -24.34 9.70 13.21
CA CYS A 645 -24.42 10.82 12.29
C CYS A 645 -24.79 10.43 10.87
N CYS A 646 -24.71 9.15 10.52
CA CYS A 646 -24.97 8.69 9.16
C CYS A 646 -25.92 7.50 9.20
N SER A 647 -26.69 7.35 8.12
CA SER A 647 -27.54 6.18 7.94
C SER A 647 -26.80 5.14 7.12
N LEU A 648 -27.46 4.00 6.86
CA LEU A 648 -26.81 2.93 6.11
C LEU A 648 -26.52 3.34 4.67
N SER A 649 -27.46 4.05 4.03
CA SER A 649 -27.25 4.47 2.65
C SER A 649 -26.08 5.44 2.55
N HIS A 650 -25.99 6.40 3.48
CA HIS A 650 -24.87 7.34 3.47
C HIS A 650 -23.55 6.61 3.64
N ARG A 651 -23.50 5.64 4.55
CA ARG A 651 -22.26 4.89 4.76
C ARG A 651 -21.88 4.10 3.52
N PHE A 652 -22.87 3.47 2.87
CA PHE A 652 -22.56 2.72 1.66
C PHE A 652 -22.03 3.64 0.57
N TYR A 653 -22.64 4.81 0.39
CA TYR A 653 -22.19 5.70 -0.67
C TYR A 653 -20.82 6.29 -0.37
N ARG A 654 -20.51 6.50 0.92
CA ARG A 654 -19.15 6.90 1.26
C ARG A 654 -18.15 5.80 0.93
N LEU A 655 -18.50 4.55 1.23
CA LEU A 655 -17.64 3.43 0.85
C LEU A 655 -17.45 3.37 -0.66
N ALA A 656 -18.53 3.57 -1.41
CA ALA A 656 -18.45 3.55 -2.86
C ALA A 656 -17.54 4.65 -3.39
N ASN A 657 -17.64 5.86 -2.81
CA ASN A 657 -16.74 6.94 -3.21
C ASN A 657 -15.29 6.57 -2.93
N GLU A 658 -15.02 6.06 -1.73
CA GLU A 658 -13.65 5.68 -1.39
C GLU A 658 -13.11 4.66 -2.39
N CYS A 659 -13.90 3.63 -2.70
CA CYS A 659 -13.44 2.63 -3.65
C CYS A 659 -13.24 3.23 -5.03
N ALA A 660 -14.15 4.12 -5.46
CA ALA A 660 -14.11 4.63 -6.83
C ALA A 660 -12.94 5.57 -7.05
N GLN A 661 -12.49 6.28 -6.01
CA GLN A 661 -11.41 7.25 -6.21
C GLN A 661 -10.13 6.92 -5.45
N VAL A 662 -10.03 5.74 -4.83
CA VAL A 662 -8.78 5.30 -4.24
C VAL A 662 -8.42 3.89 -4.70
N LEU A 663 -9.35 2.95 -4.54
CA LEU A 663 -9.02 1.54 -4.70
C LEU A 663 -8.78 1.20 -6.18
N SER A 664 -9.82 1.34 -7.00
CA SER A 664 -9.73 1.08 -8.44
C SER A 664 -10.17 2.35 -9.15
N GLU A 665 -9.27 2.90 -9.96
CA GLU A 665 -9.48 4.23 -10.52
C GLU A 665 -8.63 4.35 -11.78
N MET A 666 -8.58 5.57 -12.34
CA MET A 666 -7.78 5.86 -13.51
C MET A 666 -6.58 6.69 -13.10
N VAL A 667 -5.39 6.27 -13.54
CA VAL A 667 -4.14 6.92 -13.20
C VAL A 667 -3.58 7.60 -14.44
N MET A 668 -2.97 8.76 -14.24
CA MET A 668 -2.40 9.58 -15.30
C MET A 668 -0.88 9.47 -15.21
N CYS A 669 -0.33 8.47 -15.86
CA CYS A 669 1.11 8.19 -15.83
C CYS A 669 1.72 8.54 -17.17
N GLY A 670 2.31 9.73 -17.26
CA GLY A 670 2.96 10.14 -18.49
C GLY A 670 2.03 10.75 -19.52
N GLY A 671 0.94 11.36 -19.08
CA GLY A 671 0.03 11.98 -20.03
C GLY A 671 -0.98 11.03 -20.64
N SER A 672 -1.18 9.86 -20.05
CA SER A 672 -2.11 8.87 -20.56
C SER A 672 -2.88 8.25 -19.42
N LEU A 673 -4.16 7.95 -19.65
CA LEU A 673 -5.03 7.38 -18.63
C LEU A 673 -5.00 5.86 -18.74
N TYR A 674 -4.55 5.22 -17.67
CA TYR A 674 -4.57 3.77 -17.48
C TYR A 674 -5.53 3.43 -16.35
N VAL A 675 -5.87 2.15 -16.23
CA VAL A 675 -6.73 1.66 -15.16
C VAL A 675 -5.87 1.01 -14.10
N LYS A 676 -6.24 1.21 -12.83
CA LYS A 676 -5.48 0.68 -11.71
C LYS A 676 -6.15 -0.60 -11.21
N PRO A 677 -5.49 -1.75 -11.24
CA PRO A 677 -6.16 -2.99 -10.79
C PRO A 677 -6.62 -2.94 -9.35
N GLY A 678 -5.85 -2.32 -8.48
CA GLY A 678 -6.18 -2.28 -7.07
C GLY A 678 -4.96 -1.93 -6.25
N GLY A 679 -5.03 -2.26 -4.96
CA GLY A 679 -3.94 -1.99 -4.06
C GLY A 679 -4.21 -0.80 -3.16
N THR A 680 -3.17 -0.06 -2.82
CA THR A 680 -3.29 1.11 -1.96
C THR A 680 -2.61 2.28 -2.63
N SER A 681 -3.19 3.47 -2.48
CA SER A 681 -2.63 4.70 -2.99
C SER A 681 -1.82 5.40 -1.91
N SER A 682 -0.71 6.02 -2.32
CA SER A 682 0.19 6.69 -1.39
C SER A 682 -0.18 8.15 -1.18
N GLY A 683 -1.44 8.52 -1.39
CA GLY A 683 -1.88 9.88 -1.19
C GLY A 683 -3.24 9.96 -0.56
N ASP A 684 -3.80 8.80 -0.20
CA ASP A 684 -5.08 8.76 0.48
C ASP A 684 -4.95 9.33 1.89
N ALA A 685 -6.03 9.94 2.36
CA ALA A 685 -6.00 10.57 3.69
C ALA A 685 -5.80 9.55 4.80
N THR A 686 -6.10 8.28 4.57
CA THR A 686 -6.08 7.24 5.58
C THR A 686 -5.18 6.08 5.16
N THR A 687 -3.96 6.40 4.73
CA THR A 687 -3.05 5.35 4.30
C THR A 687 -2.41 4.66 5.50
N ALA A 688 -1.81 5.43 6.41
CA ALA A 688 -1.15 4.83 7.57
C ALA A 688 -2.13 4.04 8.42
N TYR A 689 -3.33 4.57 8.63
CA TYR A 689 -4.29 3.94 9.53
C TYR A 689 -4.90 2.69 8.89
N ALA A 690 -5.19 2.75 7.59
CA ALA A 690 -5.65 1.56 6.89
C ALA A 690 -4.57 0.47 6.90
N ASN A 691 -3.30 0.88 6.74
CA ASN A 691 -2.23 -0.10 6.81
C ASN A 691 -2.12 -0.72 8.20
N SER A 692 -2.34 0.08 9.24
CA SER A 692 -2.34 -0.47 10.60
C SER A 692 -3.45 -1.50 10.76
N VAL A 693 -4.65 -1.19 10.25
CA VAL A 693 -5.76 -2.13 10.33
C VAL A 693 -5.41 -3.42 9.60
N PHE A 694 -4.80 -3.30 8.41
CA PHE A 694 -4.42 -4.48 7.64
C PHE A 694 -3.39 -5.33 8.39
N ASN A 695 -2.41 -4.68 9.03
CA ASN A 695 -1.42 -5.40 9.80
C ASN A 695 -2.05 -6.17 10.95
N ILE A 696 -2.95 -5.53 11.69
CA ILE A 696 -3.59 -6.20 12.82
C ILE A 696 -4.43 -7.37 12.31
N CYS A 697 -5.12 -7.18 11.18
CA CYS A 697 -5.94 -8.26 10.63
C CYS A 697 -5.10 -9.47 10.29
N GLN A 698 -3.95 -9.24 9.64
CA GLN A 698 -3.08 -10.36 9.28
C GLN A 698 -2.56 -11.07 10.52
N ALA A 699 -2.19 -10.32 11.55
CA ALA A 699 -1.70 -10.95 12.78
C ALA A 699 -2.76 -11.81 13.44
N VAL A 700 -4.00 -11.29 13.53
CA VAL A 700 -5.08 -12.07 14.15
C VAL A 700 -5.38 -13.32 13.33
N THR A 701 -5.37 -13.20 12.00
CA THR A 701 -5.61 -14.38 11.17
C THR A 701 -4.53 -15.42 11.39
N ALA A 702 -3.28 -14.99 11.49
CA ALA A 702 -2.20 -15.93 11.76
C ALA A 702 -2.41 -16.66 13.07
N ASN A 703 -2.83 -15.93 14.12
CA ASN A 703 -3.08 -16.59 15.40
C ASN A 703 -4.21 -17.60 15.31
N VAL A 704 -5.30 -17.23 14.62
CA VAL A 704 -6.43 -18.15 14.51
C VAL A 704 -6.01 -19.42 13.77
N ASN A 705 -5.23 -19.27 12.68
CA ASN A 705 -4.75 -20.44 11.96
C ASN A 705 -3.81 -21.28 12.80
N ALA A 706 -2.98 -20.63 13.63
CA ALA A 706 -2.04 -21.37 14.47
C ALA A 706 -2.77 -22.19 15.52
N LEU A 707 -3.84 -21.66 16.10
CA LEU A 707 -4.51 -22.37 17.18
C LEU A 707 -5.37 -23.53 16.68
N LEU A 708 -5.98 -23.41 15.49
CA LEU A 708 -6.90 -24.43 15.00
C LEU A 708 -6.21 -25.58 14.29
N SER A 709 -4.91 -25.47 13.97
CA SER A 709 -4.18 -26.53 13.28
C SER A 709 -3.38 -27.39 14.23
N THR A 710 -3.65 -27.32 15.52
CA THR A 710 -3.00 -28.13 16.54
C THR A 710 -3.79 -29.39 16.79
N ASP A 711 -3.14 -30.40 17.36
CA ASP A 711 -3.76 -31.70 17.51
C ASP A 711 -5.03 -31.61 18.35
N GLY A 712 -4.95 -30.98 19.52
CA GLY A 712 -6.11 -30.83 20.36
C GLY A 712 -6.17 -31.83 21.49
N ASN A 713 -5.82 -33.08 21.20
CA ASN A 713 -5.72 -34.09 22.24
C ASN A 713 -4.41 -34.03 23.01
N LYS A 714 -3.44 -33.25 22.52
CA LYS A 714 -2.14 -33.13 23.16
C LYS A 714 -1.94 -31.79 23.84
N ILE A 715 -3.00 -30.99 23.99
CA ILE A 715 -2.91 -29.73 24.72
C ILE A 715 -3.10 -30.04 26.20
N ALA A 716 -2.09 -29.72 27.00
CA ALA A 716 -2.13 -30.06 28.42
C ALA A 716 -3.09 -29.13 29.18
N ASP A 717 -3.04 -27.84 28.89
CA ASP A 717 -3.85 -26.88 29.63
C ASP A 717 -5.33 -27.08 29.33
N LYS A 718 -6.16 -27.05 30.37
CA LYS A 718 -7.59 -27.21 30.20
C LYS A 718 -8.24 -25.94 29.64
N TYR A 719 -7.77 -24.77 30.06
CA TYR A 719 -8.36 -23.52 29.59
C TYR A 719 -8.08 -23.26 28.12
N VAL A 720 -6.88 -23.63 27.64
CA VAL A 720 -6.52 -23.41 26.25
C VAL A 720 -7.02 -24.52 25.34
N ARG A 721 -7.63 -25.57 25.90
CA ARG A 721 -8.22 -26.63 25.11
C ARG A 721 -9.73 -26.45 24.93
N ASN A 722 -10.39 -25.76 25.85
CA ASN A 722 -11.77 -25.34 25.64
C ASN A 722 -11.86 -24.06 24.83
N LEU A 723 -10.76 -23.35 24.64
CA LEU A 723 -10.74 -22.17 23.78
C LEU A 723 -10.59 -22.53 22.31
N GLN A 724 -10.16 -23.76 22.01
CA GLN A 724 -10.06 -24.23 20.63
C GLN A 724 -11.36 -24.87 20.17
N HIS A 725 -12.06 -25.56 21.05
CA HIS A 725 -13.35 -26.14 20.71
C HIS A 725 -14.42 -25.07 20.53
N ARG A 726 -14.24 -23.91 21.15
CA ARG A 726 -15.19 -22.81 21.06
C ARG A 726 -14.86 -21.83 19.94
N LEU A 727 -13.62 -21.81 19.46
CA LEU A 727 -13.27 -20.96 18.33
C LEU A 727 -13.81 -21.55 17.03
N TYR A 728 -13.74 -22.87 16.90
CA TYR A 728 -14.30 -23.53 15.72
C TYR A 728 -15.80 -23.28 15.62
N GLU A 729 -16.51 -23.34 16.75
CA GLU A 729 -17.94 -23.05 16.73
C GLU A 729 -18.21 -21.62 16.32
N CYS A 730 -17.48 -20.68 16.87
CA CYS A 730 -17.71 -19.27 16.53
C CYS A 730 -17.34 -18.96 15.10
N LEU A 731 -16.48 -19.75 14.47
CA LEU A 731 -16.14 -19.54 13.07
C LEU A 731 -17.14 -20.22 12.14
N TYR A 732 -17.34 -21.52 12.29
CA TYR A 732 -18.05 -22.33 11.30
C TYR A 732 -19.39 -22.87 11.78
N ARG A 733 -19.84 -22.54 12.98
CA ARG A 733 -21.11 -23.07 13.47
C ARG A 733 -21.99 -22.04 14.17
N ASN A 734 -21.56 -20.80 14.30
CA ASN A 734 -22.39 -19.72 14.82
C ASN A 734 -22.59 -18.68 13.72
N ARG A 735 -23.83 -18.29 13.49
CA ARG A 735 -24.14 -17.32 12.45
C ARG A 735 -24.13 -15.89 12.99
N ASP A 736 -24.62 -15.69 14.20
CA ASP A 736 -24.58 -14.40 14.85
C ASP A 736 -23.25 -14.20 15.57
N VAL A 737 -23.05 -13.01 16.10
CA VAL A 737 -21.81 -12.66 16.78
C VAL A 737 -21.94 -13.01 18.25
N ASP A 738 -20.96 -13.77 18.76
CA ASP A 738 -20.89 -14.10 20.18
C ASP A 738 -20.06 -13.03 20.86
N THR A 739 -20.72 -12.03 21.44
CA THR A 739 -20.02 -10.89 22.01
C THR A 739 -19.16 -11.28 23.21
N ASP A 740 -19.48 -12.37 23.89
CA ASP A 740 -18.75 -12.78 25.07
C ASP A 740 -17.50 -13.59 24.77
N PHE A 741 -17.31 -14.01 23.52
CA PHE A 741 -16.09 -14.73 23.14
C PHE A 741 -15.09 -13.86 22.41
N VAL A 742 -15.53 -12.85 21.65
CA VAL A 742 -14.56 -11.92 21.06
C VAL A 742 -13.92 -11.07 22.14
N ASN A 743 -14.49 -11.01 23.34
CA ASN A 743 -13.81 -10.40 24.47
C ASN A 743 -12.88 -11.38 25.16
N GLU A 744 -13.15 -12.68 25.06
CA GLU A 744 -12.32 -13.70 25.67
C GLU A 744 -11.14 -14.09 24.81
N PHE A 745 -11.33 -14.13 23.48
CA PHE A 745 -10.20 -14.37 22.59
C PHE A 745 -9.32 -13.13 22.48
N TYR A 746 -9.89 -11.94 22.68
CA TYR A 746 -9.12 -10.72 22.61
C TYR A 746 -8.20 -10.58 23.82
N ALA A 747 -8.66 -10.98 25.00
CA ALA A 747 -7.80 -10.93 26.18
C ALA A 747 -6.68 -11.97 26.09
N TYR A 748 -7.02 -13.19 25.69
CA TYR A 748 -6.00 -14.22 25.51
C TYR A 748 -4.89 -13.76 24.58
N LEU A 749 -5.25 -12.98 23.57
CA LEU A 749 -4.28 -12.51 22.59
C LEU A 749 -3.45 -11.34 23.10
N ARG A 750 -3.84 -10.71 24.21
CA ARG A 750 -3.06 -9.61 24.76
C ARG A 750 -2.07 -10.06 25.82
N LYS A 751 -2.39 -11.12 26.57
CA LYS A 751 -1.47 -11.62 27.58
C LYS A 751 -0.37 -12.49 26.98
N HIS A 752 -0.53 -12.96 25.75
CA HIS A 752 0.43 -13.85 25.13
C HIS A 752 0.96 -13.36 23.80
N PHE A 753 0.36 -12.31 23.21
CA PHE A 753 0.78 -11.77 21.92
C PHE A 753 0.61 -10.26 21.98
N SER A 754 1.65 -9.54 22.40
CA SER A 754 1.60 -8.10 22.56
C SER A 754 2.20 -7.44 21.33
N MET A 755 1.43 -6.57 20.70
CA MET A 755 1.82 -5.98 19.42
C MET A 755 2.09 -4.49 19.57
N MET A 756 2.97 -3.98 18.70
CA MET A 756 3.20 -2.56 18.54
C MET A 756 3.23 -2.28 17.05
N ILE A 757 2.26 -1.51 16.56
CA ILE A 757 1.97 -1.37 15.14
C ILE A 757 2.14 0.09 14.76
N LEU A 758 2.87 0.34 13.68
CA LEU A 758 2.94 1.66 13.05
C LEU A 758 2.89 1.43 11.54
N SER A 759 1.73 1.67 10.94
CA SER A 759 1.51 1.46 9.51
C SER A 759 1.85 0.00 9.20
N ASP A 760 2.82 -0.29 8.35
CA ASP A 760 3.15 -1.66 7.99
C ASP A 760 4.33 -2.22 8.79
N ASP A 761 4.80 -1.49 9.80
CA ASP A 761 5.83 -1.99 10.71
C ASP A 761 5.20 -2.51 11.98
N ALA A 762 5.72 -3.63 12.49
CA ALA A 762 5.18 -4.23 13.68
C ALA A 762 6.29 -4.89 14.49
N VAL A 763 6.13 -4.88 15.81
CA VAL A 763 6.99 -5.60 16.73
C VAL A 763 6.11 -6.38 17.68
N VAL A 764 6.45 -7.64 17.92
CA VAL A 764 5.61 -8.53 18.73
C VAL A 764 6.44 -9.12 19.86
N CYS A 765 5.89 -9.07 21.07
CA CYS A 765 6.43 -9.78 22.22
C CYS A 765 5.46 -10.92 22.54
N PHE A 766 5.95 -12.15 22.50
CA PHE A 766 5.09 -13.32 22.61
C PHE A 766 5.65 -14.33 23.59
N ASN A 767 4.74 -15.15 24.12
CA ASN A 767 5.11 -16.23 25.03
C ASN A 767 5.85 -17.32 24.25
N SER A 768 7.10 -17.56 24.62
CA SER A 768 7.93 -18.47 23.84
C SER A 768 7.52 -19.93 24.03
N THR A 769 7.00 -20.28 25.20
CA THR A 769 6.61 -21.67 25.44
C THR A 769 5.32 -22.03 24.72
N TYR A 770 4.40 -21.08 24.58
CA TYR A 770 3.18 -21.34 23.82
C TYR A 770 3.47 -21.49 22.33
N ALA A 771 4.34 -20.63 21.78
CA ALA A 771 4.62 -20.68 20.36
C ALA A 771 5.24 -22.01 19.96
N SER A 772 6.08 -22.57 20.82
CA SER A 772 6.69 -23.86 20.52
C SER A 772 5.66 -24.98 20.48
N GLN A 773 4.60 -24.87 21.27
CA GLN A 773 3.53 -25.86 21.32
C GLN A 773 2.44 -25.61 20.30
N GLY A 774 2.49 -24.50 19.56
CA GLY A 774 1.49 -24.22 18.57
C GLY A 774 0.23 -23.58 19.08
N LEU A 775 0.33 -22.75 20.12
CA LEU A 775 -0.82 -22.05 20.66
C LEU A 775 -0.83 -20.56 20.29
N VAL A 776 0.28 -20.02 19.82
CA VAL A 776 0.35 -18.66 19.29
C VAL A 776 1.09 -18.72 17.96
N ALA A 777 1.02 -17.62 17.22
CA ALA A 777 1.62 -17.58 15.89
C ALA A 777 3.14 -17.52 15.96
N SER A 778 3.78 -18.14 14.98
CA SER A 778 5.21 -18.09 14.79
C SER A 778 5.49 -17.45 13.42
N ILE A 779 6.77 -17.42 13.04
CA ILE A 779 7.12 -16.84 11.75
C ILE A 779 6.76 -17.77 10.60
N LYS A 780 6.51 -19.05 10.89
CA LYS A 780 6.02 -19.94 9.84
C LYS A 780 4.53 -19.72 9.56
N ASN A 781 3.75 -19.39 10.59
CA ASN A 781 2.33 -19.14 10.40
C ASN A 781 2.10 -17.89 9.56
N PHE A 782 2.89 -16.84 9.78
CA PHE A 782 2.76 -15.66 8.93
C PHE A 782 3.12 -15.98 7.48
N LYS A 783 4.18 -16.75 7.28
CA LYS A 783 4.56 -17.14 5.92
C LYS A 783 3.46 -17.95 5.26
N SER A 784 2.75 -18.76 6.05
CA SER A 784 1.62 -19.53 5.50
C SER A 784 0.46 -18.62 5.15
N VAL A 785 0.14 -17.65 6.01
CA VAL A 785 -1.04 -16.82 5.79
C VAL A 785 -0.83 -15.88 4.62
N LEU A 786 0.36 -15.29 4.51
CA LEU A 786 0.65 -14.39 3.40
C LEU A 786 0.64 -15.08 2.05
N TYR A 787 0.68 -16.40 2.02
CA TYR A 787 0.76 -17.10 0.74
C TYR A 787 -0.60 -17.22 0.08
N TYR A 788 -1.62 -17.66 0.82
CA TYR A 788 -2.94 -17.85 0.25
C TYR A 788 -3.85 -16.65 0.45
N GLN A 789 -3.50 -15.70 1.31
CA GLN A 789 -4.30 -14.52 1.56
C GLN A 789 -3.65 -13.25 1.08
N ASN A 790 -2.42 -13.31 0.56
CA ASN A 790 -1.75 -12.11 0.09
C ASN A 790 -1.01 -12.33 -1.23
N ASN A 791 -0.99 -13.54 -1.78
CA ASN A 791 -0.32 -13.83 -3.05
C ASN A 791 1.11 -13.30 -3.04
N VAL A 792 1.84 -13.64 -1.98
CA VAL A 792 3.19 -13.14 -1.79
C VAL A 792 3.93 -14.15 -0.92
N PHE A 793 5.22 -14.33 -1.19
CA PHE A 793 6.06 -15.25 -0.44
C PHE A 793 6.99 -14.45 0.46
N MET A 794 6.92 -14.69 1.77
CA MET A 794 7.72 -13.99 2.75
C MET A 794 8.86 -14.91 3.19
N SER A 795 10.07 -14.56 2.79
CA SER A 795 11.24 -15.37 3.13
C SER A 795 11.72 -15.07 4.54
N GLU A 796 12.22 -16.09 5.21
CA GLU A 796 12.73 -15.93 6.57
C GLU A 796 14.14 -15.39 6.57
N ALA A 797 14.36 -14.30 5.83
CA ALA A 797 15.58 -13.53 5.90
C ALA A 797 15.34 -12.05 6.09
N LYS A 798 14.10 -11.58 5.89
CA LYS A 798 13.69 -10.22 6.17
C LYS A 798 12.90 -10.12 7.47
N CYS A 799 12.84 -11.23 8.22
CA CYS A 799 12.20 -11.28 9.53
C CYS A 799 13.27 -11.54 10.58
N TRP A 800 13.01 -11.10 11.81
CA TRP A 800 13.98 -11.25 12.88
C TRP A 800 13.31 -11.75 14.14
N THR A 801 14.11 -12.42 14.98
CA THR A 801 13.69 -12.88 16.30
C THR A 801 14.79 -12.57 17.30
N GLU A 802 14.38 -12.30 18.54
CA GLU A 802 15.30 -11.93 19.62
C GLU A 802 14.87 -12.65 20.88
N THR A 803 15.78 -13.42 21.46
CA THR A 803 15.49 -14.19 22.66
C THR A 803 15.88 -13.46 23.95
N ASP A 804 16.56 -12.31 23.85
CA ASP A 804 16.99 -11.54 25.00
C ASP A 804 16.32 -10.17 24.93
N LEU A 805 15.59 -9.80 25.98
CA LEU A 805 14.83 -8.56 25.96
C LEU A 805 15.64 -7.34 26.42
N THR A 806 16.83 -7.54 26.96
CA THR A 806 17.67 -6.40 27.34
C THR A 806 18.35 -5.76 26.14
N LYS A 807 18.28 -6.38 24.97
CA LYS A 807 18.82 -5.82 23.74
C LYS A 807 17.77 -5.14 22.88
N GLY A 808 16.49 -5.28 23.23
CA GLY A 808 15.43 -4.57 22.54
C GLY A 808 15.19 -5.08 21.14
N PRO A 809 14.26 -4.47 20.43
CA PRO A 809 13.98 -4.89 19.05
C PRO A 809 15.21 -4.71 18.17
N HIS A 810 15.38 -5.65 17.23
CA HIS A 810 16.47 -5.53 16.27
C HIS A 810 16.26 -4.32 15.37
N GLU A 811 15.02 -4.07 14.96
CA GLU A 811 14.73 -2.88 14.17
C GLU A 811 13.27 -2.50 14.31
N PHE A 812 13.00 -1.20 14.30
CA PHE A 812 11.64 -0.69 14.26
C PHE A 812 11.73 0.74 13.73
N CYS A 813 11.20 0.97 12.53
CA CYS A 813 11.28 2.26 11.87
C CYS A 813 12.73 2.65 11.59
N SER A 814 13.51 1.70 11.08
CA SER A 814 14.91 1.89 10.69
C SER A 814 15.83 2.21 11.87
N GLN A 815 15.33 2.15 13.09
CA GLN A 815 16.10 2.47 14.28
C GLN A 815 16.47 1.20 15.02
N HIS A 816 17.68 1.16 15.55
CA HIS A 816 18.11 0.12 16.47
C HIS A 816 17.89 0.58 17.90
N THR A 817 18.02 -0.34 18.84
CA THR A 817 17.80 -0.06 20.25
C THR A 817 19.03 -0.45 21.06
N MET A 818 19.23 0.24 22.18
CA MET A 818 20.43 0.07 22.98
C MET A 818 20.12 0.46 24.42
N LEU A 819 20.48 -0.41 25.36
CA LEU A 819 20.25 -0.16 26.78
C LEU A 819 21.47 0.58 27.33
N VAL A 820 21.26 1.83 27.75
CA VAL A 820 22.35 2.70 28.20
C VAL A 820 22.01 3.27 29.56
N LYS A 821 23.03 3.40 30.42
CA LYS A 821 22.84 4.05 31.70
C LYS A 821 22.64 5.54 31.52
N GLN A 822 21.72 6.11 32.30
CA GLN A 822 21.40 7.53 32.18
C GLN A 822 20.80 8.00 33.50
N GLY A 823 21.56 8.79 34.25
CA GLY A 823 21.06 9.37 35.48
C GLY A 823 20.72 8.34 36.53
N ASP A 824 21.60 7.38 36.75
CA ASP A 824 21.48 6.34 37.77
C ASP A 824 20.45 5.28 37.40
N ASP A 825 19.93 5.31 36.17
CA ASP A 825 18.99 4.29 35.71
C ASP A 825 19.24 4.03 34.24
N TYR A 826 18.84 2.83 33.79
CA TYR A 826 19.05 2.39 32.43
C TYR A 826 17.81 2.65 31.59
N VAL A 827 18.02 3.02 30.33
CA VAL A 827 16.93 3.32 29.42
C VAL A 827 17.28 2.82 28.02
N TYR A 828 16.27 2.71 27.18
CA TYR A 828 16.44 2.31 25.79
C TYR A 828 16.48 3.54 24.90
N LEU A 829 17.50 3.65 24.06
CA LEU A 829 17.64 4.77 23.15
C LEU A 829 17.73 4.27 21.71
N PRO A 830 17.16 5.01 20.76
CA PRO A 830 17.31 4.63 19.35
C PRO A 830 18.52 5.30 18.70
N TYR A 831 19.21 4.55 17.86
CA TYR A 831 20.27 5.13 17.08
C TYR A 831 20.14 4.72 15.62
N PRO A 832 20.55 5.58 14.68
CA PRO A 832 20.36 5.26 13.26
C PRO A 832 21.52 4.50 12.66
N ASP A 833 21.43 4.24 11.36
CA ASP A 833 22.56 3.69 10.63
C ASP A 833 23.55 4.82 10.33
N PRO A 834 24.81 4.72 10.78
CA PRO A 834 25.74 5.83 10.52
C PRO A 834 25.89 6.17 9.05
N SER A 835 25.77 5.17 8.18
CA SER A 835 25.84 5.43 6.74
C SER A 835 24.75 6.38 6.30
N ARG A 836 23.56 6.28 6.89
CA ARG A 836 22.46 7.17 6.51
C ARG A 836 22.81 8.62 6.84
N ILE A 837 23.33 8.86 8.04
CA ILE A 837 23.67 10.22 8.46
C ILE A 837 24.80 10.77 7.60
N LEU A 838 25.84 9.97 7.37
CA LEU A 838 26.96 10.43 6.55
C LEU A 838 26.52 10.73 5.12
N GLY A 839 25.66 9.88 4.55
CA GLY A 839 25.18 10.13 3.20
C GLY A 839 24.31 11.36 3.12
N ALA A 840 23.50 11.61 4.15
CA ALA A 840 22.74 12.86 4.19
C ALA A 840 23.68 14.06 4.22
N GLY A 841 24.77 13.96 4.98
CA GLY A 841 25.72 15.06 5.02
C GLY A 841 26.43 15.30 3.70
N CYS A 842 26.87 14.22 3.04
CA CYS A 842 27.72 14.35 1.86
C CYS A 842 26.94 14.73 0.61
N PHE A 843 25.79 14.12 0.38
CA PHE A 843 25.01 14.31 -0.83
C PHE A 843 23.74 15.10 -0.53
N VAL A 844 23.46 16.10 -1.36
CA VAL A 844 22.30 16.96 -1.20
C VAL A 844 21.57 17.03 -2.54
N ASP A 845 20.31 17.48 -2.49
CA ASP A 845 19.45 17.52 -3.66
C ASP A 845 19.18 18.94 -4.14
N ASP A 846 20.13 19.85 -3.92
CA ASP A 846 20.00 21.22 -4.39
C ASP A 846 21.36 21.90 -4.31
N ILE A 847 21.75 22.62 -5.37
CA ILE A 847 23.09 23.17 -5.43
C ILE A 847 23.34 24.18 -4.32
N VAL A 848 22.28 24.82 -3.81
CA VAL A 848 22.46 25.81 -2.76
C VAL A 848 22.84 25.14 -1.44
N LYS A 849 22.37 23.92 -1.18
CA LYS A 849 22.65 23.26 0.09
C LYS A 849 24.11 22.90 0.24
N THR A 850 24.92 23.00 -0.81
CA THR A 850 26.34 22.68 -0.72
C THR A 850 27.16 23.83 -0.15
N ASP A 851 26.53 24.96 0.14
CA ASP A 851 27.19 26.08 0.81
C ASP A 851 26.93 25.95 2.31
N GLY A 852 27.96 25.58 3.06
CA GLY A 852 27.76 25.25 4.46
C GLY A 852 27.25 26.42 5.28
N THR A 853 27.79 27.63 5.04
CA THR A 853 27.46 28.76 5.89
C THR A 853 25.98 29.09 5.84
N LEU A 854 25.34 28.88 4.69
CA LEU A 854 23.92 29.17 4.57
C LEU A 854 23.06 28.14 5.30
N MET A 855 23.56 26.93 5.49
CA MET A 855 22.78 25.82 6.05
C MET A 855 23.52 25.30 7.27
N ILE A 856 23.29 25.93 8.42
CA ILE A 856 23.79 25.42 9.69
C ILE A 856 22.68 24.76 10.50
N GLU A 857 21.42 25.10 10.23
CA GLU A 857 20.31 24.36 10.82
C GLU A 857 20.18 22.96 10.23
N ARG A 858 20.71 22.74 9.03
CA ARG A 858 20.67 21.41 8.43
C ARG A 858 21.45 20.40 9.25
N PHE A 859 22.56 20.82 9.85
CA PHE A 859 23.42 19.92 10.60
C PHE A 859 23.02 19.77 12.06
N VAL A 860 22.29 20.73 12.62
CA VAL A 860 21.83 20.60 13.99
C VAL A 860 20.83 19.44 14.10
N SER A 861 19.91 19.33 13.14
CA SER A 861 18.98 18.21 13.17
C SER A 861 19.68 16.88 12.96
N LEU A 862 20.67 16.84 12.08
CA LEU A 862 21.43 15.60 11.87
C LEU A 862 22.18 15.22 13.13
N ALA A 863 22.74 16.20 13.85
CA ALA A 863 23.41 15.90 15.11
C ALA A 863 22.41 15.42 16.16
N ILE A 864 21.21 15.99 16.18
CA ILE A 864 20.18 15.48 17.09
C ILE A 864 19.90 14.02 16.81
N ASP A 865 19.75 13.67 15.53
CA ASP A 865 19.48 12.28 15.15
C ASP A 865 20.66 11.37 15.49
N ALA A 866 21.88 11.86 15.36
CA ALA A 866 23.08 11.05 15.53
C ALA A 866 23.63 11.04 16.94
N TYR A 867 23.06 11.80 17.87
CA TYR A 867 23.60 11.83 19.23
C TYR A 867 23.69 10.45 19.86
N PRO A 868 22.65 9.61 19.84
CA PRO A 868 22.71 8.35 20.59
C PRO A 868 23.87 7.46 20.20
N LEU A 869 24.48 7.68 19.03
CA LEU A 869 25.64 6.89 18.64
C LEU A 869 26.82 7.11 19.57
N THR A 870 26.80 8.18 20.36
CA THR A 870 27.92 8.48 21.25
C THR A 870 28.15 7.37 22.27
N LYS A 871 27.13 6.56 22.56
CA LYS A 871 27.18 5.57 23.62
C LYS A 871 27.30 4.14 23.08
N HIS A 872 27.71 4.00 21.82
CA HIS A 872 27.86 2.69 21.20
C HIS A 872 29.22 2.09 21.54
N PRO A 873 29.30 0.79 21.84
CA PRO A 873 30.61 0.21 22.16
C PRO A 873 31.64 0.36 21.05
N ASN A 874 31.21 0.34 19.79
CA ASN A 874 32.13 0.55 18.69
C ASN A 874 32.55 2.01 18.65
N GLN A 875 33.85 2.25 18.56
CA GLN A 875 34.37 3.62 18.60
C GLN A 875 34.35 4.31 17.25
N GLU A 876 34.15 3.58 16.16
CA GLU A 876 33.97 4.20 14.86
C GLU A 876 32.58 4.79 14.69
N TYR A 877 31.60 4.33 15.49
CA TYR A 877 30.27 4.91 15.45
C TYR A 877 30.19 6.19 16.26
N ALA A 878 30.86 6.23 17.42
CA ALA A 878 30.76 7.37 18.31
C ALA A 878 31.37 8.64 17.72
N ASP A 879 32.20 8.51 16.67
CA ASP A 879 32.90 9.67 16.13
C ASP A 879 32.05 10.50 15.18
N VAL A 880 30.91 9.99 14.71
CA VAL A 880 30.08 10.75 13.79
C VAL A 880 29.53 11.99 14.48
N PHE A 881 29.06 11.85 15.71
CA PHE A 881 28.52 12.98 16.45
C PHE A 881 29.58 14.06 16.66
N HIS A 882 30.79 13.66 17.06
CA HIS A 882 31.85 14.63 17.26
C HIS A 882 32.24 15.30 15.95
N LEU A 883 32.24 14.54 14.85
CA LEU A 883 32.49 15.13 13.55
C LEU A 883 31.47 16.22 13.24
N TYR A 884 30.20 15.94 13.50
CA TYR A 884 29.17 16.93 13.21
C TYR A 884 29.32 18.18 14.06
N LEU A 885 29.64 18.01 15.35
CA LEU A 885 29.84 19.18 16.20
C LEU A 885 31.03 20.02 15.72
N GLN A 886 32.14 19.37 15.36
CA GLN A 886 33.30 20.11 14.89
C GLN A 886 33.01 20.83 13.58
N TYR A 887 32.28 20.18 12.66
CA TYR A 887 31.93 20.85 11.42
C TYR A 887 31.02 22.04 11.66
N ILE A 888 30.09 21.94 12.64
CA ILE A 888 29.26 23.09 12.97
C ILE A 888 30.11 24.25 13.47
N ARG A 889 31.08 23.95 14.32
CA ARG A 889 31.95 25.02 14.80
C ARG A 889 32.69 25.68 13.64
N LYS A 890 33.24 24.87 12.73
CA LYS A 890 33.97 25.43 11.60
C LYS A 890 33.06 26.28 10.72
N LEU A 891 31.84 25.82 10.46
CA LEU A 891 30.90 26.62 9.66
C LEU A 891 30.60 27.95 10.34
N HIS A 892 30.40 27.94 11.65
CA HIS A 892 30.13 29.21 12.34
C HIS A 892 31.31 30.16 12.21
N ASP A 893 32.53 29.65 12.40
CA ASP A 893 33.71 30.51 12.27
C ASP A 893 33.80 31.08 10.87
N GLU A 894 33.57 30.27 9.84
CA GLU A 894 33.61 30.77 8.47
C GLU A 894 32.55 31.84 8.25
N LEU A 895 31.33 31.61 8.75
CA LEU A 895 30.28 32.60 8.57
C LEU A 895 30.65 33.92 9.22
N THR A 896 31.18 33.88 10.45
CA THR A 896 31.58 35.11 11.10
C THR A 896 32.72 35.79 10.36
N GLY A 897 33.58 35.01 9.71
CA GLY A 897 34.65 35.60 8.91
C GLY A 897 34.17 36.26 7.64
N HIS A 898 33.22 35.64 6.93
CA HIS A 898 32.76 36.18 5.66
C HIS A 898 31.98 37.48 5.86
N MET A 899 31.08 37.52 6.84
CA MET A 899 30.20 38.66 7.02
C MET A 899 30.90 39.85 7.65
N LEU A 900 32.17 39.72 8.01
CA LEU A 900 32.93 40.85 8.53
C LEU A 900 33.65 41.64 7.45
N ASP A 901 33.87 41.04 6.27
CA ASP A 901 34.54 41.73 5.17
C ASP A 901 33.56 42.24 4.13
N MET A 902 32.61 41.41 3.70
CA MET A 902 31.60 41.88 2.75
C MET A 902 30.81 43.03 3.35
N TYR A 903 30.42 42.91 4.62
CA TYR A 903 29.84 43.98 5.40
C TYR A 903 30.79 44.31 6.54
N SER A 904 30.36 45.19 7.45
CA SER A 904 31.13 45.54 8.63
C SER A 904 30.33 45.24 9.88
N VAL A 905 29.69 44.07 9.92
CA VAL A 905 28.82 43.67 11.01
C VAL A 905 29.49 42.53 11.75
N MET A 906 29.89 42.79 12.99
CA MET A 906 30.31 41.74 13.92
C MET A 906 29.08 41.33 14.71
N LEU A 907 28.56 40.12 14.45
CA LEU A 907 27.29 39.70 15.02
C LEU A 907 27.29 39.87 16.53
N THR A 908 26.47 40.80 17.01
CA THR A 908 26.54 41.19 18.42
C THR A 908 25.96 40.12 19.33
N ASN A 909 24.80 39.57 18.96
CA ASN A 909 24.10 38.58 19.77
C ASN A 909 24.28 37.21 19.14
N ASP A 910 24.93 36.30 19.86
CA ASP A 910 25.17 34.95 19.37
C ASP A 910 24.92 33.97 20.50
N ASN A 911 24.00 33.04 20.28
CA ASN A 911 23.78 31.92 21.18
C ASN A 911 24.12 30.59 20.52
N THR A 912 24.81 30.64 19.38
CA THR A 912 25.16 29.43 18.65
C THR A 912 26.19 28.58 19.38
N SER A 913 26.84 29.12 20.41
CA SER A 913 27.88 28.36 21.11
C SER A 913 27.33 27.10 21.74
N ARG A 914 26.01 27.00 21.93
CA ARG A 914 25.42 25.81 22.52
C ARG A 914 25.20 24.69 21.51
N TYR A 915 25.32 24.98 20.21
CA TYR A 915 25.09 23.97 19.19
C TYR A 915 26.29 23.07 18.95
N TRP A 916 27.48 23.45 19.43
CA TRP A 916 28.64 22.57 19.36
C TRP A 916 29.09 22.12 20.75
N GLU A 917 28.14 21.91 21.65
CA GLU A 917 28.37 21.32 22.95
C GLU A 917 27.37 20.19 23.16
N PRO A 918 27.80 19.07 23.75
CA PRO A 918 26.89 17.92 23.87
C PRO A 918 25.73 18.13 24.83
N GLU A 919 25.75 19.18 25.65
CA GLU A 919 24.68 19.36 26.63
C GLU A 919 23.36 19.76 26.01
N PHE A 920 23.39 20.33 24.79
CA PHE A 920 22.15 20.69 24.12
C PHE A 920 21.41 19.48 23.58
N TYR A 921 22.13 18.47 23.11
CA TYR A 921 21.53 17.31 22.48
C TYR A 921 21.15 16.23 23.48
N GLU A 922 21.77 16.21 24.65
CA GLU A 922 21.46 15.15 25.62
C GLU A 922 20.09 15.35 26.25
N ALA A 923 19.60 16.59 26.30
CA ALA A 923 18.29 16.86 26.87
C ALA A 923 17.15 16.41 25.97
N MET A 924 17.43 16.04 24.73
CA MET A 924 16.40 15.54 23.83
C MET A 924 16.01 14.09 24.13
N TYR A 925 16.75 13.41 25.01
CA TYR A 925 16.48 12.03 25.36
C TYR A 925 16.32 11.85 26.87
N THR A 926 16.07 12.93 27.60
CA THR A 926 15.80 12.87 29.03
C THR A 926 14.31 13.06 29.30
N PRO A 927 13.70 12.29 30.21
CA PRO A 927 12.23 12.23 30.24
C PRO A 927 11.54 13.45 30.84
N HIS A 928 12.25 14.55 31.07
CA HIS A 928 11.62 15.68 31.75
C HIS A 928 10.45 16.23 30.94
N THR A 929 10.68 16.50 29.65
CA THR A 929 9.64 17.07 28.81
C THR A 929 8.95 15.98 27.99
N PHE B 6 -8.79 64.97 19.49
CA PHE B 6 -9.38 64.33 20.67
C PHE B 6 -8.40 64.35 21.84
N SER B 7 -7.14 64.05 21.56
CA SER B 7 -6.09 64.02 22.56
C SER B 7 -5.02 65.08 22.36
N SER B 8 -4.68 65.40 21.11
CA SER B 8 -3.57 66.31 20.83
C SER B 8 -3.81 67.67 21.48
N LEU B 9 -4.88 68.36 21.08
CA LEU B 9 -5.08 69.72 21.57
C LEU B 9 -5.31 69.75 23.08
N PRO B 10 -6.17 68.91 23.67
CA PRO B 10 -6.31 68.93 25.13
C PRO B 10 -5.02 68.65 25.86
N SER B 11 -4.23 67.68 25.39
CA SER B 11 -2.97 67.39 26.05
C SER B 11 -2.02 68.57 25.97
N TYR B 12 -1.93 69.19 24.79
CA TYR B 12 -1.04 70.33 24.63
C TYR B 12 -1.47 71.49 25.53
N ALA B 13 -2.77 71.76 25.59
CA ALA B 13 -3.26 72.84 26.44
C ALA B 13 -2.99 72.56 27.91
N ALA B 14 -3.22 71.32 28.35
CA ALA B 14 -2.98 70.97 29.75
C ALA B 14 -1.51 71.12 30.09
N PHE B 15 -0.62 70.64 29.22
CA PHE B 15 0.81 70.78 29.48
C PHE B 15 1.25 72.23 29.44
N ALA B 16 0.66 73.04 28.55
CA ALA B 16 0.99 74.46 28.52
C ALA B 16 0.58 75.14 29.82
N THR B 17 -0.60 74.80 30.34
CA THR B 17 -1.01 75.33 31.63
C THR B 17 -0.07 74.88 32.74
N ALA B 18 0.38 73.63 32.68
CA ALA B 18 1.33 73.13 33.68
C ALA B 18 2.63 73.93 33.64
N GLN B 19 3.15 74.16 32.43
CA GLN B 19 4.39 74.93 32.30
C GLN B 19 4.20 76.37 32.76
N GLU B 20 3.04 76.96 32.45
CA GLU B 20 2.77 78.32 32.90
C GLU B 20 2.73 78.39 34.42
N ALA B 21 2.11 77.39 35.06
CA ALA B 21 2.09 77.34 36.52
C ALA B 21 3.50 77.18 37.06
N TYR B 22 4.32 76.35 36.43
CA TYR B 22 5.70 76.20 36.86
C TYR B 22 6.48 77.50 36.74
N GLU B 23 6.20 78.28 35.69
CA GLU B 23 6.93 79.52 35.48
C GLU B 23 6.77 80.46 36.66
N GLN B 24 5.63 80.39 37.36
CA GLN B 24 5.43 81.21 38.54
C GLN B 24 6.44 80.85 39.63
N ALA B 25 6.73 79.56 39.78
CA ALA B 25 7.70 79.15 40.80
C ALA B 25 9.08 79.73 40.54
N VAL B 26 9.52 79.72 39.28
CA VAL B 26 10.80 80.32 38.94
C VAL B 26 10.74 81.83 39.08
N ALA B 27 9.60 82.44 38.72
CA ALA B 27 9.50 83.90 38.75
C ALA B 27 9.67 84.43 40.18
N ASN B 28 8.98 83.84 41.14
CA ASN B 28 9.03 84.28 42.53
C ASN B 28 9.58 83.20 43.46
N GLY B 29 9.00 82.00 43.43
CA GLY B 29 9.40 80.93 44.31
C GLY B 29 8.76 80.97 45.68
N ASP B 30 8.30 82.13 46.13
CA ASP B 30 7.65 82.23 47.44
C ASP B 30 6.30 81.52 47.41
N SER B 31 5.73 81.32 48.60
CA SER B 31 4.48 80.60 48.75
C SER B 31 4.62 79.17 48.20
N GLU B 32 5.50 78.40 48.85
CA GLU B 32 5.83 77.07 48.36
C GLU B 32 4.59 76.19 48.25
N VAL B 33 3.56 76.47 49.04
CA VAL B 33 2.30 75.73 48.90
C VAL B 33 1.76 75.90 47.49
N VAL B 34 1.84 77.11 46.94
CA VAL B 34 1.42 77.33 45.56
C VAL B 34 2.28 76.49 44.62
N LEU B 35 3.55 76.31 44.94
CA LEU B 35 4.39 75.42 44.14
C LEU B 35 3.87 73.98 44.19
N LYS B 36 3.43 73.54 45.37
CA LYS B 36 2.85 72.20 45.47
C LYS B 36 1.59 72.09 44.63
N LYS B 37 0.74 73.13 44.64
CA LYS B 37 -0.45 73.10 43.80
C LYS B 37 -0.10 73.04 42.33
N LEU B 38 0.93 73.80 41.92
CA LEU B 38 1.37 73.76 40.52
C LEU B 38 1.83 72.36 40.15
N LYS B 39 2.62 71.74 41.03
CA LYS B 39 3.11 70.38 40.75
C LYS B 39 1.95 69.40 40.65
N LYS B 40 0.98 69.50 41.57
CA LYS B 40 -0.15 68.59 41.54
C LYS B 40 -0.97 68.76 40.27
N SER B 41 -1.22 70.01 39.86
CA SER B 41 -1.97 70.25 38.63
C SER B 41 -1.21 69.72 37.42
N LEU B 42 0.11 69.93 37.38
CA LEU B 42 0.90 69.40 36.28
C LEU B 42 0.80 67.87 36.23
N ASN B 43 0.92 67.22 37.38
CA ASN B 43 0.87 65.76 37.41
C ASN B 43 -0.50 65.26 36.96
N VAL B 44 -1.58 65.90 37.41
CA VAL B 44 -2.91 65.47 37.03
C VAL B 44 -3.13 65.66 35.53
N ALA B 45 -2.67 66.79 34.98
CA ALA B 45 -2.80 67.01 33.55
C ALA B 45 -2.01 65.97 32.75
N LYS B 46 -0.80 65.65 33.20
CA LYS B 46 -0.01 64.62 32.53
C LYS B 46 -0.72 63.28 32.60
N SER B 47 -1.32 62.95 33.75
CA SER B 47 -2.04 61.69 33.87
C SER B 47 -3.23 61.64 32.92
N GLU B 48 -3.96 62.75 32.78
CA GLU B 48 -5.08 62.79 31.85
C GLU B 48 -4.61 62.60 30.41
N PHE B 49 -3.51 63.26 30.04
CA PHE B 49 -2.98 63.08 28.69
C PHE B 49 -2.53 61.64 28.45
N ASP B 50 -1.90 61.02 29.45
CA ASP B 50 -1.52 59.63 29.31
C ASP B 50 -2.75 58.74 29.13
N ARG B 51 -3.80 59.01 29.90
CA ARG B 51 -5.05 58.26 29.75
C ARG B 51 -5.57 58.39 28.32
N ASP B 52 -5.53 59.60 27.77
CA ASP B 52 -6.09 59.83 26.44
C ASP B 52 -5.21 59.25 25.34
N ALA B 53 -3.92 59.07 25.59
CA ALA B 53 -2.97 58.77 24.51
C ALA B 53 -3.02 57.32 24.03
N ALA B 54 -3.58 56.39 24.80
CA ALA B 54 -3.46 54.96 24.48
C ALA B 54 -4.64 54.40 23.70
N MET B 55 -5.87 54.80 24.03
CA MET B 55 -7.02 54.28 23.31
C MET B 55 -6.97 54.68 21.84
N GLN B 56 -6.41 55.84 21.53
CA GLN B 56 -6.26 56.25 20.14
C GLN B 56 -5.37 55.26 19.39
N ARG B 57 -4.24 54.88 19.99
CA ARG B 57 -3.35 53.91 19.36
C ARG B 57 -4.05 52.57 19.17
N LYS B 58 -4.77 52.11 20.20
CA LYS B 58 -5.47 50.83 20.09
C LYS B 58 -6.48 50.86 18.95
N LEU B 59 -7.29 51.92 18.89
CA LEU B 59 -8.30 52.02 17.85
C LEU B 59 -7.66 52.11 16.47
N GLU B 60 -6.57 52.85 16.34
CA GLU B 60 -5.89 52.96 15.05
C GLU B 60 -5.39 51.60 14.60
N LYS B 61 -4.78 50.83 15.51
CA LYS B 61 -4.29 49.50 15.12
C LYS B 61 -5.44 48.59 14.70
N MET B 62 -6.56 48.63 15.44
CA MET B 62 -7.70 47.81 15.07
C MET B 62 -8.24 48.22 13.69
N ALA B 63 -8.31 49.51 13.42
CA ALA B 63 -8.79 49.96 12.12
C ALA B 63 -7.85 49.51 11.02
N ASP B 64 -6.54 49.58 11.25
CA ASP B 64 -5.58 49.11 10.24
C ASP B 64 -5.77 47.62 9.96
N GLN B 65 -5.94 46.82 11.02
CA GLN B 65 -6.14 45.39 10.81
C GLN B 65 -7.43 45.12 10.04
N ALA B 66 -8.50 45.86 10.37
CA ALA B 66 -9.76 45.67 9.65
C ALA B 66 -9.61 46.04 8.18
N MET B 67 -8.90 47.13 7.88
CA MET B 67 -8.69 47.52 6.50
C MET B 67 -7.89 46.46 5.75
N THR B 68 -6.86 45.92 6.39
CA THR B 68 -6.06 44.87 5.74
C THR B 68 -6.91 43.64 5.48
N GLN B 69 -7.78 43.28 6.43
CA GLN B 69 -8.67 42.15 6.21
C GLN B 69 -9.61 42.40 5.03
N MET B 70 -10.16 43.62 4.95
CA MET B 70 -11.02 43.97 3.82
C MET B 70 -10.25 43.82 2.51
N TYR B 71 -9.01 44.31 2.46
CA TYR B 71 -8.21 44.17 1.25
C TYR B 71 -8.00 42.69 0.91
N LYS B 72 -7.72 41.87 1.90
CA LYS B 72 -7.50 40.45 1.65
C LYS B 72 -8.74 39.79 1.08
N GLN B 73 -9.92 40.11 1.63
CA GLN B 73 -11.15 39.49 1.13
C GLN B 73 -11.40 39.85 -0.32
N ALA B 74 -11.03 41.07 -0.74
CA ALA B 74 -11.27 41.49 -2.11
C ALA B 74 -10.33 40.85 -3.11
N ARG B 75 -9.18 40.35 -2.66
CA ARG B 75 -8.22 39.73 -3.56
C ARG B 75 -8.34 38.21 -3.62
N SER B 76 -9.13 37.60 -2.73
CA SER B 76 -9.44 36.18 -2.80
C SER B 76 -10.74 35.90 -3.54
N GLU B 77 -11.46 36.94 -3.95
CA GLU B 77 -12.62 36.79 -4.83
C GLU B 77 -12.33 37.26 -6.24
N ASP B 78 -11.08 37.64 -6.53
CA ASP B 78 -10.67 37.96 -7.90
C ASP B 78 -9.99 36.79 -8.58
N LYS B 79 -9.43 35.85 -7.82
CA LYS B 79 -8.87 34.64 -8.37
C LYS B 79 -9.91 33.54 -8.53
N ARG B 80 -11.04 33.65 -7.83
CA ARG B 80 -12.15 32.71 -8.04
C ARG B 80 -12.71 32.85 -9.45
N ALA B 81 -12.84 34.09 -9.93
CA ALA B 81 -13.35 34.32 -11.27
C ALA B 81 -12.41 33.73 -12.32
N LYS B 82 -11.09 33.88 -12.12
CA LYS B 82 -10.14 33.35 -13.09
C LYS B 82 -10.26 31.84 -13.23
N VAL B 83 -10.34 31.13 -12.09
CA VAL B 83 -10.41 29.68 -12.15
C VAL B 83 -11.75 29.24 -12.73
N THR B 84 -12.83 29.96 -12.40
CA THR B 84 -14.13 29.63 -12.98
C THR B 84 -14.09 29.75 -14.50
N SER B 85 -13.50 30.84 -15.01
CA SER B 85 -13.40 31.03 -16.45
C SER B 85 -12.54 29.94 -17.08
N ALA B 86 -11.43 29.60 -16.43
CA ALA B 86 -10.55 28.56 -16.98
C ALA B 86 -11.27 27.22 -17.07
N MET B 87 -12.02 26.86 -16.03
CA MET B 87 -12.74 25.59 -16.06
C MET B 87 -13.81 25.58 -17.13
N GLN B 88 -14.56 26.68 -17.27
CA GLN B 88 -15.58 26.74 -18.32
C GLN B 88 -14.95 26.61 -19.71
N THR B 89 -13.84 27.32 -19.94
CA THR B 89 -13.18 27.24 -21.24
C THR B 89 -12.71 25.83 -21.53
N MET B 90 -12.11 25.17 -20.53
CA MET B 90 -11.64 23.80 -20.73
C MET B 90 -12.79 22.88 -21.08
N LEU B 91 -13.90 22.97 -20.35
CA LEU B 91 -15.02 22.08 -20.62
C LEU B 91 -15.58 22.29 -22.02
N PHE B 92 -15.77 23.56 -22.42
CA PHE B 92 -16.30 23.82 -23.76
C PHE B 92 -15.35 23.36 -24.85
N THR B 93 -14.04 23.56 -24.70
CA THR B 93 -13.11 23.08 -25.71
C THR B 93 -13.12 21.56 -25.81
N MET B 94 -13.06 20.87 -24.67
CA MET B 94 -13.12 19.42 -24.68
C MET B 94 -14.39 18.95 -25.39
N LEU B 95 -15.50 19.63 -25.14
CA LEU B 95 -16.72 19.29 -25.87
C LEU B 95 -16.52 19.44 -27.36
N ARG B 96 -15.95 20.56 -27.79
CA ARG B 96 -15.72 20.77 -29.22
C ARG B 96 -14.90 19.64 -29.82
N LYS B 97 -13.99 19.05 -29.03
CA LYS B 97 -13.16 17.97 -29.57
C LYS B 97 -13.94 16.68 -29.78
N LEU B 98 -15.16 16.58 -29.24
CA LEU B 98 -15.93 15.35 -29.38
C LEU B 98 -16.43 15.16 -30.81
N ASP B 99 -16.81 13.92 -31.11
CA ASP B 99 -17.48 13.57 -32.36
C ASP B 99 -18.93 13.27 -32.04
N ASN B 100 -19.85 14.04 -32.61
CA ASN B 100 -21.25 13.99 -32.23
C ASN B 100 -22.07 13.06 -33.11
N ASP B 101 -21.44 12.34 -34.05
CA ASP B 101 -22.14 11.41 -34.92
C ASP B 101 -22.02 9.97 -34.45
N ALA B 102 -20.80 9.50 -34.22
CA ALA B 102 -20.62 8.14 -33.71
C ALA B 102 -21.06 8.04 -32.25
N LEU B 103 -20.76 9.07 -31.45
CA LEU B 103 -21.17 9.05 -30.05
C LEU B 103 -22.68 8.96 -29.94
N ASN B 104 -23.41 9.70 -30.76
CA ASN B 104 -24.86 9.61 -30.73
C ASN B 104 -25.34 8.23 -31.10
N ASN B 105 -24.70 7.59 -32.07
CA ASN B 105 -25.10 6.23 -32.44
C ASN B 105 -24.92 5.28 -31.27
N ILE B 106 -23.74 5.27 -30.64
CA ILE B 106 -23.52 4.32 -29.55
C ILE B 106 -24.44 4.63 -28.38
N ILE B 107 -24.70 5.91 -28.12
CA ILE B 107 -25.57 6.27 -27.00
C ILE B 107 -27.01 5.82 -27.28
N ASN B 108 -27.52 6.09 -28.48
CA ASN B 108 -28.90 5.74 -28.81
C ASN B 108 -29.09 4.23 -28.96
N ASN B 109 -28.02 3.47 -29.20
CA ASN B 109 -28.14 2.02 -29.23
C ASN B 109 -28.15 1.41 -27.84
N ALA B 110 -28.03 2.22 -26.79
CA ALA B 110 -28.05 1.71 -25.43
C ALA B 110 -29.48 1.59 -24.92
N ARG B 111 -29.65 0.74 -23.91
CA ARG B 111 -30.99 0.46 -23.38
C ARG B 111 -31.62 1.72 -22.80
N ASP B 112 -30.96 2.33 -21.81
CA ASP B 112 -31.50 3.49 -21.12
C ASP B 112 -30.59 4.72 -21.24
N GLY B 113 -29.55 4.65 -22.08
CA GLY B 113 -28.65 5.76 -22.28
C GLY B 113 -27.32 5.65 -21.56
N CYS B 114 -27.21 4.77 -20.57
CA CYS B 114 -25.95 4.57 -19.88
C CYS B 114 -25.09 3.59 -20.66
N VAL B 115 -23.83 3.96 -20.90
CA VAL B 115 -22.85 3.08 -21.51
C VAL B 115 -21.58 3.16 -20.69
N PRO B 116 -20.78 2.09 -20.62
CA PRO B 116 -19.51 2.20 -19.89
C PRO B 116 -18.56 3.18 -20.57
N LEU B 117 -17.71 3.81 -19.75
CA LEU B 117 -16.78 4.79 -20.29
C LEU B 117 -15.72 4.14 -21.17
N ASN B 118 -15.31 2.92 -20.83
CA ASN B 118 -14.16 2.29 -21.47
C ASN B 118 -14.38 1.96 -22.93
N ILE B 119 -15.61 2.05 -23.43
CA ILE B 119 -15.89 1.72 -24.82
C ILE B 119 -15.98 2.96 -25.72
N ILE B 120 -16.16 4.15 -25.15
CA ILE B 120 -16.28 5.34 -25.98
C ILE B 120 -15.00 5.60 -26.77
N PRO B 121 -13.81 5.61 -26.17
CA PRO B 121 -12.59 5.72 -27.00
C PRO B 121 -12.46 4.61 -28.02
N LEU B 122 -12.81 3.37 -27.65
CA LEU B 122 -12.65 2.25 -28.57
C LEU B 122 -13.50 2.41 -29.82
N THR B 123 -14.74 2.87 -29.66
CA THR B 123 -15.71 2.84 -30.74
C THR B 123 -15.90 4.19 -31.45
N THR B 124 -15.47 5.30 -30.84
CA THR B 124 -15.68 6.62 -31.42
C THR B 124 -14.40 7.38 -31.72
N ALA B 125 -13.26 6.97 -31.19
CA ALA B 125 -12.02 7.70 -31.43
C ALA B 125 -11.65 7.64 -32.91
N ALA B 126 -11.07 8.73 -33.40
CA ALA B 126 -10.65 8.84 -34.80
C ALA B 126 -9.17 8.61 -35.00
N LYS B 127 -8.38 8.52 -33.92
CA LYS B 127 -6.95 8.31 -34.01
C LYS B 127 -6.53 7.23 -33.04
N LEU B 128 -5.42 6.56 -33.35
CA LEU B 128 -4.84 5.54 -32.50
C LEU B 128 -3.36 5.84 -32.31
N MET B 129 -2.87 5.60 -31.09
CA MET B 129 -1.45 5.70 -30.78
C MET B 129 -0.98 4.37 -30.22
N VAL B 130 0.11 3.84 -30.78
CA VAL B 130 0.68 2.57 -30.36
C VAL B 130 2.11 2.82 -29.91
N VAL B 131 2.44 2.38 -28.70
CA VAL B 131 3.78 2.51 -28.14
C VAL B 131 4.41 1.12 -28.14
N ILE B 132 5.51 0.97 -28.87
CA ILE B 132 6.11 -0.33 -29.15
C ILE B 132 7.50 -0.36 -28.52
N PRO B 133 7.81 -1.31 -27.62
CA PRO B 133 9.11 -1.30 -26.95
C PRO B 133 10.23 -2.01 -27.69
N ASP B 134 9.90 -3.00 -28.51
CA ASP B 134 10.88 -3.83 -29.21
C ASP B 134 10.48 -3.95 -30.67
N TYR B 135 11.30 -4.67 -31.44
CA TYR B 135 10.97 -4.98 -32.82
C TYR B 135 10.07 -6.20 -32.95
N ASN B 136 10.19 -7.16 -32.04
CA ASN B 136 9.30 -8.32 -32.06
C ASN B 136 7.86 -7.89 -31.88
N THR B 137 7.61 -6.87 -31.06
CA THR B 137 6.25 -6.38 -30.88
C THR B 137 5.78 -5.57 -32.07
N TYR B 138 6.68 -4.82 -32.72
CA TYR B 138 6.29 -4.09 -33.92
C TYR B 138 5.90 -5.04 -35.03
N LYS B 139 6.59 -6.18 -35.13
CA LYS B 139 6.29 -7.12 -36.21
C LYS B 139 4.94 -7.79 -36.01
N ASN B 140 4.52 -7.98 -34.75
CA ASN B 140 3.30 -8.72 -34.46
C ASN B 140 2.06 -7.83 -34.33
N THR B 141 2.22 -6.52 -34.22
CA THR B 141 1.08 -5.62 -34.04
C THR B 141 0.90 -4.66 -35.21
N CYS B 142 1.91 -3.87 -35.55
CA CYS B 142 1.77 -2.78 -36.50
C CYS B 142 2.49 -3.03 -37.81
N ASP B 143 2.76 -4.29 -38.14
CA ASP B 143 3.49 -4.59 -39.35
C ASP B 143 2.75 -4.07 -40.58
N GLY B 144 3.50 -3.57 -41.56
CA GLY B 144 2.90 -3.04 -42.76
C GLY B 144 2.44 -1.61 -42.59
N THR B 145 1.77 -1.12 -43.63
CA THR B 145 1.21 0.23 -43.63
C THR B 145 -0.25 0.26 -43.21
N THR B 146 -0.84 -0.88 -42.84
CA THR B 146 -2.22 -0.96 -42.41
C THR B 146 -2.36 -2.16 -41.49
N PHE B 147 -3.11 -2.00 -40.41
CA PHE B 147 -3.30 -3.11 -39.48
C PHE B 147 -4.71 -3.05 -38.91
N THR B 148 -5.02 -4.02 -38.06
CA THR B 148 -6.35 -4.17 -37.48
C THR B 148 -6.25 -4.20 -35.96
N TYR B 149 -7.18 -3.49 -35.32
CA TYR B 149 -7.26 -3.49 -33.86
C TYR B 149 -8.64 -3.02 -33.45
N ALA B 150 -9.20 -3.68 -32.44
CA ALA B 150 -10.52 -3.31 -31.91
C ALA B 150 -11.58 -3.36 -33.01
N SER B 151 -11.48 -4.37 -33.87
CA SER B 151 -12.46 -4.58 -34.94
C SER B 151 -12.56 -3.35 -35.85
N ALA B 152 -11.41 -2.83 -36.25
CA ALA B 152 -11.35 -1.68 -37.14
C ALA B 152 -10.04 -1.74 -37.92
N LEU B 153 -9.98 -0.99 -39.01
CA LEU B 153 -8.81 -0.96 -39.88
C LEU B 153 -8.13 0.39 -39.74
N TRP B 154 -6.85 0.38 -39.36
CA TRP B 154 -6.09 1.59 -39.13
C TRP B 154 -4.96 1.70 -40.15
N GLU B 155 -4.76 2.90 -40.66
CA GLU B 155 -3.72 3.20 -41.63
C GLU B 155 -2.63 4.03 -40.95
N ILE B 156 -1.40 3.54 -40.98
CA ILE B 156 -0.32 4.22 -40.28
C ILE B 156 -0.12 5.60 -40.89
N GLN B 157 -0.18 6.62 -40.06
CA GLN B 157 0.01 8.01 -40.48
C GLN B 157 1.43 8.50 -40.22
N GLN B 158 1.98 8.23 -39.04
CA GLN B 158 3.31 8.71 -38.72
C GLN B 158 3.94 7.81 -37.67
N VAL B 159 5.27 7.79 -37.65
CA VAL B 159 6.06 7.04 -36.67
C VAL B 159 7.17 7.94 -36.17
N VAL B 160 7.34 7.99 -34.85
CA VAL B 160 8.42 8.75 -34.23
C VAL B 160 9.07 7.87 -33.18
N ASP B 161 10.28 8.26 -32.77
CA ASP B 161 11.02 7.53 -31.76
C ASP B 161 10.91 8.28 -30.43
N ALA B 162 11.65 7.83 -29.42
CA ALA B 162 11.59 8.44 -28.11
C ALA B 162 12.15 9.87 -28.10
N ASP B 163 12.83 10.28 -29.15
CA ASP B 163 13.37 11.63 -29.26
C ASP B 163 12.47 12.55 -30.09
N SER B 164 11.29 12.09 -30.47
CA SER B 164 10.38 12.87 -31.31
C SER B 164 11.01 13.19 -32.67
N LYS B 165 11.67 12.19 -33.24
CA LYS B 165 12.26 12.29 -34.57
C LYS B 165 11.49 11.40 -35.54
N ILE B 166 11.20 11.92 -36.72
CA ILE B 166 10.41 11.17 -37.69
C ILE B 166 11.22 9.97 -38.15
N VAL B 167 10.63 8.79 -38.06
CA VAL B 167 11.24 7.54 -38.49
C VAL B 167 10.45 7.01 -39.67
N GLN B 168 11.13 6.74 -40.77
CA GLN B 168 10.49 6.19 -41.95
C GLN B 168 10.22 4.71 -41.76
N LEU B 169 9.21 4.20 -42.47
CA LEU B 169 8.85 2.80 -42.34
C LEU B 169 9.91 1.87 -42.89
N SER B 170 10.80 2.35 -43.76
CA SER B 170 11.83 1.51 -44.33
C SER B 170 13.02 1.34 -43.41
N GLU B 171 13.17 2.19 -42.39
CA GLU B 171 14.29 2.07 -41.46
C GLU B 171 14.04 1.02 -40.39
N ILE B 172 12.80 0.59 -40.20
CA ILE B 172 12.45 -0.35 -39.14
C ILE B 172 12.71 -1.75 -39.70
N SER B 173 13.84 -2.34 -39.32
CA SER B 173 14.21 -3.65 -39.80
C SER B 173 15.02 -4.36 -38.71
N MET B 174 15.14 -5.68 -38.85
CA MET B 174 15.85 -6.46 -37.84
C MET B 174 17.31 -6.03 -37.76
N ASP B 175 17.96 -5.81 -38.90
CA ASP B 175 19.35 -5.38 -38.89
C ASP B 175 19.49 -3.95 -38.37
N ASN B 176 18.54 -3.08 -38.72
CA ASN B 176 18.60 -1.68 -38.34
C ASN B 176 17.95 -1.40 -36.98
N SER B 177 17.30 -2.38 -36.38
CA SER B 177 16.66 -2.15 -35.08
C SER B 177 17.63 -1.68 -34.01
N PRO B 178 18.84 -2.24 -33.87
CA PRO B 178 19.74 -1.76 -32.81
C PRO B 178 20.11 -0.30 -32.91
N ASN B 179 19.97 0.30 -34.09
CA ASN B 179 20.32 1.70 -34.29
C ASN B 179 19.16 2.65 -33.99
N LEU B 180 17.99 2.13 -33.67
CA LEU B 180 16.83 2.97 -33.37
C LEU B 180 16.73 3.24 -31.88
N ALA B 181 16.04 4.31 -31.53
CA ALA B 181 15.82 4.72 -30.14
C ALA B 181 14.42 4.30 -29.74
N TRP B 182 14.30 3.09 -29.20
CA TRP B 182 13.02 2.57 -28.74
C TRP B 182 12.62 3.24 -27.44
N PRO B 183 11.31 3.27 -27.14
CA PRO B 183 10.17 2.73 -27.89
C PRO B 183 9.75 3.62 -29.04
N LEU B 184 9.06 3.07 -30.04
CA LEU B 184 8.54 3.85 -31.15
C LEU B 184 7.06 4.12 -30.93
N ILE B 185 6.65 5.36 -31.13
CA ILE B 185 5.25 5.76 -31.03
C ILE B 185 4.72 5.95 -32.44
N VAL B 186 3.70 5.19 -32.81
CA VAL B 186 3.13 5.22 -34.14
C VAL B 186 1.70 5.69 -34.03
N THR B 187 1.35 6.74 -34.77
CA THR B 187 0.01 7.30 -34.80
C THR B 187 -0.66 6.93 -36.11
N ALA B 188 -1.88 6.42 -36.01
CA ALA B 188 -2.63 5.89 -37.15
C ALA B 188 -4.03 6.49 -37.16
N LEU B 189 -4.62 6.51 -38.35
CA LEU B 189 -5.91 7.14 -38.59
C LEU B 189 -6.94 6.09 -38.97
N ARG B 190 -8.12 6.16 -38.36
CA ARG B 190 -9.16 5.19 -38.65
C ARG B 190 -9.57 5.26 -40.12
N ALA B 191 -9.78 4.09 -40.73
CA ALA B 191 -10.18 4.00 -42.13
C ALA B 191 -11.69 4.08 -42.22
N ASN B 192 -12.19 5.22 -42.69
CA ASN B 192 -13.62 5.49 -42.80
C ASN B 192 -14.38 4.99 -41.57
N LYS C 2 40.26 4.16 -2.06
CA LYS C 2 39.93 4.87 -3.29
C LYS C 2 38.59 4.44 -3.86
N MET C 3 37.83 3.66 -3.10
CA MET C 3 36.48 3.30 -3.54
C MET C 3 35.53 4.49 -3.39
N SER C 4 35.59 5.19 -2.25
CA SER C 4 34.74 6.36 -2.06
C SER C 4 35.06 7.46 -3.07
N ASP C 5 36.34 7.64 -3.40
CA ASP C 5 36.72 8.67 -4.36
C ASP C 5 36.08 8.41 -5.71
N VAL C 6 36.09 7.17 -6.19
CA VAL C 6 35.45 6.88 -7.47
C VAL C 6 33.94 6.98 -7.35
N LYS C 7 33.37 6.53 -6.22
CA LYS C 7 31.92 6.61 -6.06
C LYS C 7 31.42 8.04 -6.00
N CYS C 8 32.28 9.00 -5.65
CA CYS C 8 31.91 10.41 -5.68
C CYS C 8 32.24 11.08 -7.02
N THR C 9 33.36 10.69 -7.63
CA THR C 9 33.69 11.21 -8.95
C THR C 9 32.66 10.81 -9.98
N SER C 10 32.06 9.62 -9.83
CA SER C 10 30.99 9.23 -10.74
C SER C 10 29.79 10.15 -10.61
N VAL C 11 29.44 10.51 -9.38
CA VAL C 11 28.31 11.42 -9.17
C VAL C 11 28.59 12.76 -9.84
N VAL C 12 29.78 13.30 -9.62
CA VAL C 12 30.13 14.60 -10.21
C VAL C 12 30.15 14.50 -11.73
N LEU C 13 30.68 13.40 -12.26
CA LEU C 13 30.78 13.23 -13.71
C LEU C 13 29.40 13.15 -14.34
N LEU C 14 28.47 12.42 -13.73
CA LEU C 14 27.13 12.36 -14.30
C LEU C 14 26.40 13.68 -14.17
N SER C 15 26.65 14.44 -13.09
CA SER C 15 26.08 15.79 -13.02
C SER C 15 26.59 16.66 -14.16
N VAL C 16 27.89 16.60 -14.44
CA VAL C 16 28.46 17.37 -15.54
C VAL C 16 27.85 16.95 -16.86
N LEU C 17 27.68 15.65 -17.08
CA LEU C 17 27.07 15.17 -18.32
C LEU C 17 25.63 15.68 -18.44
N GLN C 18 24.89 15.66 -17.34
CA GLN C 18 23.50 16.11 -17.39
C GLN C 18 23.39 17.60 -17.66
N GLN C 19 24.33 18.40 -17.15
CA GLN C 19 24.31 19.82 -17.46
C GLN C 19 24.62 20.10 -18.93
N LEU C 20 25.40 19.24 -19.57
CA LEU C 20 25.70 19.36 -21.00
C LEU C 20 24.57 18.83 -21.88
N ARG C 21 23.39 18.59 -21.30
CA ARG C 21 22.20 18.24 -22.07
C ARG C 21 22.35 16.90 -22.77
N VAL C 22 22.89 15.91 -22.08
CA VAL C 22 22.94 14.56 -22.62
C VAL C 22 21.60 13.85 -22.48
N GLU C 23 20.69 14.37 -21.65
CA GLU C 23 19.38 13.77 -21.51
C GLU C 23 18.61 13.75 -22.82
N SER C 24 18.98 14.62 -23.78
CA SER C 24 18.25 14.73 -25.03
C SER C 24 18.44 13.53 -25.94
N SER C 25 19.38 12.64 -25.62
CA SER C 25 19.59 11.40 -26.38
C SER C 25 19.21 10.24 -25.46
N SER C 26 18.14 9.54 -25.81
CA SER C 26 17.63 8.50 -24.93
C SER C 26 18.63 7.36 -24.76
N LYS C 27 19.24 6.90 -25.85
CA LYS C 27 20.19 5.81 -25.78
C LYS C 27 21.38 6.16 -24.92
N LEU C 28 22.02 7.30 -25.23
CA LEU C 28 23.22 7.68 -24.51
C LEU C 28 22.92 7.92 -23.03
N TRP C 29 21.79 8.56 -22.73
CA TRP C 29 21.44 8.77 -21.33
C TRP C 29 21.18 7.46 -20.61
N ALA C 30 20.52 6.51 -21.28
CA ALA C 30 20.31 5.20 -20.65
C ALA C 30 21.63 4.54 -20.33
N GLN C 31 22.59 4.58 -21.26
CA GLN C 31 23.89 3.98 -21.00
C GLN C 31 24.60 4.70 -19.85
N CYS C 32 24.53 6.03 -19.81
CA CYS C 32 25.18 6.78 -18.75
C CYS C 32 24.58 6.46 -17.39
N VAL C 33 23.26 6.36 -17.32
CA VAL C 33 22.60 6.01 -16.06
C VAL C 33 22.99 4.61 -15.63
N GLN C 34 23.02 3.66 -16.57
CA GLN C 34 23.42 2.30 -16.22
C GLN C 34 24.82 2.28 -15.65
N LEU C 35 25.76 3.00 -16.28
CA LEU C 35 27.13 3.03 -15.80
C LEU C 35 27.23 3.69 -14.43
N HIS C 36 26.51 4.79 -14.22
CA HIS C 36 26.57 5.50 -12.96
C HIS C 36 26.02 4.65 -11.81
N ASN C 37 24.90 3.96 -12.05
CA ASN C 37 24.27 3.18 -10.98
C ASN C 37 25.02 1.90 -10.68
N ASP C 38 25.90 1.45 -11.57
CA ASP C 38 26.68 0.24 -11.32
C ASP C 38 27.96 0.52 -10.55
N ILE C 39 28.53 1.72 -10.68
CA ILE C 39 29.69 2.09 -9.89
C ILE C 39 29.31 2.26 -8.43
N LEU C 40 28.12 2.82 -8.17
CA LEU C 40 27.71 3.06 -6.80
C LEU C 40 27.46 1.77 -6.02
N LEU C 41 27.03 0.70 -6.69
CA LEU C 41 26.80 -0.57 -6.04
C LEU C 41 28.01 -1.49 -6.07
N ALA C 42 29.08 -1.10 -6.74
CA ALA C 42 30.25 -1.96 -6.89
C ALA C 42 30.94 -2.16 -5.55
N LYS C 43 31.51 -3.36 -5.36
CA LYS C 43 32.30 -3.66 -4.17
C LYS C 43 33.77 -3.84 -4.48
N ASP C 44 34.15 -3.96 -5.75
CA ASP C 44 35.54 -4.05 -6.17
C ASP C 44 35.95 -2.76 -6.86
N THR C 45 37.26 -2.51 -6.89
CA THR C 45 37.77 -1.24 -7.39
C THR C 45 38.09 -1.27 -8.89
N THR C 46 38.58 -2.40 -9.40
CA THR C 46 38.92 -2.48 -10.82
C THR C 46 37.68 -2.33 -11.70
N GLU C 47 36.57 -2.95 -11.30
CA GLU C 47 35.33 -2.80 -12.05
C GLU C 47 34.88 -1.34 -12.05
N ALA C 48 34.94 -0.69 -10.90
CA ALA C 48 34.56 0.71 -10.82
C ALA C 48 35.42 1.57 -11.71
N PHE C 49 36.73 1.32 -11.77
CA PHE C 49 37.59 2.10 -12.63
C PHE C 49 37.36 1.84 -14.12
N GLU C 50 37.05 0.60 -14.51
CA GLU C 50 36.69 0.36 -15.90
C GLU C 50 35.41 1.08 -16.29
N LYS C 51 34.39 1.03 -15.45
CA LYS C 51 33.16 1.76 -15.75
C LYS C 51 33.39 3.27 -15.74
N MET C 52 34.29 3.75 -14.88
CA MET C 52 34.67 5.16 -14.94
C MET C 52 35.32 5.50 -16.27
N VAL C 53 36.16 4.60 -16.78
CA VAL C 53 36.77 4.83 -18.08
C VAL C 53 35.69 4.97 -19.15
N SER C 54 34.69 4.10 -19.11
CA SER C 54 33.61 4.16 -20.11
C SER C 54 32.85 5.49 -20.00
N LEU C 55 32.48 5.88 -18.79
CA LEU C 55 31.72 7.12 -18.61
C LEU C 55 32.54 8.34 -19.02
N LEU C 56 33.82 8.38 -18.66
CA LEU C 56 34.65 9.50 -19.07
C LEU C 56 34.87 9.51 -20.58
N SER C 57 34.85 8.34 -21.22
CA SER C 57 34.91 8.32 -22.68
C SER C 57 33.65 8.92 -23.27
N VAL C 58 32.50 8.64 -22.66
CA VAL C 58 31.27 9.31 -23.08
C VAL C 58 31.45 10.82 -23.01
N LEU C 59 32.03 11.31 -21.92
CA LEU C 59 32.21 12.76 -21.78
C LEU C 59 33.19 13.30 -22.82
N LEU C 60 34.29 12.57 -23.07
CA LEU C 60 35.32 13.07 -23.98
C LEU C 60 34.91 12.98 -25.44
N SER C 61 33.92 12.14 -25.78
CA SER C 61 33.48 12.04 -27.17
C SER C 61 32.97 13.39 -27.66
N MET C 62 32.18 14.08 -26.85
CA MET C 62 31.66 15.38 -27.23
C MET C 62 32.81 16.39 -27.30
N GLN C 63 33.02 16.96 -28.48
CA GLN C 63 34.24 17.72 -28.74
C GLN C 63 34.16 19.14 -28.17
N GLY C 64 33.22 19.94 -28.66
CA GLY C 64 33.16 21.33 -28.26
C GLY C 64 32.49 21.60 -26.93
N ALA C 65 31.95 20.57 -26.29
CA ALA C 65 31.20 20.78 -25.05
C ALA C 65 32.10 21.35 -23.95
N VAL C 66 33.28 20.77 -23.78
CA VAL C 66 34.20 21.17 -22.72
C VAL C 66 35.55 21.51 -23.36
N ASP C 67 36.13 22.63 -22.93
CA ASP C 67 37.47 23.01 -23.38
C ASP C 67 38.47 22.29 -22.47
N ILE C 68 38.83 21.07 -22.88
CA ILE C 68 39.65 20.22 -22.01
C ILE C 68 41.02 20.84 -21.77
N ASN C 69 41.56 21.55 -22.77
CA ASN C 69 42.90 22.11 -22.61
C ASN C 69 42.94 23.12 -21.48
N LYS C 70 41.93 23.97 -21.37
CA LYS C 70 41.91 24.97 -20.30
C LYS C 70 41.61 24.32 -18.96
N LEU C 71 40.67 23.38 -18.92
CA LEU C 71 40.32 22.74 -17.65
C LEU C 71 41.50 21.98 -17.07
N CYS C 72 42.26 21.29 -17.92
CA CYS C 72 43.48 20.63 -17.47
C CYS C 72 44.57 21.62 -17.12
N GLU C 73 44.41 22.90 -17.48
CA GLU C 73 45.37 23.95 -17.19
C GLU C 73 46.82 23.47 -17.35
N SER D 7 26.06 52.03 26.98
CA SER D 7 26.62 53.23 27.60
C SER D 7 26.90 54.29 26.55
N SER D 8 27.66 55.31 26.92
CA SER D 8 28.04 56.40 26.02
C SER D 8 26.83 57.19 25.53
N LEU D 9 25.73 57.16 26.29
CA LEU D 9 24.51 57.86 25.92
C LEU D 9 24.35 59.10 26.79
N PRO D 10 23.68 60.15 26.28
CA PRO D 10 23.47 61.33 27.12
C PRO D 10 22.74 61.04 28.42
N SER D 11 21.77 60.13 28.39
CA SER D 11 21.09 59.73 29.62
C SER D 11 22.05 59.00 30.56
N TYR D 12 22.82 58.06 30.01
CA TYR D 12 23.75 57.28 30.84
C TYR D 12 24.53 58.18 31.77
N ALA D 13 25.29 59.12 31.20
CA ALA D 13 26.09 60.02 32.03
C ALA D 13 25.24 60.65 33.13
N ALA D 14 24.07 61.19 32.76
CA ALA D 14 23.16 61.73 33.76
C ALA D 14 22.97 60.74 34.89
N PHE D 15 22.48 59.54 34.57
CA PHE D 15 22.32 58.51 35.60
C PHE D 15 23.62 58.32 36.36
N ALA D 16 24.73 58.18 35.65
CA ALA D 16 26.01 57.99 36.31
C ALA D 16 26.25 59.09 37.34
N THR D 17 26.05 60.36 36.94
CA THR D 17 26.24 61.44 37.88
C THR D 17 25.38 61.23 39.12
N ALA D 18 24.09 60.94 38.91
CA ALA D 18 23.22 60.65 40.05
C ALA D 18 23.80 59.51 40.88
N GLN D 19 24.21 58.43 40.22
CA GLN D 19 24.83 57.32 40.94
C GLN D 19 26.04 57.81 41.72
N GLU D 20 26.86 58.67 41.12
CA GLU D 20 28.00 59.22 41.83
C GLU D 20 27.56 59.91 43.11
N ALA D 21 26.48 60.71 43.03
CA ALA D 21 25.97 61.36 44.22
C ALA D 21 25.58 60.34 45.28
N TYR D 22 25.00 59.22 44.85
CA TYR D 22 24.63 58.19 45.81
C TYR D 22 25.86 57.62 46.50
N GLU D 23 27.00 57.60 45.82
CA GLU D 23 28.24 57.21 46.48
C GLU D 23 28.54 58.16 47.63
N GLN D 24 28.34 59.46 47.41
CA GLN D 24 28.53 60.44 48.47
C GLN D 24 27.60 60.17 49.65
N ALA D 25 26.53 59.40 49.44
CA ALA D 25 25.66 59.04 50.55
C ALA D 25 26.45 58.34 51.66
N VAL D 26 27.51 57.61 51.30
CA VAL D 26 28.34 56.98 52.33
C VAL D 26 29.00 58.04 53.19
N ALA D 27 29.52 59.09 52.57
CA ALA D 27 30.16 60.17 53.31
C ALA D 27 29.14 61.21 53.75
N ASN D 28 29.53 61.99 54.75
CA ASN D 28 28.72 63.08 55.27
C ASN D 28 27.37 62.61 55.82
N GLY D 29 27.29 61.35 56.25
CA GLY D 29 26.08 60.84 56.84
C GLY D 29 24.88 60.90 55.91
N ASP D 30 25.06 60.43 54.67
CA ASP D 30 24.01 60.47 53.66
C ASP D 30 23.78 61.89 53.17
N SER D 31 24.85 62.68 53.08
CA SER D 31 24.79 64.04 52.58
C SER D 31 23.76 64.87 53.36
N GLU D 32 23.85 64.80 54.69
CA GLU D 32 22.93 65.51 55.57
C GLU D 32 21.51 64.97 55.44
N VAL D 33 21.39 63.67 55.26
CA VAL D 33 20.10 62.97 55.23
C VAL D 33 19.22 63.55 54.13
N VAL D 34 19.75 63.63 52.92
CA VAL D 34 18.96 63.87 51.72
C VAL D 34 18.83 62.59 50.90
N LEU D 35 18.97 61.45 51.57
CA LEU D 35 19.11 60.16 50.88
C LEU D 35 17.81 59.77 50.18
N LYS D 36 16.66 60.09 50.78
CA LYS D 36 15.39 59.72 50.16
C LYS D 36 15.19 60.45 48.84
N LYS D 37 15.40 61.76 48.84
CA LYS D 37 15.31 62.54 47.61
C LYS D 37 16.35 62.05 46.60
N LEU D 38 17.56 61.74 47.07
CA LEU D 38 18.60 61.26 46.16
C LEU D 38 18.17 59.96 45.49
N LYS D 39 17.61 59.03 46.27
CA LYS D 39 17.15 57.77 45.70
C LYS D 39 16.01 57.98 44.72
N LYS D 40 15.08 58.87 45.05
CA LYS D 40 13.98 59.14 44.12
C LYS D 40 14.50 59.66 42.79
N SER D 41 15.40 60.65 42.83
CA SER D 41 15.95 61.19 41.60
C SER D 41 16.73 60.14 40.84
N LEU D 42 17.51 59.32 41.55
CA LEU D 42 18.27 58.27 40.91
C LEU D 42 17.36 57.31 40.16
N ASN D 43 16.27 56.89 40.82
CA ASN D 43 15.36 55.94 40.18
C ASN D 43 14.68 56.57 38.96
N VAL D 44 14.31 57.84 39.05
CA VAL D 44 13.66 58.49 37.91
C VAL D 44 14.62 58.56 36.72
N ALA D 45 15.86 58.96 36.97
CA ALA D 45 16.84 59.02 35.88
C ALA D 45 17.09 57.63 35.30
N LYS D 46 17.16 56.62 36.17
CA LYS D 46 17.36 55.26 35.70
C LYS D 46 16.19 54.80 34.82
N SER D 47 14.97 55.17 35.20
CA SER D 47 13.82 54.82 34.37
C SER D 47 13.93 55.46 32.99
N GLU D 48 14.34 56.73 32.93
CA GLU D 48 14.54 57.36 31.64
C GLU D 48 15.60 56.63 30.82
N PHE D 49 16.71 56.27 31.46
CA PHE D 49 17.78 55.57 30.75
C PHE D 49 17.30 54.22 30.21
N ASP D 50 16.53 53.49 31.02
CA ASP D 50 16.00 52.21 30.56
C ASP D 50 15.04 52.41 29.39
N ARG D 51 14.22 53.46 29.44
CA ARG D 51 13.36 53.75 28.29
C ARG D 51 14.21 53.98 27.04
N ASP D 52 15.36 54.64 27.20
CA ASP D 52 16.21 54.91 26.04
C ASP D 52 16.84 53.64 25.48
N ALA D 53 17.23 52.70 26.34
CA ALA D 53 18.06 51.58 25.91
C ALA D 53 17.34 50.66 24.91
N ALA D 54 16.08 50.33 25.19
CA ALA D 54 15.38 49.32 24.40
C ALA D 54 15.19 49.77 22.96
N MET D 55 15.02 51.08 22.73
CA MET D 55 14.84 51.57 21.37
C MET D 55 16.05 51.31 20.51
N GLN D 56 17.26 51.37 21.08
CA GLN D 56 18.46 51.00 20.35
C GLN D 56 18.62 49.49 20.23
N ARG D 57 18.25 48.73 21.27
CA ARG D 57 18.32 47.28 21.15
C ARG D 57 17.47 46.79 19.97
N LYS D 58 16.27 47.34 19.83
CA LYS D 58 15.39 46.94 18.74
C LYS D 58 16.00 47.26 17.38
N LEU D 59 16.59 48.45 17.25
CA LEU D 59 17.25 48.81 15.99
C LEU D 59 18.38 47.85 15.67
N GLU D 60 19.16 47.47 16.68
CA GLU D 60 20.25 46.53 16.45
C GLU D 60 19.71 45.20 15.93
N LYS D 61 18.64 44.69 16.55
CA LYS D 61 18.07 43.43 16.08
C LYS D 61 17.60 43.55 14.63
N MET D 62 16.90 44.63 14.30
CA MET D 62 16.41 44.80 12.93
C MET D 62 17.57 44.84 11.93
N ALA D 63 18.62 45.60 12.26
CA ALA D 63 19.75 45.70 11.34
C ALA D 63 20.44 44.36 11.15
N ASP D 64 20.61 43.61 12.23
CA ASP D 64 21.25 42.30 12.10
C ASP D 64 20.42 41.37 11.23
N GLN D 65 19.10 41.37 11.41
CA GLN D 65 18.26 40.52 10.56
C GLN D 65 18.37 40.92 9.09
N ALA D 66 18.34 42.23 8.81
CA ALA D 66 18.44 42.67 7.42
C ALA D 66 19.76 42.26 6.80
N MET D 67 20.86 42.43 7.55
CA MET D 67 22.17 42.06 7.01
C MET D 67 22.27 40.56 6.76
N THR D 68 21.74 39.74 7.67
CA THR D 68 21.76 38.29 7.42
C THR D 68 20.97 37.94 6.17
N GLN D 69 19.81 38.59 5.97
CA GLN D 69 19.02 38.29 4.78
C GLN D 69 19.76 38.69 3.51
N MET D 70 20.43 39.84 3.52
CA MET D 70 21.20 40.25 2.35
C MET D 70 22.31 39.26 2.04
N TYR D 71 23.02 38.81 3.09
CA TYR D 71 24.08 37.82 2.90
C TYR D 71 23.51 36.55 2.29
N LYS D 72 22.38 36.08 2.81
CA LYS D 72 21.75 34.86 2.27
C LYS D 72 21.44 35.03 0.79
N GLN D 73 20.81 36.14 0.42
CA GLN D 73 20.42 36.33 -0.98
C GLN D 73 21.64 36.39 -1.89
N ALA D 74 22.67 37.14 -1.49
CA ALA D 74 23.86 37.25 -2.32
C ALA D 74 24.52 35.89 -2.52
N ARG D 75 24.66 35.11 -1.44
CA ARG D 75 25.32 33.81 -1.57
C ARG D 75 24.50 32.85 -2.40
N SER D 76 23.17 32.87 -2.24
CA SER D 76 22.34 31.99 -3.06
C SER D 76 22.46 32.32 -4.53
N GLU D 77 22.42 33.62 -4.88
CA GLU D 77 22.57 34.00 -6.27
C GLU D 77 23.93 33.58 -6.81
N ASP D 78 24.99 33.77 -6.02
CA ASP D 78 26.32 33.36 -6.47
C ASP D 78 26.38 31.85 -6.71
N LYS D 79 25.81 31.06 -5.81
CA LYS D 79 25.83 29.62 -5.98
C LYS D 79 25.07 29.19 -7.23
N ARG D 80 23.90 29.79 -7.46
CA ARG D 80 23.08 29.38 -8.59
C ARG D 80 23.51 30.06 -9.90
N ALA D 81 24.50 30.94 -9.86
CA ALA D 81 25.01 31.55 -11.10
C ALA D 81 26.20 30.78 -11.67
N LYS D 82 27.17 30.44 -10.84
CA LYS D 82 28.36 29.71 -11.29
C LYS D 82 28.20 28.22 -11.02
N VAL D 83 27.21 27.62 -11.68
CA VAL D 83 26.93 26.20 -11.49
C VAL D 83 27.66 25.35 -12.52
N THR D 84 27.71 25.79 -13.78
CA THR D 84 28.38 25.03 -14.82
C THR D 84 29.90 25.18 -14.71
N SER D 85 30.38 26.37 -14.33
CA SER D 85 31.82 26.59 -14.27
C SER D 85 32.44 25.91 -13.07
N ALA D 86 31.70 25.76 -11.98
CA ALA D 86 32.25 25.22 -10.74
C ALA D 86 32.14 23.72 -10.62
N MET D 87 31.45 23.05 -11.55
CA MET D 87 31.33 21.60 -11.52
C MET D 87 32.44 20.90 -12.31
N GLN D 88 32.81 21.44 -13.47
CA GLN D 88 33.88 20.87 -14.27
C GLN D 88 35.24 20.96 -13.58
N THR D 89 35.50 22.08 -12.90
CA THR D 89 36.75 22.20 -12.15
C THR D 89 36.82 21.16 -11.04
N MET D 90 35.70 20.96 -10.33
CA MET D 90 35.66 19.93 -9.31
C MET D 90 35.90 18.55 -9.92
N LEU D 91 35.25 18.27 -11.05
CA LEU D 91 35.43 16.98 -11.70
C LEU D 91 36.89 16.73 -12.03
N PHE D 92 37.55 17.71 -12.62
CA PHE D 92 38.93 17.50 -13.03
C PHE D 92 39.91 17.50 -11.87
N THR D 93 39.64 18.26 -10.81
CA THR D 93 40.45 18.11 -9.60
C THR D 93 40.36 16.69 -9.04
N MET D 94 39.14 16.15 -8.97
CA MET D 94 38.99 14.79 -8.46
C MET D 94 39.66 13.77 -9.35
N LEU D 95 39.51 13.90 -10.67
CA LEU D 95 40.18 12.98 -11.59
C LEU D 95 41.69 13.05 -11.44
N ARG D 96 42.22 14.27 -11.28
CA ARG D 96 43.64 14.44 -11.06
C ARG D 96 44.09 13.76 -9.76
N LYS D 97 43.26 13.85 -8.72
CA LYS D 97 43.61 13.23 -7.44
C LYS D 97 43.60 11.71 -7.54
N LEU D 98 42.66 11.13 -8.30
CA LEU D 98 42.60 9.68 -8.40
C LEU D 98 43.92 9.12 -8.90
N ASP D 99 44.49 9.72 -9.94
CA ASP D 99 45.80 9.34 -10.47
C ASP D 99 45.82 7.87 -10.87
N ASN D 100 44.95 7.52 -11.82
CA ASN D 100 44.86 6.18 -12.36
C ASN D 100 45.56 6.11 -13.71
N ASP D 101 46.06 4.92 -14.04
CA ASP D 101 46.79 4.76 -15.29
C ASP D 101 45.87 4.91 -16.50
N ALA D 102 44.68 4.31 -16.46
CA ALA D 102 43.80 4.32 -17.62
C ALA D 102 43.24 5.72 -17.86
N LEU D 103 42.72 6.36 -16.81
CA LEU D 103 42.09 7.67 -16.99
C LEU D 103 43.09 8.71 -17.48
N ASN D 104 44.30 8.70 -16.93
CA ASN D 104 45.31 9.68 -17.33
C ASN D 104 45.69 9.50 -18.79
N ASN D 105 45.80 8.25 -19.26
CA ASN D 105 46.16 8.00 -20.65
C ASN D 105 45.13 8.62 -21.59
N ILE D 106 43.86 8.32 -21.39
CA ILE D 106 42.83 8.82 -22.30
C ILE D 106 42.70 10.33 -22.17
N ILE D 107 42.89 10.87 -20.96
CA ILE D 107 42.79 12.31 -20.79
C ILE D 107 43.91 13.01 -21.56
N ASN D 108 45.13 12.50 -21.46
CA ASN D 108 46.24 13.10 -22.20
C ASN D 108 46.02 12.99 -23.70
N ASN D 109 45.60 11.82 -24.17
CA ASN D 109 45.37 11.66 -25.60
C ASN D 109 44.29 12.61 -26.10
N ALA D 110 43.19 12.75 -25.35
CA ALA D 110 42.15 13.70 -25.72
C ALA D 110 42.66 15.14 -25.67
N ARG D 111 43.58 15.43 -24.75
CA ARG D 111 44.17 16.76 -24.72
C ARG D 111 44.95 17.04 -25.99
N ASP D 112 45.70 16.04 -26.48
CA ASP D 112 46.39 16.22 -27.75
C ASP D 112 45.41 16.29 -28.92
N GLY D 113 44.35 15.49 -28.89
CA GLY D 113 43.35 15.50 -29.94
C GLY D 113 42.84 14.13 -30.34
N CYS D 114 43.37 13.08 -29.70
CA CYS D 114 43.01 11.70 -30.03
C CYS D 114 41.84 11.24 -29.17
N VAL D 115 40.67 11.81 -29.45
CA VAL D 115 39.47 11.49 -28.69
C VAL D 115 38.77 10.28 -29.32
N PRO D 116 37.98 9.52 -28.57
CA PRO D 116 37.24 8.41 -29.17
C PRO D 116 36.01 8.92 -29.93
N LEU D 117 35.37 7.97 -30.62
CA LEU D 117 34.14 8.26 -31.34
C LEU D 117 32.93 7.54 -30.76
N ASN D 118 33.13 6.66 -29.77
CA ASN D 118 32.03 5.99 -29.11
C ASN D 118 32.47 5.70 -27.67
N ILE D 119 31.72 4.84 -26.98
CA ILE D 119 32.03 4.46 -25.61
C ILE D 119 33.01 3.30 -25.65
N ILE D 120 34.12 3.44 -24.94
CA ILE D 120 35.13 2.39 -24.87
C ILE D 120 34.48 1.11 -24.40
N PRO D 121 34.33 0.08 -25.25
CA PRO D 121 33.64 -1.14 -24.82
C PRO D 121 34.51 -2.03 -23.95
N LEU D 122 33.91 -2.55 -22.88
CA LEU D 122 34.62 -3.40 -21.92
C LEU D 122 34.28 -4.88 -22.18
N THR D 123 34.74 -5.38 -23.32
CA THR D 123 34.53 -6.78 -23.67
C THR D 123 35.71 -7.29 -24.46
N THR D 124 35.84 -8.61 -24.54
CA THR D 124 36.97 -9.22 -25.24
C THR D 124 36.96 -8.85 -26.72
N ALA D 125 35.78 -8.88 -27.36
CA ALA D 125 35.66 -8.57 -28.78
C ALA D 125 34.60 -7.49 -28.95
N ALA D 126 35.04 -6.27 -29.22
CA ALA D 126 34.13 -5.16 -29.44
C ALA D 126 34.82 -4.13 -30.34
N LYS D 127 33.99 -3.28 -30.94
CA LYS D 127 34.46 -2.29 -31.91
C LYS D 127 34.77 -0.97 -31.19
N LEU D 128 35.95 -0.43 -31.44
CA LEU D 128 36.35 0.88 -30.93
C LEU D 128 36.89 1.71 -32.09
N MET D 129 36.38 2.92 -32.24
CA MET D 129 36.83 3.84 -33.28
C MET D 129 37.44 5.06 -32.60
N VAL D 130 38.66 5.41 -33.02
CA VAL D 130 39.37 6.55 -32.45
C VAL D 130 39.84 7.43 -33.59
N VAL D 131 40.12 8.69 -33.27
CA VAL D 131 40.46 9.71 -34.26
C VAL D 131 41.90 10.13 -34.01
N ILE D 132 42.82 9.70 -34.87
CA ILE D 132 44.22 10.10 -34.80
C ILE D 132 44.37 11.37 -35.64
N PRO D 133 44.86 12.48 -35.07
CA PRO D 133 44.94 13.72 -35.85
C PRO D 133 46.24 13.91 -36.62
N ASP D 134 47.30 13.22 -36.20
CA ASP D 134 48.62 13.49 -36.75
C ASP D 134 49.46 12.22 -36.70
N TYR D 135 50.55 12.22 -37.49
CA TYR D 135 51.44 11.06 -37.52
C TYR D 135 52.05 10.79 -36.16
N ASN D 136 52.47 11.84 -35.44
CA ASN D 136 53.15 11.65 -34.17
C ASN D 136 52.33 10.77 -33.24
N THR D 137 51.04 11.07 -33.09
CA THR D 137 50.18 10.24 -32.26
C THR D 137 50.09 8.83 -32.82
N TYR D 138 49.96 8.70 -34.14
CA TYR D 138 49.94 7.38 -34.75
C TYR D 138 51.24 6.64 -34.48
N LYS D 139 52.37 7.32 -34.62
CA LYS D 139 53.66 6.67 -34.39
C LYS D 139 53.77 6.19 -32.94
N ASN D 140 53.35 7.03 -31.99
CA ASN D 140 53.47 6.67 -30.58
C ASN D 140 52.54 5.51 -30.23
N THR D 141 51.28 5.58 -30.67
CA THR D 141 50.31 4.57 -30.27
C THR D 141 50.36 3.36 -31.17
N CYS D 142 50.32 3.57 -32.49
CA CYS D 142 50.20 2.47 -33.45
C CYS D 142 51.59 1.95 -33.78
N ASP D 143 51.88 0.72 -33.35
CA ASP D 143 53.08 0.00 -33.76
C ASP D 143 52.66 -1.31 -34.40
N GLY D 144 53.11 -1.54 -35.63
CA GLY D 144 52.75 -2.77 -36.31
C GLY D 144 51.24 -2.88 -36.44
N THR D 145 50.69 -3.99 -35.95
CA THR D 145 49.26 -4.25 -36.01
C THR D 145 48.58 -4.10 -34.65
N THR D 146 49.22 -3.41 -33.71
CA THR D 146 48.68 -3.25 -32.36
C THR D 146 48.54 -1.77 -32.04
N PHE D 147 47.69 -1.48 -31.06
CA PHE D 147 47.31 -0.12 -30.72
C PHE D 147 47.14 -0.04 -29.20
N THR D 148 47.91 0.82 -28.56
CA THR D 148 47.89 0.95 -27.11
C THR D 148 46.97 2.11 -26.71
N TYR D 149 45.91 1.80 -25.97
CA TYR D 149 44.95 2.83 -25.60
C TYR D 149 44.21 2.38 -24.35
N ALA D 150 43.96 3.33 -23.45
CA ALA D 150 43.23 3.05 -22.21
C ALA D 150 43.86 1.88 -21.45
N SER D 151 45.19 1.86 -21.43
CA SER D 151 45.94 0.79 -20.77
C SER D 151 45.47 -0.58 -21.25
N ALA D 152 45.32 -0.71 -22.57
CA ALA D 152 44.90 -1.96 -23.16
C ALA D 152 45.44 -2.02 -24.59
N LEU D 153 45.44 -3.24 -25.14
CA LEU D 153 45.93 -3.51 -26.48
C LEU D 153 44.77 -3.85 -27.39
N TRP D 154 44.68 -3.14 -28.51
CA TRP D 154 43.64 -3.34 -29.51
C TRP D 154 44.30 -3.72 -30.83
N GLU D 155 43.63 -4.57 -31.59
CA GLU D 155 44.14 -5.04 -32.87
C GLU D 155 43.39 -4.33 -34.00
N ILE D 156 44.13 -3.66 -34.87
CA ILE D 156 43.51 -2.85 -35.91
C ILE D 156 42.82 -3.74 -36.92
N GLN D 157 41.57 -3.40 -37.25
CA GLN D 157 40.83 -4.08 -38.30
C GLN D 157 40.67 -3.24 -39.56
N GLN D 158 40.75 -1.92 -39.46
CA GLN D 158 40.58 -1.05 -40.61
C GLN D 158 40.93 0.37 -40.20
N VAL D 159 41.44 1.15 -41.15
CA VAL D 159 41.73 2.56 -40.93
C VAL D 159 41.17 3.34 -42.13
N VAL D 160 40.42 4.40 -41.85
CA VAL D 160 39.73 5.18 -42.87
C VAL D 160 40.19 6.62 -42.78
N ASP D 161 40.57 7.19 -43.92
CA ASP D 161 41.07 8.55 -43.96
C ASP D 161 39.93 9.55 -43.71
N ALA D 162 40.26 10.84 -43.76
CA ALA D 162 39.24 11.87 -43.58
C ALA D 162 38.14 11.74 -44.64
N ASP D 163 38.53 11.50 -45.89
CA ASP D 163 37.59 11.14 -46.94
C ASP D 163 37.57 9.62 -47.05
N SER D 164 36.37 9.05 -47.04
CA SER D 164 36.21 7.60 -46.95
C SER D 164 37.11 6.88 -47.94
N LYS D 165 38.05 6.11 -47.42
CA LYS D 165 38.88 5.20 -48.21
C LYS D 165 39.43 4.15 -47.26
N ILE D 166 40.27 3.27 -47.79
CA ILE D 166 40.90 2.21 -47.00
C ILE D 166 42.41 2.37 -47.18
N VAL D 167 43.03 3.12 -46.27
CA VAL D 167 44.48 3.30 -46.29
C VAL D 167 45.15 2.07 -45.69
N GLN D 168 46.12 1.51 -46.40
CA GLN D 168 46.83 0.35 -45.91
C GLN D 168 47.91 0.76 -44.91
N LEU D 169 48.17 -0.13 -43.95
CA LEU D 169 49.14 0.19 -42.90
C LEU D 169 50.50 0.50 -43.49
N SER D 170 50.84 -0.09 -44.64
CA SER D 170 52.11 0.19 -45.28
C SER D 170 52.20 1.65 -45.72
N GLU D 171 51.10 2.21 -46.23
CA GLU D 171 51.14 3.57 -46.76
C GLU D 171 51.44 4.59 -45.69
N ILE D 172 51.02 4.34 -44.46
CA ILE D 172 51.20 5.32 -43.38
C ILE D 172 52.67 5.34 -43.00
N SER D 173 53.37 6.40 -43.41
CA SER D 173 54.79 6.53 -43.12
C SER D 173 55.17 8.00 -43.20
N MET D 174 56.35 8.32 -42.67
CA MET D 174 56.84 9.69 -42.72
C MET D 174 56.96 10.17 -44.15
N ASP D 175 57.41 9.29 -45.06
CA ASP D 175 57.55 9.68 -46.45
C ASP D 175 56.21 10.06 -47.07
N ASN D 176 55.16 9.29 -46.77
CA ASN D 176 53.83 9.57 -47.28
C ASN D 176 53.01 10.41 -46.31
N SER D 177 53.65 11.04 -45.33
CA SER D 177 52.93 11.85 -44.35
C SER D 177 52.04 12.90 -44.98
N PRO D 178 52.48 13.67 -45.98
CA PRO D 178 51.59 14.66 -46.61
C PRO D 178 50.69 14.11 -47.70
N ASN D 179 50.69 12.79 -47.92
CA ASN D 179 49.92 12.20 -49.01
C ASN D 179 48.47 11.94 -48.65
N LEU D 180 48.05 12.22 -47.42
CA LEU D 180 46.71 11.90 -46.97
C LEU D 180 46.14 13.06 -46.16
N ALA D 181 44.80 13.15 -46.16
CA ALA D 181 44.12 14.05 -45.23
C ALA D 181 44.20 13.45 -43.84
N TRP D 182 44.91 14.12 -42.94
CA TRP D 182 45.47 13.42 -41.79
C TRP D 182 44.44 13.01 -40.74
N PRO D 183 43.37 13.78 -40.50
CA PRO D 183 42.34 13.27 -39.57
C PRO D 183 41.93 11.85 -39.97
N LEU D 184 42.30 10.88 -39.15
CA LEU D 184 42.30 9.48 -39.56
C LEU D 184 41.50 8.66 -38.54
N ILE D 185 40.50 7.93 -39.03
CA ILE D 185 39.67 7.10 -38.16
C ILE D 185 40.25 5.70 -38.13
N VAL D 186 40.50 5.19 -36.92
CA VAL D 186 41.10 3.88 -36.72
C VAL D 186 40.10 3.01 -35.96
N THR D 187 39.77 1.86 -36.52
CA THR D 187 38.92 0.88 -35.87
C THR D 187 39.78 -0.26 -35.35
N ALA D 188 39.46 -0.76 -34.15
CA ALA D 188 40.26 -1.79 -33.53
C ALA D 188 39.36 -2.66 -32.64
N LEU D 189 39.85 -3.87 -32.37
CA LEU D 189 39.15 -4.83 -31.53
C LEU D 189 39.99 -5.14 -30.30
N ARG D 190 39.33 -5.24 -29.15
CA ARG D 190 40.05 -5.46 -27.90
C ARG D 190 40.75 -6.81 -27.92
N ALA D 191 41.97 -6.83 -27.39
CA ALA D 191 42.76 -8.05 -27.34
C ALA D 191 42.60 -8.75 -26.00
N ASN E 1 -14.72 -37.51 11.45
CA ASN E 1 -15.62 -37.38 12.63
C ASN E 1 -16.13 -35.96 12.78
N ASN E 2 -17.05 -35.56 11.90
CA ASN E 2 -17.70 -34.26 11.96
C ASN E 2 -19.20 -34.54 12.14
N GLU E 3 -19.71 -34.32 13.34
CA GLU E 3 -21.04 -34.75 13.71
C GLU E 3 -21.95 -33.55 14.00
N LEU E 4 -23.25 -33.75 13.81
CA LEU E 4 -24.23 -32.71 14.05
C LEU E 4 -24.12 -32.21 15.49
N SER E 5 -24.70 -31.03 15.72
CA SER E 5 -24.55 -30.39 17.02
C SER E 5 -25.24 -31.21 18.11
N PRO E 6 -24.78 -31.10 19.35
CA PRO E 6 -25.37 -31.89 20.45
C PRO E 6 -26.46 -31.20 21.23
N VAL E 7 -26.87 -29.99 20.84
CA VAL E 7 -27.82 -29.23 21.63
C VAL E 7 -29.10 -30.05 21.88
N ALA E 8 -29.71 -29.82 23.03
CA ALA E 8 -30.96 -30.46 23.42
C ALA E 8 -32.08 -29.43 23.39
N LEU E 9 -33.16 -29.75 22.71
CA LEU E 9 -34.26 -28.82 22.48
C LEU E 9 -35.35 -29.02 23.53
N ARG E 10 -35.84 -27.92 24.08
CA ARG E 10 -36.90 -27.95 25.07
C ARG E 10 -38.24 -27.67 24.40
N GLN E 11 -39.28 -28.27 24.96
CA GLN E 11 -40.62 -28.25 24.40
C GLN E 11 -41.49 -27.24 25.14
N MET E 12 -42.32 -26.51 24.39
CA MET E 12 -43.23 -25.55 25.02
C MET E 12 -44.49 -25.47 24.16
N SER E 13 -45.57 -24.97 24.75
CA SER E 13 -46.85 -24.87 24.06
C SER E 13 -47.11 -23.44 23.63
N CYS E 14 -47.73 -23.28 22.45
CA CYS E 14 -48.05 -21.96 21.93
C CYS E 14 -49.17 -22.10 20.92
N ALA E 15 -49.72 -20.95 20.52
CA ALA E 15 -50.84 -20.89 19.59
C ALA E 15 -50.42 -20.21 18.30
N ALA E 16 -51.07 -20.60 17.21
CA ALA E 16 -50.77 -20.04 15.89
C ALA E 16 -52.04 -20.10 15.05
N GLY E 17 -52.06 -19.30 13.99
CA GLY E 17 -53.23 -19.19 13.14
C GLY E 17 -52.85 -19.04 11.68
N THR E 18 -53.88 -19.15 10.83
CA THR E 18 -53.66 -19.11 9.39
C THR E 18 -53.17 -17.73 8.94
N THR E 19 -53.78 -16.67 9.45
CA THR E 19 -53.46 -15.30 9.05
C THR E 19 -52.89 -14.55 10.24
N GLN E 20 -52.53 -13.29 10.00
CA GLN E 20 -51.93 -12.47 11.06
C GLN E 20 -52.86 -12.37 12.25
N THR E 21 -54.17 -12.48 12.03
CA THR E 21 -55.15 -12.48 13.13
C THR E 21 -55.10 -13.86 13.81
N ALA E 22 -53.94 -14.12 14.43
CA ALA E 22 -53.70 -15.43 15.03
C ALA E 22 -54.71 -15.70 16.14
N CYS E 23 -55.26 -16.91 16.14
CA CYS E 23 -56.18 -17.35 17.17
C CYS E 23 -55.35 -17.86 18.35
N THR E 24 -55.25 -17.05 19.40
CA THR E 24 -54.37 -17.38 20.53
C THR E 24 -55.02 -18.45 21.41
N ASP E 25 -55.26 -19.60 20.79
CA ASP E 25 -55.72 -20.80 21.49
C ASP E 25 -54.70 -21.89 21.22
N ASP E 26 -54.26 -22.57 22.29
CA ASP E 26 -53.14 -23.49 22.16
C ASP E 26 -53.43 -24.55 21.11
N ASN E 27 -52.72 -24.45 19.97
CA ASN E 27 -52.87 -25.43 18.89
C ASN E 27 -51.53 -25.73 18.25
N ALA E 28 -50.43 -25.54 18.97
CA ALA E 28 -49.13 -25.85 18.42
C ALA E 28 -48.12 -26.00 19.56
N LEU E 29 -47.02 -26.67 19.24
CA LEU E 29 -45.89 -26.80 20.16
C LEU E 29 -44.66 -26.20 19.49
N ALA E 30 -43.73 -25.72 20.29
CA ALA E 30 -42.51 -25.08 19.81
C ALA E 30 -41.30 -25.74 20.45
N TYR E 31 -40.24 -25.86 19.65
CA TYR E 31 -38.96 -26.39 20.10
C TYR E 31 -37.99 -25.23 20.21
N TYR E 32 -37.40 -25.04 21.38
CA TYR E 32 -36.58 -23.86 21.62
C TYR E 32 -35.33 -24.22 22.40
N ASN E 33 -34.32 -23.37 22.26
CA ASN E 33 -33.05 -23.48 22.97
C ASN E 33 -32.85 -22.19 23.76
N THR E 34 -32.73 -22.32 25.09
CA THR E 34 -32.74 -21.17 25.98
C THR E 34 -31.36 -20.70 26.40
N THR E 35 -30.30 -21.36 25.95
CA THR E 35 -28.96 -21.03 26.44
C THR E 35 -28.58 -19.59 26.09
N LYS E 36 -28.86 -19.17 24.86
CA LYS E 36 -28.44 -17.86 24.38
C LYS E 36 -29.50 -16.82 24.70
N GLY E 37 -29.06 -15.69 25.24
CA GLY E 37 -29.96 -14.60 25.58
C GLY E 37 -31.16 -15.07 26.36
N GLY E 38 -32.34 -14.97 25.76
CA GLY E 38 -33.55 -15.47 26.36
C GLY E 38 -33.95 -16.82 25.80
N ARG E 39 -35.03 -16.84 25.02
CA ARG E 39 -35.52 -18.05 24.37
C ARG E 39 -35.54 -17.84 22.86
N PHE E 40 -35.24 -18.90 22.12
CA PHE E 40 -35.24 -18.88 20.67
C PHE E 40 -36.00 -20.09 20.17
N VAL E 41 -37.05 -19.86 19.38
CA VAL E 41 -37.86 -20.94 18.83
C VAL E 41 -37.25 -21.38 17.50
N LEU E 42 -36.99 -22.67 17.37
CA LEU E 42 -36.42 -23.22 16.15
C LEU E 42 -37.47 -23.80 15.21
N ALA E 43 -38.51 -24.42 15.72
CA ALA E 43 -39.52 -25.04 14.87
C ALA E 43 -40.81 -25.20 15.64
N LEU E 44 -41.90 -25.41 14.88
CA LEU E 44 -43.23 -25.54 15.43
C LEU E 44 -43.87 -26.81 14.89
N LEU E 45 -44.53 -27.56 15.76
CA LEU E 45 -45.19 -28.81 15.39
C LEU E 45 -46.68 -28.67 15.70
N SER E 46 -47.51 -29.03 14.72
CA SER E 46 -48.95 -28.90 14.90
C SER E 46 -49.65 -30.01 14.12
N ASP E 47 -50.98 -29.95 14.10
CA ASP E 47 -51.79 -30.92 13.39
C ASP E 47 -52.47 -30.36 12.16
N LEU E 48 -52.74 -29.06 12.12
CA LEU E 48 -53.39 -28.45 10.98
C LEU E 48 -52.35 -28.03 9.94
N GLN E 49 -52.81 -27.93 8.70
CA GLN E 49 -51.94 -27.62 7.56
C GLN E 49 -52.07 -26.18 7.08
N ASP E 50 -53.00 -25.41 7.64
CA ASP E 50 -53.27 -24.06 7.16
C ASP E 50 -52.46 -22.99 7.88
N LEU E 51 -51.63 -23.37 8.86
CA LEU E 51 -50.88 -22.38 9.61
C LEU E 51 -49.89 -21.65 8.72
N LYS E 52 -49.88 -20.32 8.81
CA LYS E 52 -48.89 -19.50 8.13
C LYS E 52 -48.30 -18.42 9.02
N TRP E 53 -48.89 -18.16 10.18
CA TRP E 53 -48.38 -17.21 11.15
C TRP E 53 -48.49 -17.80 12.54
N ALA E 54 -47.61 -17.35 13.44
CA ALA E 54 -47.63 -17.81 14.82
C ALA E 54 -47.26 -16.64 15.72
N ARG E 55 -48.06 -16.42 16.76
CA ARG E 55 -47.86 -15.31 17.69
C ARG E 55 -47.26 -15.85 18.99
N PHE E 56 -46.15 -15.24 19.42
CA PHE E 56 -45.47 -15.66 20.62
C PHE E 56 -45.58 -14.60 21.70
N PRO E 57 -45.94 -14.96 22.95
CA PRO E 57 -45.93 -13.96 24.02
C PRO E 57 -44.52 -13.48 24.32
N LYS E 58 -44.24 -12.22 23.99
CA LYS E 58 -42.90 -11.67 24.21
C LYS E 58 -42.71 -11.34 25.68
N SER E 59 -41.51 -11.60 26.18
CA SER E 59 -41.15 -11.33 27.57
C SER E 59 -40.89 -9.83 27.76
N ASP E 60 -41.94 -9.04 27.53
CA ASP E 60 -41.85 -7.59 27.64
C ASP E 60 -43.24 -7.05 27.93
N GLY E 61 -43.29 -5.78 28.31
CA GLY E 61 -44.56 -5.15 28.66
C GLY E 61 -45.43 -4.99 27.44
N THR E 62 -46.57 -5.67 27.43
CA THR E 62 -47.56 -5.55 26.36
C THR E 62 -46.93 -5.72 24.99
N GLY E 63 -46.12 -6.77 24.85
CA GLY E 63 -45.43 -7.08 23.61
C GLY E 63 -45.92 -8.41 23.07
N THR E 64 -46.39 -8.40 21.82
CA THR E 64 -46.84 -9.61 21.13
C THR E 64 -46.13 -9.66 19.79
N ILE E 65 -45.29 -10.68 19.60
CA ILE E 65 -44.45 -10.80 18.41
C ILE E 65 -44.98 -11.95 17.56
N TYR E 66 -45.16 -11.69 16.27
CA TYR E 66 -45.66 -12.67 15.32
C TYR E 66 -44.50 -13.10 14.42
N THR E 67 -44.22 -14.40 14.40
CA THR E 67 -43.15 -14.96 13.58
C THR E 67 -43.75 -15.71 12.40
N GLU E 68 -43.23 -15.43 11.21
CA GLU E 68 -43.71 -16.09 10.00
C GLU E 68 -43.14 -17.51 9.91
N LEU E 69 -43.94 -18.42 9.35
CA LEU E 69 -43.59 -19.83 9.24
C LEU E 69 -43.47 -20.22 7.78
N GLU E 70 -42.62 -21.21 7.52
CA GLU E 70 -42.39 -21.73 6.18
C GLU E 70 -43.41 -22.81 5.85
N PRO E 71 -43.43 -23.28 4.60
CA PRO E 71 -44.37 -24.34 4.23
C PRO E 71 -44.16 -25.59 5.07
N PRO E 72 -45.23 -26.29 5.46
CA PRO E 72 -45.08 -27.45 6.34
C PRO E 72 -44.48 -28.65 5.64
N CYS E 73 -43.92 -29.53 6.46
CA CYS E 73 -43.58 -30.90 6.09
C CYS E 73 -44.55 -31.83 6.80
N ARG E 74 -44.39 -33.13 6.55
CA ARG E 74 -45.27 -34.14 7.13
C ARG E 74 -44.45 -35.14 7.92
N PHE E 75 -44.95 -35.49 9.11
CA PHE E 75 -44.31 -36.47 9.97
C PHE E 75 -45.39 -37.36 10.58
N VAL E 76 -45.00 -38.57 10.95
CA VAL E 76 -45.89 -39.52 11.62
C VAL E 76 -45.21 -39.99 12.89
N THR E 77 -45.86 -39.75 14.02
CA THR E 77 -45.30 -40.01 15.34
C THR E 77 -46.10 -41.11 16.04
N ASP E 78 -45.43 -41.84 16.93
CA ASP E 78 -46.08 -42.88 17.74
C ASP E 78 -45.65 -42.70 19.19
N THR E 79 -46.31 -41.80 19.92
CA THR E 79 -46.16 -41.78 21.37
C THR E 79 -47.03 -42.91 21.93
N PRO E 80 -48.35 -42.89 21.70
CA PRO E 80 -49.11 -44.15 21.68
C PRO E 80 -49.27 -44.62 20.25
N LYS E 81 -49.88 -45.79 20.10
CA LYS E 81 -50.22 -46.28 18.77
C LYS E 81 -51.38 -45.45 18.25
N GLY E 82 -51.06 -44.46 17.41
CA GLY E 82 -52.08 -43.60 16.85
C GLY E 82 -51.62 -43.00 15.54
N PRO E 83 -52.52 -42.26 14.87
CA PRO E 83 -52.17 -41.65 13.58
C PRO E 83 -51.06 -40.62 13.72
N LYS E 84 -51.29 -39.61 14.54
CA LYS E 84 -50.34 -38.52 14.77
C LYS E 84 -49.67 -38.09 13.47
N VAL E 85 -50.50 -37.74 12.49
CA VAL E 85 -50.02 -37.24 11.20
C VAL E 85 -49.84 -35.74 11.37
N LYS E 86 -48.67 -35.36 11.89
CA LYS E 86 -48.42 -33.98 12.28
C LYS E 86 -47.58 -33.28 11.22
N TYR E 87 -47.45 -31.97 11.37
CA TYR E 87 -46.75 -31.13 10.40
C TYR E 87 -45.79 -30.20 11.12
N LEU E 88 -44.61 -30.04 10.53
CA LEU E 88 -43.51 -29.28 11.12
C LEU E 88 -43.23 -28.05 10.27
N TYR E 89 -43.35 -26.88 10.89
CA TYR E 89 -43.05 -25.61 10.26
C TYR E 89 -41.73 -25.09 10.82
N PHE E 90 -40.85 -24.61 9.95
CA PHE E 90 -39.59 -24.03 10.37
C PHE E 90 -39.69 -22.52 10.31
N ILE E 91 -39.36 -21.86 11.42
CA ILE E 91 -39.32 -20.41 11.45
C ILE E 91 -38.58 -19.91 10.22
N LYS E 92 -39.17 -18.96 9.51
CA LYS E 92 -38.58 -18.49 8.27
C LYS E 92 -37.20 -17.90 8.53
N GLY E 93 -36.25 -18.25 7.67
CA GLY E 93 -34.89 -17.77 7.80
C GLY E 93 -34.09 -18.52 8.84
N LEU E 94 -34.17 -19.85 8.79
CA LEU E 94 -33.47 -20.72 9.74
C LEU E 94 -32.39 -21.48 8.99
N ASN E 95 -31.13 -21.28 9.38
CA ASN E 95 -30.03 -21.88 8.66
C ASN E 95 -30.09 -23.40 8.72
N ASN E 96 -29.24 -24.04 7.92
CA ASN E 96 -29.29 -25.50 7.79
C ASN E 96 -28.88 -26.20 9.08
N LEU E 97 -27.97 -25.63 9.85
CA LEU E 97 -27.51 -26.30 11.06
C LEU E 97 -28.65 -26.47 12.06
N ASN E 98 -29.45 -25.42 12.24
CA ASN E 98 -30.57 -25.49 13.19
C ASN E 98 -31.61 -26.49 12.73
N ARG E 99 -31.88 -26.55 11.42
CA ARG E 99 -32.79 -27.56 10.91
C ARG E 99 -32.26 -28.96 11.21
N GLY E 100 -30.96 -29.17 11.03
CA GLY E 100 -30.39 -30.46 11.35
C GLY E 100 -30.53 -30.82 12.82
N MET E 101 -30.28 -29.84 13.70
CA MET E 101 -30.46 -30.09 15.13
C MET E 101 -31.89 -30.51 15.44
N VAL E 102 -32.86 -29.73 14.95
CA VAL E 102 -34.26 -30.04 15.23
C VAL E 102 -34.61 -31.42 14.71
N LEU E 103 -34.23 -31.72 13.47
CA LEU E 103 -34.61 -32.99 12.87
C LEU E 103 -33.96 -34.17 13.58
N GLY E 104 -32.69 -34.05 13.96
CA GLY E 104 -32.05 -35.14 14.68
C GLY E 104 -32.71 -35.40 16.02
N SER E 105 -32.95 -34.33 16.80
CA SER E 105 -33.57 -34.53 18.11
C SER E 105 -34.97 -35.12 17.97
N LEU E 106 -35.76 -34.60 17.03
CA LEU E 106 -37.10 -35.12 16.82
C LEU E 106 -37.08 -36.58 16.39
N ALA E 107 -36.18 -36.93 15.47
CA ALA E 107 -36.09 -38.32 15.01
C ALA E 107 -35.73 -39.24 16.16
N ALA E 108 -34.78 -38.82 17.00
CA ALA E 108 -34.39 -39.68 18.13
C ALA E 108 -35.55 -39.86 19.11
N THR E 109 -36.17 -38.75 19.53
CA THR E 109 -37.20 -38.84 20.56
C THR E 109 -38.38 -39.67 20.06
N VAL E 110 -39.07 -39.18 19.03
CA VAL E 110 -40.16 -39.91 18.40
C VAL E 110 -39.61 -40.52 17.11
N ARG E 111 -39.88 -41.82 16.91
CA ARG E 111 -39.25 -42.53 15.79
C ARG E 111 -39.50 -41.82 14.47
N LEU E 112 -40.67 -41.18 14.32
CA LEU E 112 -41.08 -40.48 13.11
C LEU E 112 -41.34 -41.44 11.95
N GLN E 113 -41.14 -42.75 12.14
CA GLN E 113 -41.34 -43.74 11.09
C GLN E 113 -40.53 -43.40 9.85
C3' VSN I . 3.83 1.50 2.25
C4' VSN I . 4.82 1.54 3.43
C5' VSN I . 6.02 0.99 3.07
C1' VSN I . 4.29 3.74 2.96
C2' VSN I . 3.95 2.71 1.69
C8 VSN I . 6.29 5.03 2.32
C5 VSN I . 5.39 6.83 1.56
C4 VSN I . 4.40 5.99 1.97
C2 VSN I . 2.79 7.55 1.36
C6 VSN I . 5.01 8.09 1.02
N9 VSN I . 4.99 4.89 2.44
N7 VSN I . 6.55 6.21 1.78
N3 VSN I . 3.10 6.37 1.87
N2 VSN I . 1.38 7.93 1.26
N1 VSN I . 3.72 8.41 0.94
O3' VSN I . 2.45 1.30 2.74
O5' VSN I . 7.03 1.50 3.95
OP2 VSN I . 9.23 0.49 4.95
OP3 VSN I . 8.63 -0.11 2.48
O3B VSN I . 8.51 -0.74 -0.15
O2B VSN I . 9.56 1.64 0.62
OP1 VSN I . 9.41 2.27 3.20
O4' VSN I . 5.03 3.10 3.79
O2' VSN I . 2.73 3.07 1.08
O6 VSN I . 5.85 8.89 0.64
P VSN I . 8.62 1.06 3.66
PB VSN I . 9.39 0.03 1.01
S1B VSN I . 11.13 -0.77 1.11
H3' VSN I . 4.11 0.72 1.52
H4' VSN I . 4.40 1.01 4.30
H5' VSN I . 5.99 -0.11 3.15
H5'' VSN I . 6.27 1.28 2.05
H1' VSN I . 3.36 4.07 3.44
H2' VSN I . 4.78 2.72 0.96
H8 VSN I . 7.03 4.31 2.59
H22 VSN I . 1.12 8.87 1.06
H21 VSN I . 0.65 7.22 1.39
HOP3 VSN I . 3.44 9.30 0.57
HO3' VSN I . 2.10 0.45 2.39
HOB3 VSN I . 9.00 -1.45 -0.51
HOB2 VSN I . 10.14 1.72 -0.12
HO2' VSN I . 2.81 3.02 0.12
MG MG J . -13.78 -39.11 6.99
ZN ZN K . -25.83 -8.71 1.12
ZN ZN L . -20.62 10.26 9.64
#